data_6KRZ
#
_entry.id   6KRZ
#
_cell.length_a   104.589
_cell.length_b   119.350
_cell.length_c   197.814
_cell.angle_alpha   90.000
_cell.angle_beta   90.000
_cell.angle_gamma   90.000
#
_symmetry.space_group_name_H-M   'P 21 21 21'
#
loop_
_entity.id
_entity.type
_entity.pdbx_description
1 polymer 'Adiponectin receptor protein 1'
2 polymer 'The heavy chain variable domain (Antibody)'
3 polymer 'The light chain variable domain (Antibody)'
4 non-polymer 'PHOSPHATE ION'
5 non-polymer 'OLEIC ACID'
6 non-polymer 'ZINC ION'
7 non-polymer '(2S)-2,3-dihydroxypropyl (9Z)-octadec-9-enoate'
8 water water
#
loop_
_entity_poly.entity_id
_entity_poly.type
_entity_poly.pdbx_seq_one_letter_code
_entity_poly.pdbx_strand_id
1 'polypeptide(L)'
;MDYKDDDDKENLYFQGGSEGRWRVIPYDVLPDWLKDNDYLLHGHRPPMPSFRACFKSIFRIHTETGNIWTHLLGFVLFLF
LGILTMLRPNMYFMAPLQEKVVFGMFFLGAVLCLSFSWLFHTVYCHSEKVSRTFSKLAYSGIALLIMGSFVPWLYYSFYC
SPQPRLIYLSIVCVLGISAIIVAQWDRFATPKHRQTRAGVFLGLGLSGVVPTMHFTIAEGFVKATTVGQMGWFFLMAVMY
ITGAGLYAARIPERFFPGKFDIWFQSHQIFHVLVVAAAFVHFYGVSNLQEFRYGLEGGCTDDTLL
;
A,B,C
2 'polypeptide(L)'
;EVLLQQSGPELVKPGASVRITCKASGYTFTDFNMDWVKQSPGKSLEWIGDFNPNSGGSIYNQKFKDKATFTVDKSSSTAY
MELRSLTFEDTAVYYCARETGTAWFAYWGQGTLVTVSAA
;
D,F,H
3 'polypeptide(L)'
;DIQMTQSPASLSASVGETVTITCRASGNIHNFLAWYQQKQGKSPQVLVYNAKTLADGVPSRFSGSGSGTQYSLKINSLQP
EDFGSYYCQQFWSTPYTFGGGTKLEIN
;
E,G,I
#
loop_
_chem_comp.id
_chem_comp.type
_chem_comp.name
_chem_comp.formula
OLA non-polymer 'OLEIC ACID' 'C18 H34 O2'
OLB non-polymer '(2S)-2,3-dihydroxypropyl (9Z)-octadec-9-enoate' 'C21 H40 O4'
PO4 non-polymer 'PHOSPHATE ION' 'O4 P -3'
ZN non-polymer 'ZINC ION' 'Zn 2'
#
# COMPACT_ATOMS: atom_id res chain seq x y z
N SER A 18 13.48 21.59 18.95
CA SER A 18 14.34 20.93 19.93
C SER A 18 13.64 19.72 20.54
N GLU A 19 12.55 19.97 21.26
CA GLU A 19 11.77 18.92 21.88
C GLU A 19 10.39 18.84 21.24
N GLY A 20 9.81 17.64 21.22
CA GLY A 20 8.51 17.43 20.61
C GLY A 20 8.54 17.49 19.10
N ARG A 21 9.59 16.96 18.47
CA ARG A 21 9.70 17.02 17.02
C ARG A 21 8.78 15.99 16.37
N TRP A 22 8.40 16.27 15.12
CA TRP A 22 7.54 15.36 14.37
C TRP A 22 7.62 15.72 12.89
N ARG A 23 7.17 14.77 12.06
CA ARG A 23 7.09 14.96 10.61
C ARG A 23 5.76 14.43 10.11
N VAL A 24 5.27 15.02 9.02
CA VAL A 24 3.99 14.60 8.45
C VAL A 24 4.12 13.20 7.87
N ILE A 25 3.01 12.47 7.89
CA ILE A 25 3.00 11.07 7.45
C ILE A 25 1.97 10.95 6.33
N PRO A 26 2.11 9.92 5.49
CA PRO A 26 1.09 9.67 4.45
C PRO A 26 -0.19 9.11 5.05
N TYR A 27 -1.21 8.95 4.19
CA TYR A 27 -2.53 8.52 4.67
C TYR A 27 -2.52 7.06 5.12
N ASP A 28 -1.72 6.21 4.47
CA ASP A 28 -1.81 4.78 4.71
C ASP A 28 -1.34 4.39 6.10
N VAL A 29 -0.45 5.19 6.71
CA VAL A 29 0.13 4.87 8.01
C VAL A 29 -0.60 5.63 9.10
N LEU A 30 -1.86 5.99 8.85
CA LEU A 30 -2.68 6.66 9.85
C LEU A 30 -3.51 5.63 10.63
N PRO A 31 -3.86 5.95 11.87
CA PRO A 31 -4.82 5.11 12.60
C PRO A 31 -6.22 5.27 12.04
N ASP A 32 -7.12 4.38 12.48
CA ASP A 32 -8.46 4.36 11.93
C ASP A 32 -9.26 5.62 12.29
N TRP A 33 -8.96 6.24 13.43
CA TRP A 33 -9.70 7.42 13.86
C TRP A 33 -9.17 8.71 13.25
N LEU A 34 -8.14 8.64 12.40
CA LEU A 34 -7.65 9.80 11.67
C LEU A 34 -7.88 9.70 10.17
N LYS A 35 -8.55 8.63 9.70
CA LYS A 35 -8.83 8.44 8.28
C LYS A 35 -10.25 8.89 8.00
N ASP A 36 -10.43 10.22 7.94
CA ASP A 36 -11.73 10.78 7.63
C ASP A 36 -11.90 11.15 6.16
N ASN A 37 -10.81 11.39 5.44
CA ASN A 37 -10.87 11.78 4.03
C ASN A 37 -9.74 11.06 3.30
N ASP A 38 -10.09 10.07 2.49
CA ASP A 38 -9.10 9.31 1.72
C ASP A 38 -8.59 10.09 0.51
N TYR A 39 -9.14 11.27 0.22
CA TYR A 39 -8.65 12.10 -0.87
C TYR A 39 -7.50 12.99 -0.46
N LEU A 40 -7.22 13.12 0.85
CA LEU A 40 -6.04 13.82 1.34
C LEU A 40 -4.95 12.78 1.56
N LEU A 41 -3.97 12.76 0.66
CA LEU A 41 -3.02 11.65 0.61
C LEU A 41 -1.78 11.87 1.47
N HIS A 42 -1.32 13.10 1.62
CA HIS A 42 -0.09 13.38 2.35
C HIS A 42 -0.28 14.62 3.21
N GLY A 43 0.68 14.84 4.10
CA GLY A 43 0.69 16.02 4.94
C GLY A 43 -0.06 15.90 6.24
N HIS A 44 -0.33 14.69 6.72
CA HIS A 44 -1.08 14.48 7.94
C HIS A 44 -0.18 14.52 9.16
N ARG A 45 -0.63 15.18 10.21
CA ARG A 45 0.07 15.12 11.48
C ARG A 45 -0.04 13.72 12.07
N PRO A 46 1.04 13.18 12.63
CA PRO A 46 0.98 11.86 13.26
C PRO A 46 0.26 11.93 14.58
N PRO A 47 -0.20 10.79 15.12
CA PRO A 47 -0.81 10.79 16.45
C PRO A 47 0.16 11.27 17.53
N MET A 48 -0.10 12.45 18.09
CA MET A 48 0.73 13.03 19.14
C MET A 48 -0.13 13.32 20.36
N PRO A 49 -0.09 12.46 21.40
CA PRO A 49 -0.92 12.65 22.60
C PRO A 49 -0.40 13.73 23.55
N SER A 50 -0.08 14.90 22.99
CA SER A 50 0.43 16.02 23.76
C SER A 50 -0.27 17.29 23.29
N PHE A 51 -0.99 17.95 24.20
CA PHE A 51 -1.66 19.19 23.86
C PHE A 51 -0.66 20.28 23.49
N ARG A 52 0.52 20.28 24.11
CA ARG A 52 1.53 21.27 23.77
C ARG A 52 1.99 21.12 22.31
N ALA A 53 2.11 19.88 21.84
CA ALA A 53 2.49 19.67 20.45
C ALA A 53 1.35 20.00 19.50
N CYS A 54 0.11 19.78 19.91
CA CYS A 54 -1.03 20.07 19.05
C CYS A 54 -1.23 21.57 18.87
N PHE A 55 -1.10 22.33 19.94
CA PHE A 55 -1.28 23.78 19.82
C PHE A 55 -0.10 24.44 19.10
N LYS A 56 1.10 23.86 19.23
CA LYS A 56 2.24 24.39 18.48
C LYS A 56 2.13 24.06 17.00
N SER A 57 1.37 23.03 16.64
CA SER A 57 1.21 22.69 15.22
C SER A 57 0.35 23.71 14.48
N ILE A 58 -0.27 24.65 15.18
CA ILE A 58 -1.02 25.71 14.52
C ILE A 58 -0.11 26.50 13.59
N PHE A 59 1.14 26.71 13.98
CA PHE A 59 2.10 27.45 13.18
C PHE A 59 2.95 26.55 12.30
N ARG A 60 2.44 25.36 11.94
CA ARG A 60 3.11 24.47 11.02
C ARG A 60 2.14 24.05 9.93
N ILE A 61 2.70 23.57 8.82
CA ILE A 61 1.92 23.22 7.64
C ILE A 61 1.48 21.77 7.73
N HIS A 62 0.18 21.53 7.62
CA HIS A 62 -0.39 20.19 7.60
C HIS A 62 -1.80 20.27 7.04
N THR A 63 -2.53 19.16 7.10
CA THR A 63 -3.87 19.11 6.52
C THR A 63 -4.88 19.95 7.30
N GLU A 64 -4.59 20.26 8.56
CA GLU A 64 -5.51 21.00 9.41
C GLU A 64 -5.17 22.48 9.53
N THR A 65 -4.05 22.93 8.94
CA THR A 65 -3.65 24.32 9.07
C THR A 65 -4.74 25.26 8.54
N GLY A 66 -5.27 24.95 7.36
CA GLY A 66 -6.32 25.80 6.80
C GLY A 66 -7.61 25.74 7.59
N ASN A 67 -7.99 24.55 8.06
CA ASN A 67 -9.20 24.42 8.87
C ASN A 67 -9.10 25.19 10.18
N ILE A 68 -7.90 25.25 10.76
CA ILE A 68 -7.74 25.94 12.04
C ILE A 68 -7.86 27.44 11.86
N TRP A 69 -7.07 28.02 10.95
CA TRP A 69 -7.00 29.47 10.84
C TRP A 69 -8.27 30.08 10.26
N THR A 70 -9.08 29.31 9.55
CA THR A 70 -10.33 29.86 9.03
C THR A 70 -11.28 30.24 10.16
N HIS A 71 -11.45 29.34 11.14
CA HIS A 71 -12.34 29.61 12.26
C HIS A 71 -11.63 30.22 13.46
N LEU A 72 -10.30 30.18 13.49
CA LEU A 72 -9.58 30.94 14.50
C LEU A 72 -9.69 32.44 14.22
N LEU A 73 -9.51 32.84 12.96
CA LEU A 73 -9.71 34.23 12.59
C LEU A 73 -11.19 34.60 12.62
N GLY A 74 -12.06 33.70 12.18
CA GLY A 74 -13.49 33.97 12.20
C GLY A 74 -14.03 34.16 13.60
N PHE A 75 -13.49 33.43 14.57
CA PHE A 75 -13.90 33.62 15.95
C PHE A 75 -13.58 35.03 16.44
N VAL A 76 -12.45 35.58 16.00
CA VAL A 76 -12.13 36.96 16.35
C VAL A 76 -13.07 37.93 15.65
N LEU A 77 -13.50 37.61 14.43
CA LEU A 77 -14.40 38.49 13.69
C LEU A 77 -15.71 38.68 14.43
N PHE A 78 -16.27 37.60 14.97
CA PHE A 78 -17.53 37.68 15.70
C PHE A 78 -17.35 37.97 17.18
N LEU A 79 -16.13 37.82 17.71
CA LEU A 79 -15.84 38.36 19.03
C LEU A 79 -15.78 39.88 18.99
N PHE A 80 -15.26 40.44 17.88
CA PHE A 80 -15.28 41.88 17.69
C PHE A 80 -16.69 42.38 17.39
N LEU A 81 -17.37 41.74 16.43
CA LEU A 81 -18.73 42.13 16.10
C LEU A 81 -19.66 41.94 17.29
N GLY A 82 -19.41 40.92 18.12
CA GLY A 82 -20.26 40.64 19.26
C GLY A 82 -20.23 41.73 20.31
N ILE A 83 -19.05 41.99 20.88
CA ILE A 83 -18.95 42.98 21.95
C ILE A 83 -19.05 44.41 21.43
N LEU A 84 -18.99 44.62 20.12
CA LEU A 84 -19.27 45.95 19.58
C LEU A 84 -20.77 46.23 19.61
N THR A 85 -21.57 45.28 19.14
CA THR A 85 -23.02 45.43 19.19
C THR A 85 -23.52 45.40 20.63
N MET A 86 -22.92 44.55 21.47
CA MET A 86 -23.37 44.42 22.85
C MET A 86 -23.08 45.69 23.66
N LEU A 87 -22.02 46.43 23.31
CA LEU A 87 -21.66 47.64 24.01
C LEU A 87 -22.18 48.90 23.34
N ARG A 88 -23.11 48.76 22.39
CA ARG A 88 -23.76 49.93 21.82
C ARG A 88 -24.62 50.60 22.89
N PRO A 89 -24.59 51.93 22.99
CA PRO A 89 -25.34 52.61 24.05
C PRO A 89 -26.82 52.26 24.02
N ASN A 90 -27.37 52.01 25.22
CA ASN A 90 -28.75 51.55 25.33
C ASN A 90 -29.77 52.57 24.85
N MET A 91 -29.38 53.83 24.72
CA MET A 91 -30.31 54.84 24.23
C MET A 91 -30.58 54.74 22.73
N TYR A 92 -30.06 53.71 22.05
CA TYR A 92 -30.30 53.50 20.63
C TYR A 92 -31.25 52.34 20.35
N PHE A 93 -31.64 51.57 21.36
CA PHE A 93 -32.55 50.45 21.19
C PHE A 93 -33.93 50.81 21.73
N MET A 94 -34.96 50.25 21.09
CA MET A 94 -36.31 50.38 21.64
C MET A 94 -36.43 49.62 22.96
N ALA A 95 -35.97 48.38 22.98
CA ALA A 95 -35.93 47.55 24.18
C ALA A 95 -34.51 47.06 24.36
N PRO A 96 -33.68 47.80 25.11
CA PRO A 96 -32.27 47.41 25.24
C PRO A 96 -32.08 46.02 25.83
N LEU A 97 -32.83 45.66 26.86
CA LEU A 97 -32.70 44.34 27.47
C LEU A 97 -33.12 43.25 26.48
N GLN A 98 -34.25 43.44 25.80
CA GLN A 98 -34.74 42.43 24.87
C GLN A 98 -33.83 42.31 23.66
N GLU A 99 -33.54 43.43 23.00
CA GLU A 99 -32.80 43.38 21.73
C GLU A 99 -31.37 42.89 21.93
N LYS A 100 -30.77 43.14 23.10
CA LYS A 100 -29.39 42.70 23.32
C LYS A 100 -29.33 41.21 23.70
N VAL A 101 -30.25 40.76 24.54
CA VAL A 101 -30.31 39.34 24.88
C VAL A 101 -30.61 38.51 23.65
N VAL A 102 -31.50 39.02 22.80
CA VAL A 102 -31.85 38.31 21.57
C VAL A 102 -30.68 38.33 20.59
N PHE A 103 -29.97 39.47 20.49
CA PHE A 103 -28.76 39.50 19.69
C PHE A 103 -27.65 38.68 20.32
N GLY A 104 -27.62 38.61 21.66
CA GLY A 104 -26.58 37.85 22.34
C GLY A 104 -26.62 36.38 22.00
N MET A 105 -27.82 35.82 21.80
CA MET A 105 -27.95 34.42 21.43
C MET A 105 -27.28 34.14 20.08
N PHE A 106 -27.24 35.13 19.20
CA PHE A 106 -26.61 34.93 17.90
C PHE A 106 -25.10 34.89 18.02
N PHE A 107 -24.51 35.88 18.71
CA PHE A 107 -23.07 35.91 18.86
C PHE A 107 -22.59 34.82 19.80
N LEU A 108 -23.43 34.40 20.76
CA LEU A 108 -23.06 33.29 21.63
C LEU A 108 -22.93 32.00 20.82
N GLY A 109 -23.92 31.69 19.99
CA GLY A 109 -23.82 30.53 19.14
C GLY A 109 -22.72 30.64 18.11
N ALA A 110 -22.35 31.87 17.73
CA ALA A 110 -21.28 32.06 16.76
C ALA A 110 -19.91 31.86 17.40
N VAL A 111 -19.71 32.43 18.60
CA VAL A 111 -18.44 32.27 19.28
C VAL A 111 -18.23 30.82 19.70
N LEU A 112 -19.30 30.16 20.18
CA LEU A 112 -19.19 28.75 20.55
C LEU A 112 -18.88 27.88 19.34
N CYS A 113 -19.55 28.12 18.22
CA CYS A 113 -19.35 27.31 17.03
C CYS A 113 -17.92 27.43 16.52
N LEU A 114 -17.42 28.66 16.39
CA LEU A 114 -16.08 28.86 15.83
C LEU A 114 -14.99 28.41 16.80
N SER A 115 -15.21 28.59 18.10
CA SER A 115 -14.22 28.13 19.08
C SER A 115 -14.17 26.61 19.13
N PHE A 116 -15.33 25.96 19.19
CA PHE A 116 -15.36 24.50 19.23
C PHE A 116 -14.81 23.90 17.94
N SER A 117 -14.71 24.68 16.87
CA SER A 117 -14.24 24.15 15.60
C SER A 117 -12.72 24.23 15.49
N TRP A 118 -12.14 25.42 15.67
CA TRP A 118 -10.69 25.54 15.56
C TRP A 118 -9.99 24.80 16.69
N LEU A 119 -10.65 24.64 17.84
CA LEU A 119 -10.10 23.78 18.88
C LEU A 119 -10.13 22.31 18.46
N PHE A 120 -11.21 21.90 17.80
CA PHE A 120 -11.31 20.51 17.34
C PHE A 120 -10.23 20.20 16.30
N HIS A 121 -10.01 21.10 15.34
CA HIS A 121 -9.04 20.85 14.29
C HIS A 121 -7.60 20.98 14.78
N THR A 122 -7.38 21.47 16.00
CA THR A 122 -6.04 21.48 16.56
C THR A 122 -5.74 20.19 17.32
N VAL A 123 -6.65 19.76 18.18
CA VAL A 123 -6.44 18.58 19.02
C VAL A 123 -6.96 17.35 18.29
N TYR A 124 -7.16 17.47 16.98
CA TYR A 124 -7.69 16.37 16.18
C TYR A 124 -6.73 15.19 16.15
N CYS A 125 -5.42 15.43 16.27
CA CYS A 125 -4.42 14.38 16.21
C CYS A 125 -3.91 13.98 17.58
N HIS A 126 -4.56 14.43 18.66
CA HIS A 126 -4.12 14.10 20.01
C HIS A 126 -4.28 12.60 20.28
N SER A 127 -5.52 12.17 20.50
CA SER A 127 -5.81 10.76 20.76
C SER A 127 -7.22 10.47 20.25
N GLU A 128 -7.66 9.23 20.43
CA GLU A 128 -9.00 8.86 20.01
C GLU A 128 -10.07 9.47 20.94
N LYS A 129 -9.81 9.47 22.25
CA LYS A 129 -10.79 10.06 23.18
C LYS A 129 -10.91 11.56 22.98
N VAL A 130 -9.78 12.24 22.73
CA VAL A 130 -9.81 13.68 22.56
C VAL A 130 -10.49 14.05 21.24
N SER A 131 -10.16 13.35 20.16
CA SER A 131 -10.81 13.62 18.88
C SER A 131 -12.30 13.33 18.95
N ARG A 132 -12.68 12.23 19.63
CA ARG A 132 -14.09 11.91 19.74
C ARG A 132 -14.85 12.97 20.54
N THR A 133 -14.19 13.59 21.52
CA THR A 133 -14.86 14.60 22.34
C THR A 133 -15.05 15.91 21.59
N PHE A 134 -13.97 16.44 21.00
CA PHE A 134 -14.06 17.70 20.29
C PHE A 134 -14.83 17.58 18.97
N SER A 135 -15.01 16.36 18.47
CA SER A 135 -15.84 16.17 17.28
C SER A 135 -17.30 16.45 17.59
N LYS A 136 -17.79 15.95 18.72
CA LYS A 136 -19.16 16.22 19.12
C LYS A 136 -19.38 17.70 19.46
N LEU A 137 -18.37 18.36 20.03
CA LEU A 137 -18.49 19.79 20.30
C LEU A 137 -18.56 20.59 19.02
N ALA A 138 -17.72 20.27 18.04
CA ALA A 138 -17.75 20.97 16.76
C ALA A 138 -19.08 20.73 16.05
N TYR A 139 -19.63 19.53 16.16
CA TYR A 139 -20.92 19.24 15.56
C TYR A 139 -22.04 20.00 16.28
N SER A 140 -22.02 19.96 17.61
CA SER A 140 -23.06 20.68 18.37
C SER A 140 -22.94 22.18 18.20
N GLY A 141 -21.73 22.69 17.98
CA GLY A 141 -21.56 24.12 17.79
C GLY A 141 -22.24 24.62 16.52
N ILE A 142 -22.24 23.81 15.47
CA ILE A 142 -22.94 24.18 14.25
C ILE A 142 -24.44 24.36 14.52
N ALA A 143 -25.03 23.45 15.29
CA ALA A 143 -26.45 23.58 15.62
C ALA A 143 -26.70 24.79 16.51
N LEU A 144 -25.80 25.04 17.46
CA LEU A 144 -25.94 26.23 18.31
C LEU A 144 -25.92 27.50 17.48
N LEU A 145 -25.12 27.53 16.42
CA LEU A 145 -25.06 28.71 15.56
C LEU A 145 -26.36 28.88 14.79
N ILE A 146 -26.88 27.80 14.20
CA ILE A 146 -28.12 27.88 13.43
C ILE A 146 -29.29 28.20 14.35
N MET A 147 -29.34 27.59 15.54
CA MET A 147 -30.37 27.93 16.51
C MET A 147 -30.27 29.39 16.91
N GLY A 148 -29.07 29.84 17.26
CA GLY A 148 -28.87 31.21 17.67
C GLY A 148 -29.06 32.22 16.55
N SER A 149 -29.00 31.77 15.29
CA SER A 149 -29.24 32.68 14.18
C SER A 149 -30.72 33.04 14.05
N PHE A 150 -31.61 32.12 14.41
CA PHE A 150 -33.04 32.40 14.32
C PHE A 150 -33.51 33.36 15.40
N VAL A 151 -32.80 33.45 16.52
CA VAL A 151 -33.27 34.29 17.64
C VAL A 151 -33.39 35.75 17.25
N PRO A 152 -32.38 36.41 16.69
CA PRO A 152 -32.59 37.79 16.25
C PRO A 152 -33.44 37.91 15.01
N TRP A 153 -33.36 36.94 14.09
CA TRP A 153 -34.14 37.02 12.86
C TRP A 153 -35.62 36.87 13.15
N LEU A 154 -36.00 35.87 13.95
CA LEU A 154 -37.40 35.70 14.31
C LEU A 154 -37.94 36.81 15.18
N TYR A 155 -37.06 37.51 15.92
CA TYR A 155 -37.52 38.56 16.81
C TYR A 155 -38.05 39.76 16.03
N TYR A 156 -37.29 40.21 15.03
CA TYR A 156 -37.69 41.36 14.24
C TYR A 156 -38.62 41.01 13.10
N SER A 157 -38.55 39.79 12.58
CA SER A 157 -39.47 39.38 11.52
C SER A 157 -40.90 39.37 12.02
N PHE A 158 -41.12 38.85 13.22
CA PHE A 158 -42.45 38.83 13.81
C PHE A 158 -42.47 39.72 15.04
N TYR A 159 -42.02 40.97 14.87
CA TYR A 159 -41.97 41.91 15.98
C TYR A 159 -43.36 42.28 16.47
N CYS A 160 -44.36 42.24 15.58
CA CYS A 160 -45.73 42.56 15.94
C CYS A 160 -46.62 41.33 16.09
N SER A 161 -46.13 40.15 15.71
CA SER A 161 -46.88 38.90 15.81
C SER A 161 -46.18 37.98 16.79
N PRO A 162 -46.57 37.99 18.07
CA PRO A 162 -45.88 37.14 19.06
C PRO A 162 -46.22 35.67 18.93
N GLN A 163 -47.34 35.33 18.28
CA GLN A 163 -47.74 33.92 18.20
C GLN A 163 -46.80 33.11 17.32
N PRO A 164 -46.54 33.49 16.05
CA PRO A 164 -45.56 32.71 15.28
C PRO A 164 -44.14 32.88 15.77
N ARG A 165 -43.83 33.99 16.45
CA ARG A 165 -42.50 34.21 16.97
C ARG A 165 -42.14 33.17 18.02
N LEU A 166 -43.09 32.79 18.87
CA LEU A 166 -42.84 31.78 19.88
C LEU A 166 -43.00 30.36 19.32
N ILE A 167 -43.89 30.17 18.35
CA ILE A 167 -44.07 28.85 17.76
C ILE A 167 -42.83 28.44 16.98
N TYR A 168 -42.32 29.35 16.14
CA TYR A 168 -41.11 29.03 15.37
C TYR A 168 -39.90 28.85 16.27
N LEU A 169 -39.85 29.55 17.41
CA LEU A 169 -38.78 29.33 18.36
C LEU A 169 -38.84 27.92 18.95
N SER A 170 -40.06 27.43 19.22
CA SER A 170 -40.21 26.07 19.73
C SER A 170 -39.76 25.05 18.70
N ILE A 171 -40.06 25.28 17.42
CA ILE A 171 -39.70 24.32 16.38
C ILE A 171 -38.19 24.30 16.17
N VAL A 172 -37.56 25.47 16.11
CA VAL A 172 -36.11 25.54 15.95
C VAL A 172 -35.40 24.92 17.14
N CYS A 173 -35.96 25.05 18.34
CA CYS A 173 -35.35 24.44 19.51
C CYS A 173 -35.40 22.93 19.46
N VAL A 174 -36.57 22.36 19.15
CA VAL A 174 -36.69 20.90 19.14
C VAL A 174 -35.94 20.32 17.95
N LEU A 175 -35.80 21.08 16.87
CA LEU A 175 -35.02 20.60 15.73
C LEU A 175 -33.51 20.69 16.00
N GLY A 176 -33.07 21.75 16.68
CA GLY A 176 -31.64 21.89 16.97
C GLY A 176 -31.18 20.96 18.08
N ILE A 177 -32.01 20.77 19.11
CA ILE A 177 -31.65 19.83 20.17
C ILE A 177 -31.63 18.41 19.63
N SER A 178 -32.57 18.08 18.74
CA SER A 178 -32.55 16.77 18.08
C SER A 178 -31.26 16.58 17.29
N ALA A 179 -30.81 17.63 16.61
CA ALA A 179 -29.54 17.54 15.87
C ALA A 179 -28.36 17.36 16.82
N ILE A 180 -28.38 18.04 17.97
CA ILE A 180 -27.30 17.88 18.94
C ILE A 180 -27.34 16.49 19.55
N ILE A 181 -28.53 15.94 19.76
CA ILE A 181 -28.65 14.59 20.31
C ILE A 181 -28.03 13.57 19.36
N VAL A 182 -28.31 13.71 18.06
CA VAL A 182 -27.74 12.79 17.07
C VAL A 182 -26.24 13.00 16.95
N ALA A 183 -25.76 14.23 17.15
CA ALA A 183 -24.34 14.52 17.03
C ALA A 183 -23.51 13.81 18.08
N GLN A 184 -24.12 13.33 19.15
CA GLN A 184 -23.40 12.65 20.22
C GLN A 184 -23.22 11.15 19.96
N TRP A 185 -23.58 10.68 18.77
CA TRP A 185 -23.48 9.27 18.42
C TRP A 185 -22.19 9.02 17.66
N ASP A 186 -21.52 7.91 18.01
CA ASP A 186 -20.21 7.64 17.44
C ASP A 186 -20.30 7.35 15.94
N ARG A 187 -21.31 6.61 15.52
CA ARG A 187 -21.48 6.30 14.10
C ARG A 187 -21.90 7.51 13.29
N PHE A 188 -22.27 8.62 13.95
CA PHE A 188 -22.64 9.82 13.22
C PHE A 188 -21.42 10.47 12.57
N ALA A 189 -20.27 10.42 13.26
CA ALA A 189 -19.04 11.05 12.77
C ALA A 189 -18.24 10.16 11.83
N THR A 190 -18.71 8.97 11.52
CA THR A 190 -17.96 8.06 10.66
C THR A 190 -17.96 8.58 9.22
N PRO A 191 -16.96 8.20 8.42
CA PRO A 191 -16.91 8.70 7.04
C PRO A 191 -18.08 8.26 6.18
N LYS A 192 -18.68 7.10 6.48
CA LYS A 192 -19.81 6.63 5.69
C LYS A 192 -21.05 7.50 5.86
N HIS A 193 -21.11 8.30 6.92
CA HIS A 193 -22.24 9.19 7.15
C HIS A 193 -21.89 10.66 6.90
N ARG A 194 -20.95 10.91 5.98
CA ARG A 194 -20.62 12.28 5.64
C ARG A 194 -21.79 12.99 4.98
N GLN A 195 -22.52 12.29 4.11
CA GLN A 195 -23.73 12.87 3.53
C GLN A 195 -24.81 13.05 4.57
N THR A 196 -24.83 12.19 5.60
CA THR A 196 -25.82 12.33 6.66
C THR A 196 -25.59 13.59 7.47
N ARG A 197 -24.33 13.83 7.89
CA ARG A 197 -24.02 15.05 8.62
C ARG A 197 -24.31 16.29 7.78
N ALA A 198 -24.19 16.18 6.45
CA ALA A 198 -24.53 17.31 5.59
C ALA A 198 -26.03 17.56 5.59
N GLY A 199 -26.82 16.50 5.42
CA GLY A 199 -28.27 16.68 5.35
C GLY A 199 -28.89 17.12 6.66
N VAL A 200 -28.28 16.78 7.79
CA VAL A 200 -28.83 17.17 9.09
C VAL A 200 -28.80 18.68 9.24
N PHE A 201 -27.60 19.27 9.16
CA PHE A 201 -27.49 20.71 9.37
C PHE A 201 -27.98 21.50 8.16
N LEU A 202 -28.14 20.84 7.00
CA LEU A 202 -28.81 21.52 5.88
C LEU A 202 -30.31 21.53 6.08
N GLY A 203 -30.87 20.41 6.54
CA GLY A 203 -32.29 20.39 6.89
C GLY A 203 -32.62 21.33 8.03
N LEU A 204 -31.65 21.60 8.91
CA LEU A 204 -31.88 22.55 9.99
C LEU A 204 -32.05 23.95 9.43
N GLY A 205 -31.27 24.31 8.40
CA GLY A 205 -31.47 25.58 7.74
C GLY A 205 -32.68 25.61 6.83
N LEU A 206 -33.09 24.44 6.33
CA LEU A 206 -34.30 24.37 5.52
C LEU A 206 -35.55 24.73 6.30
N SER A 207 -35.50 24.66 7.63
CA SER A 207 -36.66 25.04 8.44
C SER A 207 -37.00 26.50 8.28
N GLY A 208 -36.00 27.36 8.07
CA GLY A 208 -36.21 28.79 7.93
C GLY A 208 -36.94 29.21 6.67
N VAL A 209 -37.26 28.28 5.79
CA VAL A 209 -38.02 28.64 4.58
C VAL A 209 -39.45 28.99 4.93
N VAL A 210 -40.04 28.29 5.90
CA VAL A 210 -41.43 28.52 6.29
C VAL A 210 -41.60 29.91 6.89
N PRO A 211 -40.81 30.33 7.89
CA PRO A 211 -40.97 31.71 8.39
C PRO A 211 -40.58 32.77 7.37
N THR A 212 -39.73 32.44 6.39
CA THR A 212 -39.38 33.40 5.36
C THR A 212 -40.57 33.70 4.45
N MET A 213 -41.32 32.65 4.08
CA MET A 213 -42.54 32.88 3.29
C MET A 213 -43.63 33.53 4.13
N HIS A 214 -43.71 33.19 5.41
CA HIS A 214 -44.68 33.82 6.30
C HIS A 214 -44.45 35.33 6.36
N PHE A 215 -43.20 35.74 6.58
CA PHE A 215 -42.89 37.17 6.63
C PHE A 215 -43.16 37.86 5.30
N THR A 216 -43.03 37.12 4.19
CA THR A 216 -43.27 37.71 2.88
C THR A 216 -44.75 37.98 2.66
N ILE A 217 -45.62 37.03 3.03
CA ILE A 217 -47.05 37.23 2.85
C ILE A 217 -47.70 38.03 3.98
N ALA A 218 -47.10 38.03 5.18
CA ALA A 218 -47.65 38.83 6.27
C ALA A 218 -47.43 40.31 6.01
N GLU A 219 -46.27 40.68 5.47
CA GLU A 219 -45.98 42.04 5.04
C GLU A 219 -46.26 42.14 3.54
N GLY A 220 -45.93 43.29 2.96
CA GLY A 220 -46.09 43.44 1.53
C GLY A 220 -45.05 42.64 0.77
N PHE A 221 -45.47 42.10 -0.38
CA PHE A 221 -44.54 41.37 -1.22
C PHE A 221 -43.44 42.27 -1.76
N VAL A 222 -43.74 43.55 -1.97
CA VAL A 222 -42.71 44.50 -2.36
C VAL A 222 -41.81 44.81 -1.17
N LYS A 223 -42.40 44.93 0.03
CA LYS A 223 -41.61 45.19 1.23
C LYS A 223 -40.63 44.07 1.52
N ALA A 224 -40.96 42.83 1.15
CA ALA A 224 -40.04 41.73 1.35
C ALA A 224 -38.77 41.87 0.51
N THR A 225 -38.76 42.77 -0.46
CA THR A 225 -37.59 42.99 -1.32
C THR A 225 -36.87 44.29 -0.99
N THR A 226 -37.55 45.43 -1.08
CA THR A 226 -36.88 46.71 -0.81
C THR A 226 -36.54 46.85 0.66
N VAL A 227 -37.47 46.51 1.54
CA VAL A 227 -37.21 46.52 2.98
C VAL A 227 -36.46 45.25 3.35
N GLY A 228 -35.36 45.42 4.10
CA GLY A 228 -34.53 44.27 4.40
C GLY A 228 -33.80 43.79 3.15
N GLN A 229 -33.78 42.47 2.97
CA GLN A 229 -33.14 41.89 1.80
C GLN A 229 -33.91 40.65 1.37
N MET A 230 -34.45 40.67 0.16
CA MET A 230 -34.93 39.43 -0.45
C MET A 230 -33.75 38.57 -0.87
N GLY A 231 -32.65 39.19 -1.30
CA GLY A 231 -31.42 38.48 -1.58
C GLY A 231 -30.76 37.89 -0.34
N TRP A 232 -31.20 38.29 0.86
CA TRP A 232 -30.73 37.61 2.06
C TRP A 232 -31.05 36.12 2.00
N PHE A 233 -32.28 35.78 1.64
CA PHE A 233 -32.66 34.37 1.53
C PHE A 233 -31.85 33.67 0.45
N PHE A 234 -31.62 34.35 -0.67
CA PHE A 234 -30.84 33.74 -1.75
C PHE A 234 -29.39 33.53 -1.33
N LEU A 235 -28.77 34.58 -0.78
CA LEU A 235 -27.38 34.44 -0.34
C LEU A 235 -27.23 33.36 0.73
N MET A 236 -28.20 33.30 1.66
CA MET A 236 -28.13 32.28 2.70
C MET A 236 -28.37 30.89 2.14
N ALA A 237 -29.40 30.74 1.30
CA ALA A 237 -29.72 29.42 0.75
C ALA A 237 -28.59 28.91 -0.13
N VAL A 238 -27.93 29.81 -0.87
CA VAL A 238 -26.82 29.38 -1.71
C VAL A 238 -25.65 28.91 -0.85
N MET A 239 -25.33 29.67 0.20
CA MET A 239 -24.22 29.27 1.07
C MET A 239 -24.56 28.02 1.86
N TYR A 240 -25.84 27.79 2.15
CA TYR A 240 -26.26 26.53 2.76
C TYR A 240 -26.08 25.36 1.79
N ILE A 241 -26.56 25.53 0.55
CA ILE A 241 -26.45 24.47 -0.44
C ILE A 241 -24.99 24.22 -0.80
N THR A 242 -24.26 25.29 -1.14
CA THR A 242 -22.87 25.14 -1.54
C THR A 242 -22.02 24.56 -0.41
N GLY A 243 -22.27 25.01 0.82
CA GLY A 243 -21.53 24.45 1.95
C GLY A 243 -21.79 22.97 2.13
N ALA A 244 -23.05 22.55 2.07
CA ALA A 244 -23.37 21.13 2.24
C ALA A 244 -22.85 20.30 1.08
N GLY A 245 -22.96 20.82 -0.15
CA GLY A 245 -22.52 20.05 -1.29
C GLY A 245 -21.02 19.81 -1.29
N LEU A 246 -20.24 20.87 -1.07
CA LEU A 246 -18.79 20.71 -1.01
C LEU A 246 -18.38 19.79 0.12
N TYR A 247 -19.09 19.86 1.25
CA TYR A 247 -18.74 19.02 2.38
C TYR A 247 -19.03 17.56 2.09
N ALA A 248 -20.23 17.27 1.58
CA ALA A 248 -20.66 15.89 1.41
C ALA A 248 -19.98 15.20 0.22
N ALA A 249 -19.38 15.97 -0.69
CA ALA A 249 -18.78 15.40 -1.88
C ALA A 249 -17.26 15.58 -1.96
N ARG A 250 -16.67 16.43 -1.11
CA ARG A 250 -15.24 16.72 -1.14
C ARG A 250 -14.80 17.12 -2.54
N ILE A 251 -15.42 18.19 -3.06
CA ILE A 251 -15.33 18.48 -4.50
C ILE A 251 -13.90 18.78 -4.95
N PRO A 252 -13.15 19.69 -4.32
CA PRO A 252 -11.82 20.01 -4.87
C PRO A 252 -10.88 18.81 -4.90
N GLU A 253 -10.86 17.97 -3.86
CA GLU A 253 -9.94 16.84 -3.80
C GLU A 253 -10.43 15.61 -4.55
N ARG A 254 -11.76 15.46 -4.69
CA ARG A 254 -12.29 14.27 -5.36
C ARG A 254 -11.82 14.18 -6.80
N PHE A 255 -11.72 15.33 -7.48
CA PHE A 255 -11.30 15.31 -8.87
C PHE A 255 -9.82 14.97 -9.00
N PHE A 256 -8.98 15.54 -8.15
CA PHE A 256 -7.53 15.32 -8.20
C PHE A 256 -7.02 15.07 -6.80
N PRO A 257 -7.10 13.83 -6.33
CA PRO A 257 -6.58 13.53 -4.98
C PRO A 257 -5.09 13.76 -4.90
N GLY A 258 -4.65 14.37 -3.79
CA GLY A 258 -3.27 14.72 -3.58
C GLY A 258 -2.90 16.13 -4.02
N LYS A 259 -3.73 16.77 -4.84
CA LYS A 259 -3.46 18.13 -5.27
C LYS A 259 -4.01 19.18 -4.30
N PHE A 260 -4.81 18.78 -3.32
CA PHE A 260 -5.42 19.70 -2.37
C PHE A 260 -5.26 19.21 -0.94
N ASP A 261 -4.09 18.62 -0.65
CA ASP A 261 -3.86 18.10 0.70
C ASP A 261 -3.83 19.22 1.73
N ILE A 262 -3.27 20.37 1.39
CA ILE A 262 -3.01 21.44 2.34
C ILE A 262 -3.96 22.61 2.13
N TRP A 263 -4.11 23.08 0.91
CA TRP A 263 -4.84 24.31 0.63
C TRP A 263 -6.03 24.04 -0.29
N PHE A 264 -7.07 24.85 -0.10
CA PHE A 264 -8.27 24.86 -0.94
C PHE A 264 -8.97 23.50 -0.95
N GLN A 265 -8.94 22.79 0.16
CA GLN A 265 -9.71 21.55 0.26
C GLN A 265 -11.17 21.87 0.57
N SER A 266 -12.02 20.84 0.50
CA SER A 266 -13.45 21.05 0.63
C SER A 266 -13.83 21.56 2.01
N HIS A 267 -13.17 21.06 3.05
CA HIS A 267 -13.49 21.49 4.40
C HIS A 267 -13.15 22.96 4.61
N GLN A 268 -12.11 23.46 3.93
CA GLN A 268 -11.72 24.85 4.10
C GLN A 268 -12.75 25.80 3.49
N ILE A 269 -13.25 25.48 2.30
CA ILE A 269 -14.26 26.31 1.67
C ILE A 269 -15.55 26.29 2.48
N PHE A 270 -15.87 25.15 3.09
CA PHE A 270 -17.04 25.07 3.96
C PHE A 270 -16.84 25.92 5.21
N HIS A 271 -15.63 25.96 5.75
CA HIS A 271 -15.36 26.79 6.91
C HIS A 271 -15.56 28.26 6.58
N VAL A 272 -15.12 28.70 5.40
CA VAL A 272 -15.27 30.11 5.04
C VAL A 272 -16.73 30.44 4.77
N LEU A 273 -17.48 29.50 4.18
CA LEU A 273 -18.89 29.75 3.90
C LEU A 273 -19.69 29.93 5.18
N VAL A 274 -19.30 29.24 6.26
CA VAL A 274 -19.98 29.42 7.54
C VAL A 274 -19.78 30.84 8.06
N VAL A 275 -18.53 31.31 8.06
CA VAL A 275 -18.24 32.66 8.51
C VAL A 275 -18.90 33.69 7.61
N ALA A 276 -18.90 33.45 6.30
CA ALA A 276 -19.51 34.40 5.38
C ALA A 276 -21.03 34.43 5.54
N ALA A 277 -21.64 33.25 5.73
CA ALA A 277 -23.10 33.20 5.85
C ALA A 277 -23.56 33.84 7.16
N ALA A 278 -22.90 33.54 8.27
CA ALA A 278 -23.22 34.22 9.52
C ALA A 278 -22.97 35.72 9.41
N PHE A 279 -21.97 36.11 8.61
CA PHE A 279 -21.73 37.54 8.41
C PHE A 279 -22.87 38.18 7.63
N VAL A 280 -23.40 37.49 6.62
CA VAL A 280 -24.52 38.01 5.86
C VAL A 280 -25.78 38.06 6.73
N HIS A 281 -25.99 37.03 7.56
CA HIS A 281 -27.17 37.00 8.41
C HIS A 281 -27.17 38.15 9.41
N PHE A 282 -26.01 38.47 9.98
CA PHE A 282 -25.93 39.63 10.86
C PHE A 282 -26.23 40.92 10.10
N TYR A 283 -25.62 41.08 8.93
CA TYR A 283 -25.88 42.27 8.12
C TYR A 283 -27.34 42.31 7.67
N GLY A 284 -27.99 41.16 7.54
CA GLY A 284 -29.39 41.10 7.17
C GLY A 284 -30.32 41.45 8.31
N VAL A 285 -30.04 40.89 9.50
CA VAL A 285 -30.85 41.20 10.67
C VAL A 285 -30.69 42.66 11.07
N SER A 286 -29.50 43.24 10.81
CA SER A 286 -29.28 44.64 11.17
C SER A 286 -30.20 45.57 10.39
N ASN A 287 -30.27 45.40 9.07
CA ASN A 287 -31.20 46.20 8.28
C ASN A 287 -32.63 45.77 8.51
N LEU A 288 -32.85 44.50 8.87
CA LEU A 288 -34.16 44.05 9.33
C LEU A 288 -34.57 44.74 10.63
N GLN A 289 -33.60 45.19 11.42
CA GLN A 289 -33.90 45.89 12.68
C GLN A 289 -34.27 47.34 12.43
N GLU A 290 -33.59 48.01 11.49
CA GLU A 290 -33.86 49.42 11.21
C GLU A 290 -35.28 49.62 10.70
N PHE A 291 -35.86 48.61 10.06
CA PHE A 291 -37.22 48.71 9.55
C PHE A 291 -38.26 48.61 10.66
N ARG A 292 -37.93 47.91 11.75
CA ARG A 292 -38.94 47.67 12.78
C ARG A 292 -39.23 48.91 13.60
N TYR A 293 -38.20 49.66 13.99
CA TYR A 293 -38.43 50.93 14.69
C TYR A 293 -38.37 52.13 13.76
N GLY A 294 -38.56 51.91 12.46
CA GLY A 294 -38.77 52.99 11.51
C GLY A 294 -40.24 53.06 11.12
N LEU A 295 -40.68 54.24 10.72
CA LEU A 295 -42.07 54.41 10.31
C LEU A 295 -42.37 53.51 9.11
N GLU A 296 -43.67 53.25 8.92
CA GLU A 296 -44.22 52.28 7.97
C GLU A 296 -43.86 50.85 8.37
N GLY A 297 -42.96 50.71 9.34
CA GLY A 297 -42.61 49.42 9.87
C GLY A 297 -43.20 49.11 11.23
N GLY A 298 -44.03 49.99 11.76
CA GLY A 298 -44.66 49.77 13.05
C GLY A 298 -45.71 48.67 12.98
N CYS A 299 -46.28 48.37 14.15
CA CYS A 299 -47.25 47.30 14.24
C CYS A 299 -48.57 47.70 13.61
N THR A 300 -49.18 46.75 12.88
CA THR A 300 -50.47 46.94 12.23
C THR A 300 -51.35 45.74 12.52
N ASP A 301 -52.64 45.89 12.19
CA ASP A 301 -53.61 44.84 12.44
C ASP A 301 -53.86 44.00 11.19
N SER B 18 -8.94 9.85 -9.71
CA SER B 18 -7.72 9.26 -10.25
C SER B 18 -7.91 8.84 -11.70
N GLU B 19 -8.95 9.38 -12.32
CA GLU B 19 -9.24 9.12 -13.74
C GLU B 19 -8.79 10.30 -14.57
N GLY B 20 -8.11 10.00 -15.68
CA GLY B 20 -7.62 11.04 -16.57
C GLY B 20 -6.60 11.97 -15.91
N ARG B 21 -5.47 11.41 -15.49
CA ARG B 21 -4.43 12.22 -14.88
C ARG B 21 -3.58 12.91 -15.95
N TRP B 22 -3.09 14.10 -15.62
CA TRP B 22 -2.29 14.87 -16.56
C TRP B 22 -1.35 15.79 -15.79
N ARG B 23 -0.35 16.30 -16.50
CA ARG B 23 0.57 17.30 -15.98
C ARG B 23 0.75 18.39 -17.02
N VAL B 24 1.10 19.59 -16.55
CA VAL B 24 1.35 20.70 -17.47
C VAL B 24 2.60 20.41 -18.29
N ILE B 25 2.62 20.91 -19.52
CA ILE B 25 3.74 20.68 -20.43
C ILE B 25 4.30 22.02 -20.88
N PRO B 26 5.59 22.09 -21.27
CA PRO B 26 6.13 23.36 -21.78
C PRO B 26 5.60 23.71 -23.16
N TYR B 27 5.96 24.90 -23.65
CA TYR B 27 5.40 25.41 -24.89
C TYR B 27 5.94 24.68 -26.11
N ASP B 28 7.17 24.15 -26.04
CA ASP B 28 7.79 23.56 -27.22
C ASP B 28 7.17 22.22 -27.60
N VAL B 29 6.52 21.53 -26.68
CA VAL B 29 5.93 20.23 -26.95
C VAL B 29 4.43 20.33 -27.23
N LEU B 30 3.93 21.53 -27.52
CA LEU B 30 2.53 21.70 -27.86
C LEU B 30 2.32 21.43 -29.35
N PRO B 31 1.12 21.00 -29.74
CA PRO B 31 0.77 20.98 -31.16
C PRO B 31 0.59 22.39 -31.70
N ASP B 32 0.57 22.50 -33.03
CA ASP B 32 0.50 23.81 -33.66
C ASP B 32 -0.81 24.54 -33.36
N TRP B 33 -1.88 23.81 -33.04
CA TRP B 33 -3.17 24.44 -32.77
C TRP B 33 -3.34 24.86 -31.32
N LEU B 34 -2.31 24.70 -30.49
CA LEU B 34 -2.32 25.22 -29.13
C LEU B 34 -1.23 26.27 -28.89
N LYS B 35 -0.43 26.59 -29.90
CA LYS B 35 0.64 27.57 -29.75
C LYS B 35 0.14 28.97 -30.13
N ASP B 36 -0.86 29.43 -29.38
CA ASP B 36 -1.43 30.75 -29.65
C ASP B 36 -0.56 31.88 -29.13
N ASN B 37 0.21 31.64 -28.05
CA ASN B 37 1.05 32.67 -27.46
C ASN B 37 2.39 32.04 -27.10
N ASP B 38 3.46 32.48 -27.78
CA ASP B 38 4.79 31.99 -27.49
C ASP B 38 5.42 32.64 -26.26
N TYR B 39 4.77 33.66 -25.69
CA TYR B 39 5.28 34.28 -24.48
C TYR B 39 4.88 33.53 -23.21
N LEU B 40 3.87 32.67 -23.29
CA LEU B 40 3.53 31.78 -22.19
C LEU B 40 4.35 30.51 -22.35
N LEU B 41 5.36 30.35 -21.49
CA LEU B 41 6.37 29.32 -21.70
C LEU B 41 6.03 27.99 -21.02
N HIS B 42 5.30 28.02 -19.92
CA HIS B 42 5.00 26.79 -19.18
C HIS B 42 3.57 26.83 -18.67
N GLY B 43 3.15 25.72 -18.08
CA GLY B 43 1.83 25.63 -17.49
C GLY B 43 0.71 25.33 -18.46
N HIS B 44 1.03 24.83 -19.65
CA HIS B 44 0.01 24.51 -20.63
C HIS B 44 -0.60 23.14 -20.35
N ARG B 45 -1.91 23.05 -20.51
CA ARG B 45 -2.57 21.76 -20.43
C ARG B 45 -2.24 20.93 -21.65
N PRO B 46 -2.01 19.63 -21.48
CA PRO B 46 -1.79 18.75 -22.64
C PRO B 46 -3.08 18.48 -23.37
N PRO B 47 -3.02 18.04 -24.63
CA PRO B 47 -4.26 17.66 -25.33
C PRO B 47 -4.97 16.52 -24.64
N MET B 48 -6.24 16.75 -24.30
CA MET B 48 -7.06 15.78 -23.59
C MET B 48 -8.42 15.69 -24.28
N PRO B 49 -8.64 14.68 -25.14
CA PRO B 49 -9.91 14.57 -25.89
C PRO B 49 -11.07 14.08 -25.03
N SER B 50 -11.33 14.78 -23.93
CA SER B 50 -12.43 14.43 -23.05
C SER B 50 -12.99 15.70 -22.44
N PHE B 51 -14.29 15.94 -22.62
CA PHE B 51 -14.93 17.08 -21.97
C PHE B 51 -14.94 16.93 -20.46
N ARG B 52 -15.03 15.70 -19.96
CA ARG B 52 -14.94 15.47 -18.53
C ARG B 52 -13.60 15.93 -17.98
N ALA B 53 -12.51 15.57 -18.67
CA ALA B 53 -11.19 16.01 -18.25
C ALA B 53 -11.01 17.51 -18.41
N CYS B 54 -11.69 18.12 -19.39
CA CYS B 54 -11.56 19.56 -19.58
C CYS B 54 -12.30 20.34 -18.50
N PHE B 55 -13.51 19.90 -18.16
CA PHE B 55 -14.28 20.61 -17.15
C PHE B 55 -13.68 20.44 -15.76
N LYS B 56 -13.08 19.28 -15.47
CA LYS B 56 -12.41 19.11 -14.19
C LYS B 56 -11.18 20.00 -14.08
N SER B 57 -10.55 20.33 -15.20
CA SER B 57 -9.35 21.15 -15.19
C SER B 57 -9.62 22.59 -14.75
N ILE B 58 -10.89 22.97 -14.60
CA ILE B 58 -11.21 24.30 -14.08
C ILE B 58 -10.63 24.48 -12.68
N PHE B 59 -10.63 23.40 -11.89
CA PHE B 59 -10.11 23.42 -10.54
C PHE B 59 -8.60 23.16 -10.48
N ARG B 60 -7.87 23.44 -11.56
CA ARG B 60 -6.42 23.27 -11.56
C ARG B 60 -5.75 24.48 -12.19
N ILE B 61 -4.48 24.66 -11.85
CA ILE B 61 -3.72 25.84 -12.26
C ILE B 61 -3.04 25.55 -13.59
N HIS B 62 -3.31 26.38 -14.59
CA HIS B 62 -2.70 26.26 -15.91
C HIS B 62 -2.85 27.58 -16.64
N THR B 63 -2.45 27.61 -17.90
CA THR B 63 -2.45 28.84 -18.67
C THR B 63 -3.85 29.39 -18.91
N GLU B 64 -4.89 28.56 -18.82
CA GLU B 64 -6.25 29.00 -19.09
C GLU B 64 -7.09 29.13 -17.83
N THR B 65 -6.51 28.90 -16.64
CA THR B 65 -7.30 28.98 -15.41
C THR B 65 -7.88 30.37 -15.20
N GLY B 66 -7.05 31.40 -15.36
CA GLY B 66 -7.55 32.76 -15.19
C GLY B 66 -8.57 33.14 -16.24
N ASN B 67 -8.35 32.74 -17.49
CA ASN B 67 -9.29 33.06 -18.56
C ASN B 67 -10.64 32.39 -18.35
N ILE B 68 -10.64 31.20 -17.73
CA ILE B 68 -11.92 30.53 -17.46
C ILE B 68 -12.67 31.25 -16.36
N TRP B 69 -12.00 31.54 -15.24
CA TRP B 69 -12.70 32.03 -14.06
C TRP B 69 -13.13 33.49 -14.21
N THR B 70 -12.42 34.28 -15.02
CA THR B 70 -12.82 35.68 -15.20
C THR B 70 -14.18 35.78 -15.86
N HIS B 71 -14.38 35.09 -16.96
CA HIS B 71 -15.65 35.12 -17.67
C HIS B 71 -16.63 34.07 -17.17
N LEU B 72 -16.21 33.20 -16.26
CA LEU B 72 -17.18 32.36 -15.58
C LEU B 72 -17.94 33.16 -14.53
N LEU B 73 -17.25 34.04 -13.81
CA LEU B 73 -17.92 34.96 -12.90
C LEU B 73 -18.63 36.07 -13.67
N GLY B 74 -18.04 36.52 -14.78
CA GLY B 74 -18.70 37.51 -15.60
C GLY B 74 -20.01 37.01 -16.17
N PHE B 75 -20.05 35.74 -16.59
CA PHE B 75 -21.29 35.15 -17.07
C PHE B 75 -22.34 35.07 -15.96
N VAL B 76 -21.91 34.86 -14.72
CA VAL B 76 -22.85 34.79 -13.61
C VAL B 76 -23.36 36.18 -13.26
N LEU B 77 -22.48 37.18 -13.29
CA LEU B 77 -22.88 38.54 -12.94
C LEU B 77 -23.92 39.08 -13.91
N PHE B 78 -23.73 38.84 -15.21
CA PHE B 78 -24.69 39.34 -16.19
C PHE B 78 -25.94 38.47 -16.26
N LEU B 79 -25.82 37.17 -15.95
CA LEU B 79 -27.00 36.32 -15.91
C LEU B 79 -27.96 36.78 -14.83
N PHE B 80 -27.45 37.31 -13.72
CA PHE B 80 -28.31 37.83 -12.67
C PHE B 80 -28.74 39.26 -12.94
N LEU B 81 -27.82 40.10 -13.44
CA LEU B 81 -28.22 41.45 -13.84
C LEU B 81 -29.23 41.42 -14.98
N GLY B 82 -29.30 40.33 -15.74
CA GLY B 82 -30.25 40.21 -16.81
C GLY B 82 -31.62 39.73 -16.36
N ILE B 83 -31.66 38.59 -15.68
CA ILE B 83 -32.94 38.04 -15.26
C ILE B 83 -33.60 38.92 -14.22
N LEU B 84 -32.81 39.66 -13.44
CA LEU B 84 -33.40 40.57 -12.47
C LEU B 84 -34.04 41.77 -13.16
N THR B 85 -33.43 42.25 -14.25
CA THR B 85 -34.03 43.34 -15.00
C THR B 85 -35.23 42.86 -15.82
N MET B 86 -35.19 41.62 -16.31
CA MET B 86 -36.30 41.11 -17.11
C MET B 86 -37.51 40.79 -16.24
N LEU B 87 -37.29 40.43 -14.98
CA LEU B 87 -38.38 40.11 -14.07
C LEU B 87 -38.90 41.32 -13.30
N ARG B 88 -38.36 42.51 -13.56
CA ARG B 88 -38.88 43.71 -12.94
C ARG B 88 -40.32 43.95 -13.43
N PRO B 89 -41.24 44.32 -12.54
CA PRO B 89 -42.64 44.49 -12.95
C PRO B 89 -42.79 45.50 -14.08
N ASN B 90 -43.82 45.27 -14.91
CA ASN B 90 -44.04 46.07 -16.10
C ASN B 90 -44.57 47.46 -15.80
N MET B 91 -44.91 47.76 -14.54
CA MET B 91 -45.46 49.06 -14.19
C MET B 91 -44.41 50.16 -14.15
N TYR B 92 -43.12 49.80 -14.03
CA TYR B 92 -42.05 50.79 -14.00
C TYR B 92 -41.62 51.25 -15.39
N PHE B 93 -42.05 50.57 -16.44
CA PHE B 93 -41.67 50.90 -17.81
C PHE B 93 -42.87 51.47 -18.56
N MET B 94 -42.62 52.49 -19.39
CA MET B 94 -43.71 53.07 -20.17
C MET B 94 -44.12 52.15 -21.31
N ALA B 95 -43.16 51.48 -21.93
CA ALA B 95 -43.40 50.47 -22.97
C ALA B 95 -42.77 49.17 -22.50
N PRO B 96 -43.49 48.38 -21.69
CA PRO B 96 -42.87 47.18 -21.10
C PRO B 96 -42.39 46.16 -22.14
N LEU B 97 -43.18 45.91 -23.18
CA LEU B 97 -42.76 44.93 -24.18
C LEU B 97 -41.59 45.42 -25.00
N GLN B 98 -41.58 46.70 -25.38
CA GLN B 98 -40.50 47.23 -26.19
C GLN B 98 -39.24 47.44 -25.38
N GLU B 99 -39.35 48.02 -24.18
CA GLU B 99 -38.16 48.35 -23.41
C GLU B 99 -37.48 47.13 -22.82
N LYS B 100 -38.17 45.99 -22.75
CA LYS B 100 -37.54 44.76 -22.30
C LYS B 100 -36.94 43.94 -23.44
N VAL B 101 -37.37 44.19 -24.68
CA VAL B 101 -36.73 43.55 -25.83
C VAL B 101 -35.37 44.19 -26.08
N VAL B 102 -35.29 45.52 -26.02
CA VAL B 102 -34.01 46.18 -26.22
C VAL B 102 -33.04 45.84 -25.09
N PHE B 103 -33.54 45.60 -23.88
CA PHE B 103 -32.68 45.12 -22.81
C PHE B 103 -32.46 43.61 -22.90
N GLY B 104 -33.44 42.88 -23.44
CA GLY B 104 -33.25 41.46 -23.64
C GLY B 104 -32.14 41.17 -24.65
N MET B 105 -32.09 41.95 -25.73
CA MET B 105 -31.06 41.73 -26.73
C MET B 105 -29.68 42.11 -26.20
N PHE B 106 -29.62 43.00 -25.21
CA PHE B 106 -28.33 43.36 -24.62
C PHE B 106 -27.81 42.23 -23.73
N PHE B 107 -28.65 41.74 -22.82
CA PHE B 107 -28.20 40.67 -21.93
C PHE B 107 -28.00 39.36 -22.68
N LEU B 108 -28.83 39.09 -23.69
CA LEU B 108 -28.64 37.89 -24.50
C LEU B 108 -27.27 37.91 -25.19
N GLY B 109 -26.95 39.03 -25.86
CA GLY B 109 -25.65 39.14 -26.49
C GLY B 109 -24.51 39.15 -25.50
N ALA B 110 -24.74 39.65 -24.29
CA ALA B 110 -23.70 39.68 -23.27
C ALA B 110 -23.51 38.30 -22.64
N VAL B 111 -24.61 37.63 -22.31
CA VAL B 111 -24.52 36.29 -21.71
C VAL B 111 -23.91 35.30 -22.71
N LEU B 112 -24.36 35.35 -23.97
CA LEU B 112 -23.78 34.48 -24.99
C LEU B 112 -22.31 34.78 -25.22
N CYS B 113 -21.91 36.04 -25.10
CA CYS B 113 -20.50 36.39 -25.26
C CYS B 113 -19.65 35.79 -24.15
N LEU B 114 -20.10 35.91 -22.91
CA LEU B 114 -19.31 35.42 -21.78
C LEU B 114 -19.41 33.91 -21.61
N SER B 115 -20.58 33.32 -21.93
CA SER B 115 -20.71 31.87 -21.83
C SER B 115 -19.86 31.18 -22.89
N PHE B 116 -19.91 31.66 -24.13
CA PHE B 116 -19.06 31.09 -25.18
C PHE B 116 -17.58 31.29 -24.89
N SER B 117 -17.23 32.32 -24.12
CA SER B 117 -15.84 32.59 -23.82
C SER B 117 -15.27 31.58 -22.84
N TRP B 118 -15.86 31.49 -21.64
CA TRP B 118 -15.31 30.58 -20.64
C TRP B 118 -15.50 29.12 -21.05
N LEU B 119 -16.52 28.82 -21.85
CA LEU B 119 -16.63 27.47 -22.38
C LEU B 119 -15.49 27.15 -23.33
N PHE B 120 -15.12 28.11 -24.20
CA PHE B 120 -14.05 27.88 -25.15
C PHE B 120 -12.71 27.67 -24.45
N HIS B 121 -12.50 28.35 -23.32
CA HIS B 121 -11.23 28.22 -22.62
C HIS B 121 -11.11 26.91 -21.84
N THR B 122 -12.22 26.28 -21.48
CA THR B 122 -12.13 24.96 -20.85
C THR B 122 -11.83 23.87 -21.86
N VAL B 123 -12.45 23.94 -23.04
CA VAL B 123 -12.35 22.86 -24.02
C VAL B 123 -11.29 23.22 -25.05
N TYR B 124 -10.48 24.24 -24.73
CA TYR B 124 -9.45 24.70 -25.65
C TYR B 124 -8.44 23.60 -25.96
N CYS B 125 -8.31 22.59 -25.10
CA CYS B 125 -7.31 21.54 -25.27
C CYS B 125 -7.92 20.19 -25.62
N HIS B 126 -9.22 20.14 -25.92
CA HIS B 126 -9.87 18.88 -26.23
C HIS B 126 -9.28 18.24 -27.49
N SER B 127 -9.54 18.86 -28.63
CA SER B 127 -9.03 18.40 -29.91
C SER B 127 -9.00 19.58 -30.86
N GLU B 128 -8.46 19.36 -32.07
CA GLU B 128 -8.42 20.43 -33.05
C GLU B 128 -9.82 20.79 -33.54
N LYS B 129 -10.71 19.81 -33.65
CA LYS B 129 -12.08 20.09 -34.09
C LYS B 129 -12.85 20.86 -33.03
N VAL B 130 -12.76 20.41 -31.77
CA VAL B 130 -13.53 21.04 -30.70
C VAL B 130 -12.97 22.43 -30.40
N SER B 131 -11.66 22.58 -30.38
CA SER B 131 -11.07 23.88 -30.10
C SER B 131 -11.43 24.90 -31.18
N ARG B 132 -11.37 24.49 -32.44
CA ARG B 132 -11.68 25.41 -33.53
C ARG B 132 -13.17 25.74 -33.58
N THR B 133 -14.03 24.77 -33.25
CA THR B 133 -15.47 25.02 -33.25
C THR B 133 -15.85 26.03 -32.17
N PHE B 134 -15.33 25.84 -30.95
CA PHE B 134 -15.63 26.78 -29.86
C PHE B 134 -14.88 28.09 -30.02
N SER B 135 -13.80 28.12 -30.79
CA SER B 135 -13.11 29.39 -31.05
C SER B 135 -13.99 30.31 -31.87
N LYS B 136 -14.75 29.77 -32.83
CA LYS B 136 -15.65 30.58 -33.62
C LYS B 136 -16.82 31.09 -32.80
N LEU B 137 -17.25 30.32 -31.79
CA LEU B 137 -18.33 30.79 -30.91
C LEU B 137 -17.87 31.94 -30.04
N ALA B 138 -16.60 31.95 -29.62
CA ALA B 138 -16.09 33.08 -28.86
C ALA B 138 -16.00 34.33 -29.70
N TYR B 139 -15.54 34.20 -30.96
CA TYR B 139 -15.47 35.35 -31.83
C TYR B 139 -16.86 35.81 -32.25
N SER B 140 -17.82 34.88 -32.37
CA SER B 140 -19.19 35.27 -32.66
C SER B 140 -19.84 35.93 -31.45
N GLY B 141 -19.49 35.51 -30.23
CA GLY B 141 -20.05 36.11 -29.05
C GLY B 141 -19.64 37.55 -28.86
N ILE B 142 -18.39 37.87 -29.21
CA ILE B 142 -17.92 39.26 -29.11
C ILE B 142 -18.75 40.17 -29.99
N ALA B 143 -19.11 39.70 -31.19
CA ALA B 143 -19.98 40.49 -32.06
C ALA B 143 -21.38 40.60 -31.46
N LEU B 144 -21.92 39.50 -30.93
CA LEU B 144 -23.24 39.54 -30.31
C LEU B 144 -23.27 40.49 -29.13
N LEU B 145 -22.16 40.60 -28.40
CA LEU B 145 -22.08 41.58 -27.32
C LEU B 145 -22.11 43.00 -27.87
N ILE B 146 -21.44 43.25 -28.99
CA ILE B 146 -21.43 44.58 -29.57
C ILE B 146 -22.78 44.89 -30.21
N MET B 147 -23.32 43.94 -30.97
CA MET B 147 -24.62 44.14 -31.62
C MET B 147 -25.71 44.36 -30.57
N GLY B 148 -25.75 43.52 -29.54
CA GLY B 148 -26.72 43.67 -28.49
C GLY B 148 -26.58 44.93 -27.68
N SER B 149 -25.41 45.57 -27.73
CA SER B 149 -25.20 46.81 -26.99
C SER B 149 -25.76 48.03 -27.70
N PHE B 150 -25.95 47.95 -29.02
CA PHE B 150 -26.56 49.06 -29.75
C PHE B 150 -28.08 49.05 -29.68
N VAL B 151 -28.68 47.93 -29.30
CA VAL B 151 -30.14 47.80 -29.27
C VAL B 151 -30.74 48.70 -28.20
N PRO B 152 -30.31 48.64 -26.92
CA PRO B 152 -30.88 49.56 -25.93
C PRO B 152 -30.36 50.98 -26.05
N TRP B 153 -29.20 51.17 -26.69
CA TRP B 153 -28.65 52.52 -26.83
C TRP B 153 -29.39 53.30 -27.90
N LEU B 154 -29.56 52.72 -29.10
CA LEU B 154 -30.26 53.41 -30.17
C LEU B 154 -31.74 53.60 -29.85
N TYR B 155 -32.31 52.77 -28.97
CA TYR B 155 -33.70 52.91 -28.61
C TYR B 155 -33.94 54.18 -27.78
N TYR B 156 -33.07 54.43 -26.81
CA TYR B 156 -33.23 55.59 -25.95
C TYR B 156 -32.55 56.84 -26.50
N SER B 157 -31.43 56.70 -27.22
CA SER B 157 -30.79 57.86 -27.81
C SER B 157 -31.64 58.48 -28.91
N PHE B 158 -32.45 57.66 -29.59
CA PHE B 158 -33.35 58.15 -30.62
C PHE B 158 -34.78 57.73 -30.30
N TYR B 159 -35.27 58.16 -29.14
CA TYR B 159 -36.63 57.81 -28.73
C TYR B 159 -37.66 58.42 -29.67
N CYS B 160 -37.48 59.69 -30.00
CA CYS B 160 -38.45 60.45 -30.79
C CYS B 160 -38.22 60.35 -32.28
N SER B 161 -37.16 59.67 -32.72
CA SER B 161 -36.79 59.60 -34.14
C SER B 161 -36.71 58.14 -34.56
N PRO B 162 -37.82 57.52 -34.97
CA PRO B 162 -37.78 56.11 -35.38
C PRO B 162 -37.04 55.88 -36.68
N GLN B 163 -36.93 56.89 -37.55
CA GLN B 163 -36.29 56.66 -38.85
C GLN B 163 -34.77 56.46 -38.71
N PRO B 164 -34.02 57.38 -38.10
CA PRO B 164 -32.56 57.14 -37.97
C PRO B 164 -32.23 56.04 -37.00
N ARG B 165 -33.14 55.69 -36.09
CA ARG B 165 -32.89 54.59 -35.17
C ARG B 165 -32.87 53.25 -35.90
N LEU B 166 -33.88 53.02 -36.77
CA LEU B 166 -33.93 51.77 -37.52
C LEU B 166 -32.89 51.71 -38.63
N ILE B 167 -32.30 52.84 -39.00
CA ILE B 167 -31.25 52.86 -40.01
C ILE B 167 -29.89 52.57 -39.39
N TYR B 168 -29.58 53.19 -38.25
CA TYR B 168 -28.32 52.91 -37.56
C TYR B 168 -28.27 51.47 -37.06
N LEU B 169 -29.41 50.95 -36.63
CA LEU B 169 -29.46 49.56 -36.16
C LEU B 169 -29.28 48.58 -37.31
N SER B 170 -29.70 48.96 -38.51
CA SER B 170 -29.53 48.10 -39.68
C SER B 170 -28.05 47.96 -40.03
N ILE B 171 -27.29 49.04 -39.94
CA ILE B 171 -25.86 48.98 -40.22
C ILE B 171 -25.15 48.11 -39.20
N VAL B 172 -25.61 48.10 -37.95
CA VAL B 172 -24.97 47.27 -36.93
C VAL B 172 -25.17 45.79 -37.23
N CYS B 173 -26.36 45.43 -37.72
CA CYS B 173 -26.63 44.03 -38.04
C CYS B 173 -25.82 43.57 -39.26
N VAL B 174 -25.84 44.35 -40.33
CA VAL B 174 -25.13 43.97 -41.55
C VAL B 174 -23.64 43.86 -41.27
N LEU B 175 -23.08 44.79 -40.50
CA LEU B 175 -21.67 44.72 -40.13
C LEU B 175 -21.43 43.64 -39.08
N GLY B 176 -22.38 43.44 -38.17
CA GLY B 176 -22.21 42.40 -37.16
C GLY B 176 -22.32 41.00 -37.75
N ILE B 177 -23.25 40.79 -38.68
CA ILE B 177 -23.37 39.50 -39.34
C ILE B 177 -22.13 39.22 -40.19
N SER B 178 -21.61 40.25 -40.86
CA SER B 178 -20.39 40.08 -41.65
C SER B 178 -19.19 39.74 -40.77
N ALA B 179 -19.13 40.33 -39.57
CA ALA B 179 -18.05 40.00 -38.65
C ALA B 179 -18.15 38.56 -38.17
N ILE B 180 -19.38 38.08 -37.96
CA ILE B 180 -19.56 36.69 -37.55
C ILE B 180 -19.21 35.75 -38.70
N ILE B 181 -19.55 36.14 -39.93
CA ILE B 181 -19.22 35.32 -41.09
C ILE B 181 -17.73 35.29 -41.33
N VAL B 182 -17.06 36.44 -41.19
CA VAL B 182 -15.61 36.49 -41.38
C VAL B 182 -14.88 35.80 -40.23
N ALA B 183 -15.57 35.58 -39.10
CA ALA B 183 -14.97 34.84 -38.00
C ALA B 183 -14.94 33.34 -38.25
N GLN B 184 -15.71 32.85 -39.23
CA GLN B 184 -15.68 31.43 -39.59
C GLN B 184 -14.45 31.06 -40.39
N TRP B 185 -13.67 32.03 -40.87
CA TRP B 185 -12.44 31.75 -41.58
C TRP B 185 -11.47 31.03 -40.66
N ASP B 186 -10.87 29.95 -41.16
CA ASP B 186 -9.98 29.15 -40.32
C ASP B 186 -8.68 29.88 -40.03
N ARG B 187 -8.10 30.54 -41.04
CA ARG B 187 -6.89 31.32 -40.85
C ARG B 187 -7.12 32.55 -39.98
N PHE B 188 -8.38 32.91 -39.72
CA PHE B 188 -8.70 34.05 -38.87
C PHE B 188 -8.40 33.80 -37.41
N ALA B 189 -8.29 32.54 -36.99
CA ALA B 189 -8.07 32.20 -35.59
C ALA B 189 -6.62 31.80 -35.30
N THR B 190 -5.69 32.10 -36.21
CA THR B 190 -4.29 31.77 -36.02
C THR B 190 -3.55 32.90 -35.33
N PRO B 191 -2.40 32.61 -34.70
CA PRO B 191 -1.64 33.69 -34.06
C PRO B 191 -1.14 34.74 -35.03
N LYS B 192 -0.94 34.39 -36.30
CA LYS B 192 -0.47 35.36 -37.28
C LYS B 192 -1.50 36.44 -37.58
N HIS B 193 -2.78 36.16 -37.34
CA HIS B 193 -3.86 37.12 -37.56
C HIS B 193 -4.49 37.57 -36.25
N ARG B 194 -3.68 37.68 -35.19
CA ARG B 194 -4.19 38.18 -33.92
C ARG B 194 -4.58 39.64 -34.01
N GLN B 195 -3.78 40.45 -34.71
CA GLN B 195 -4.10 41.86 -34.87
C GLN B 195 -5.29 42.07 -35.80
N THR B 196 -5.50 41.15 -36.75
CA THR B 196 -6.67 41.24 -37.62
C THR B 196 -7.95 41.09 -36.80
N ARG B 197 -7.96 40.17 -35.84
CA ARG B 197 -9.14 39.97 -35.00
C ARG B 197 -9.47 41.24 -34.23
N ALA B 198 -8.46 41.85 -33.61
CA ALA B 198 -8.68 43.08 -32.86
C ALA B 198 -9.14 44.21 -33.78
N GLY B 199 -8.61 44.25 -35.01
CA GLY B 199 -9.01 45.30 -35.93
C GLY B 199 -10.44 45.15 -36.42
N VAL B 200 -10.90 43.91 -36.62
CA VAL B 200 -12.26 43.69 -37.07
C VAL B 200 -13.25 44.11 -36.00
N PHE B 201 -13.03 43.68 -34.76
CA PHE B 201 -13.94 44.05 -33.68
C PHE B 201 -13.81 45.52 -33.28
N LEU B 202 -12.66 46.15 -33.55
CA LEU B 202 -12.55 47.58 -33.33
C LEU B 202 -13.40 48.35 -34.34
N GLY B 203 -13.24 48.05 -35.62
CA GLY B 203 -14.08 48.67 -36.63
C GLY B 203 -15.55 48.37 -36.43
N LEU B 204 -15.86 47.18 -35.90
CA LEU B 204 -17.25 46.87 -35.57
C LEU B 204 -17.78 47.83 -34.52
N GLY B 205 -16.92 48.22 -33.57
CA GLY B 205 -17.30 49.23 -32.60
C GLY B 205 -17.35 50.63 -33.16
N LEU B 206 -16.63 50.89 -34.26
CA LEU B 206 -16.66 52.19 -34.90
C LEU B 206 -17.96 52.45 -35.66
N SER B 207 -18.92 51.51 -35.61
CA SER B 207 -20.21 51.75 -36.24
C SER B 207 -20.97 52.87 -35.54
N GLY B 208 -20.70 53.09 -34.25
CA GLY B 208 -21.40 54.08 -33.46
C GLY B 208 -20.79 55.47 -33.47
N VAL B 209 -19.78 55.72 -34.31
CA VAL B 209 -19.16 57.04 -34.32
C VAL B 209 -20.08 58.08 -34.95
N VAL B 210 -20.93 57.67 -35.91
CA VAL B 210 -21.86 58.58 -36.55
C VAL B 210 -23.12 58.75 -35.71
N PRO B 211 -23.71 57.67 -35.16
CA PRO B 211 -24.85 57.88 -34.25
C PRO B 211 -24.50 58.71 -33.02
N THR B 212 -23.25 58.63 -32.55
CA THR B 212 -22.85 59.44 -31.41
C THR B 212 -22.91 60.93 -31.73
N MET B 213 -22.42 61.32 -32.90
CA MET B 213 -22.48 62.72 -33.29
C MET B 213 -23.92 63.14 -33.62
N HIS B 214 -24.71 62.23 -34.20
CA HIS B 214 -26.11 62.53 -34.47
C HIS B 214 -26.85 62.86 -33.18
N PHE B 215 -26.62 62.06 -32.13
CA PHE B 215 -27.23 62.34 -30.83
C PHE B 215 -26.69 63.64 -30.24
N THR B 216 -25.41 63.94 -30.45
CA THR B 216 -24.82 65.16 -29.92
C THR B 216 -25.26 66.39 -30.70
N ILE B 217 -25.46 66.25 -32.02
CA ILE B 217 -25.91 67.40 -32.80
C ILE B 217 -27.40 67.65 -32.61
N ALA B 218 -28.20 66.58 -32.56
CA ALA B 218 -29.64 66.74 -32.33
C ALA B 218 -29.91 67.36 -30.96
N GLU B 219 -29.36 66.75 -29.90
CA GLU B 219 -29.42 67.31 -28.56
C GLU B 219 -28.39 68.43 -28.46
N GLY B 220 -28.13 68.89 -27.23
CA GLY B 220 -27.07 69.85 -27.00
C GLY B 220 -25.76 69.18 -26.64
N PHE B 221 -24.65 69.88 -26.92
CA PHE B 221 -23.35 69.37 -26.52
C PHE B 221 -23.23 69.29 -25.01
N VAL B 222 -23.89 70.21 -24.29
CA VAL B 222 -23.88 70.15 -22.84
C VAL B 222 -24.75 68.98 -22.35
N LYS B 223 -25.94 68.83 -22.92
CA LYS B 223 -26.83 67.76 -22.48
C LYS B 223 -26.30 66.39 -22.87
N ALA B 224 -25.70 66.27 -24.05
CA ALA B 224 -25.18 64.97 -24.48
C ALA B 224 -24.04 64.50 -23.59
N THR B 225 -23.15 65.41 -23.20
CA THR B 225 -22.02 65.03 -22.37
C THR B 225 -22.43 64.80 -20.92
N THR B 226 -23.34 65.62 -20.41
CA THR B 226 -23.74 65.52 -19.01
C THR B 226 -25.02 64.71 -18.84
N VAL B 227 -26.14 65.24 -19.34
CA VAL B 227 -27.42 64.57 -19.16
C VAL B 227 -27.48 63.29 -19.99
N GLY B 228 -27.07 63.37 -21.26
CA GLY B 228 -26.97 62.19 -22.09
C GLY B 228 -25.87 61.24 -21.66
N GLN B 229 -24.91 61.73 -20.87
CA GLN B 229 -23.87 60.90 -20.28
C GLN B 229 -22.98 60.25 -21.35
N MET B 230 -22.46 61.07 -22.25
CA MET B 230 -21.46 60.58 -23.20
C MET B 230 -20.09 60.44 -22.56
N GLY B 231 -19.87 61.01 -21.38
CA GLY B 231 -18.63 60.79 -20.67
C GLY B 231 -18.47 59.36 -20.19
N TRP B 232 -19.58 58.71 -19.83
CA TRP B 232 -19.53 57.31 -19.44
C TRP B 232 -19.43 56.39 -20.65
N PHE B 233 -20.07 56.76 -21.76
CA PHE B 233 -19.96 55.94 -22.97
C PHE B 233 -18.59 56.10 -23.61
N PHE B 234 -17.99 57.29 -23.52
CA PHE B 234 -16.61 57.45 -23.98
C PHE B 234 -15.64 56.65 -23.11
N LEU B 235 -15.95 56.49 -21.83
CA LEU B 235 -15.14 55.64 -20.96
C LEU B 235 -15.22 54.18 -21.40
N MET B 236 -16.42 53.73 -21.80
CA MET B 236 -16.58 52.38 -22.32
C MET B 236 -15.72 52.17 -23.56
N ALA B 237 -15.66 53.18 -24.43
CA ALA B 237 -14.82 53.07 -25.62
C ALA B 237 -13.34 52.94 -25.23
N VAL B 238 -12.89 53.74 -24.25
CA VAL B 238 -11.51 53.66 -23.80
C VAL B 238 -11.22 52.28 -23.22
N MET B 239 -12.17 51.71 -22.49
CA MET B 239 -12.01 50.35 -21.98
C MET B 239 -11.96 49.34 -23.11
N TYR B 240 -12.83 49.51 -24.12
CA TYR B 240 -12.84 48.59 -25.25
C TYR B 240 -11.58 48.74 -26.09
N ILE B 241 -11.13 49.98 -26.32
CA ILE B 241 -9.90 50.20 -27.05
C ILE B 241 -8.70 49.62 -26.30
N THR B 242 -8.68 49.80 -24.97
CA THR B 242 -7.59 49.25 -24.17
C THR B 242 -7.61 47.73 -24.18
N GLY B 243 -8.80 47.13 -24.03
CA GLY B 243 -8.91 45.68 -24.10
C GLY B 243 -8.48 45.12 -25.43
N ALA B 244 -8.76 45.84 -26.52
CA ALA B 244 -8.32 45.37 -27.84
C ALA B 244 -6.81 45.50 -27.98
N GLY B 245 -6.23 46.56 -27.43
CA GLY B 245 -4.78 46.75 -27.53
C GLY B 245 -4.01 45.68 -26.79
N LEU B 246 -4.38 45.42 -25.54
CA LEU B 246 -3.69 44.40 -24.75
C LEU B 246 -3.87 43.01 -25.34
N TYR B 247 -4.96 42.77 -26.08
CA TYR B 247 -5.18 41.46 -26.69
C TYR B 247 -4.15 41.19 -27.78
N ALA B 248 -3.90 42.20 -28.63
CA ALA B 248 -2.98 42.00 -29.75
C ALA B 248 -1.53 42.23 -29.34
N ALA B 249 -1.29 43.12 -28.37
CA ALA B 249 0.08 43.42 -27.97
C ALA B 249 0.63 42.40 -26.97
N ARG B 250 -0.24 41.79 -26.16
CA ARG B 250 0.17 40.84 -25.12
C ARG B 250 1.14 41.50 -24.15
N ILE B 251 0.73 42.67 -23.63
CA ILE B 251 1.68 43.56 -22.95
C ILE B 251 2.31 42.94 -21.71
N PRO B 252 1.56 42.38 -20.75
CA PRO B 252 2.23 41.89 -19.54
C PRO B 252 3.28 40.81 -19.82
N GLU B 253 2.98 39.83 -20.65
CA GLU B 253 3.93 38.76 -20.92
C GLU B 253 4.94 39.11 -22.01
N ARG B 254 4.73 40.19 -22.75
CA ARG B 254 5.69 40.56 -23.79
C ARG B 254 7.01 41.02 -23.18
N PHE B 255 6.93 41.74 -22.07
CA PHE B 255 8.13 42.33 -21.46
C PHE B 255 8.92 41.31 -20.64
N PHE B 256 8.24 40.34 -20.02
CA PHE B 256 8.88 39.31 -19.20
C PHE B 256 8.29 37.97 -19.60
N PRO B 257 8.84 37.33 -20.64
CA PRO B 257 8.31 36.02 -21.07
C PRO B 257 8.65 34.95 -20.05
N GLY B 258 7.61 34.27 -19.56
CA GLY B 258 7.78 33.22 -18.56
C GLY B 258 7.44 33.61 -17.15
N LYS B 259 7.12 34.87 -16.90
CA LYS B 259 6.76 35.34 -15.57
C LYS B 259 5.28 35.64 -15.41
N PHE B 260 4.50 35.47 -16.48
CA PHE B 260 3.06 35.69 -16.46
C PHE B 260 2.34 34.51 -17.11
N ASP B 261 2.87 33.30 -16.90
CA ASP B 261 2.28 32.13 -17.52
C ASP B 261 0.92 31.79 -16.93
N ILE B 262 0.71 32.07 -15.65
CA ILE B 262 -0.52 31.69 -14.95
C ILE B 262 -1.42 32.90 -14.71
N TRP B 263 -0.93 33.89 -13.97
CA TRP B 263 -1.74 35.01 -13.53
C TRP B 263 -1.29 36.31 -14.18
N PHE B 264 -2.26 37.24 -14.31
CA PHE B 264 -1.99 38.60 -14.79
C PHE B 264 -1.42 38.60 -16.20
N GLN B 265 -1.96 37.76 -17.07
CA GLN B 265 -1.60 37.82 -18.48
C GLN B 265 -2.58 38.71 -19.23
N SER B 266 -2.20 39.08 -20.46
CA SER B 266 -2.97 40.06 -21.22
C SER B 266 -4.40 39.59 -21.45
N HIS B 267 -4.59 38.30 -21.74
CA HIS B 267 -5.93 37.80 -21.99
C HIS B 267 -6.80 37.88 -20.74
N GLN B 268 -6.21 37.67 -19.56
CA GLN B 268 -6.96 37.83 -18.32
C GLN B 268 -7.35 39.29 -18.09
N ILE B 269 -6.52 40.24 -18.54
CA ILE B 269 -6.86 41.64 -18.40
C ILE B 269 -7.91 42.05 -19.42
N PHE B 270 -7.81 41.53 -20.64
CA PHE B 270 -8.82 41.81 -21.66
C PHE B 270 -10.18 41.25 -21.25
N HIS B 271 -10.19 40.12 -20.53
CA HIS B 271 -11.46 39.58 -20.07
C HIS B 271 -12.12 40.49 -19.04
N VAL B 272 -11.33 41.01 -18.10
CA VAL B 272 -11.89 41.87 -17.05
C VAL B 272 -12.38 43.18 -17.66
N LEU B 273 -11.66 43.71 -18.66
CA LEU B 273 -12.10 44.92 -19.32
C LEU B 273 -13.40 44.72 -20.09
N VAL B 274 -13.63 43.50 -20.59
CA VAL B 274 -14.87 43.24 -21.31
C VAL B 274 -16.07 43.32 -20.37
N VAL B 275 -16.03 42.58 -19.26
CA VAL B 275 -17.13 42.63 -18.31
C VAL B 275 -17.23 43.98 -17.62
N ALA B 276 -16.13 44.74 -17.56
CA ALA B 276 -16.21 46.08 -17.00
C ALA B 276 -16.86 47.05 -17.98
N ALA B 277 -16.40 47.06 -19.24
CA ALA B 277 -16.98 47.92 -20.24
C ALA B 277 -18.45 47.56 -20.49
N ALA B 278 -18.76 46.27 -20.49
CA ALA B 278 -20.15 45.86 -20.65
C ALA B 278 -21.00 46.21 -19.44
N PHE B 279 -20.38 46.43 -18.28
CA PHE B 279 -21.14 46.90 -17.12
C PHE B 279 -21.31 48.41 -17.15
N VAL B 280 -20.27 49.14 -17.56
CA VAL B 280 -20.39 50.59 -17.72
C VAL B 280 -21.41 50.93 -18.79
N HIS B 281 -21.52 50.10 -19.83
CA HIS B 281 -22.54 50.34 -20.85
C HIS B 281 -23.94 50.15 -20.29
N PHE B 282 -24.15 49.13 -19.46
CA PHE B 282 -25.45 48.93 -18.83
C PHE B 282 -25.76 50.06 -17.86
N TYR B 283 -24.78 50.47 -17.05
CA TYR B 283 -24.99 51.56 -16.11
C TYR B 283 -25.23 52.88 -16.86
N GLY B 284 -24.53 53.08 -17.98
CA GLY B 284 -24.71 54.30 -18.74
C GLY B 284 -26.04 54.35 -19.48
N VAL B 285 -26.48 53.20 -20.01
CA VAL B 285 -27.75 53.17 -20.72
C VAL B 285 -28.94 53.12 -19.76
N SER B 286 -28.73 52.67 -18.52
CA SER B 286 -29.83 52.66 -17.56
C SER B 286 -30.17 54.07 -17.09
N ASN B 287 -29.16 54.90 -16.86
CA ASN B 287 -29.41 56.29 -16.51
C ASN B 287 -29.98 57.07 -17.69
N LEU B 288 -29.67 56.63 -18.92
CA LEU B 288 -30.29 57.22 -20.09
C LEU B 288 -31.77 56.88 -20.17
N GLN B 289 -32.18 55.77 -19.56
CA GLN B 289 -33.60 55.42 -19.51
C GLN B 289 -34.37 56.40 -18.63
N GLU B 290 -33.84 56.70 -17.44
CA GLU B 290 -34.48 57.68 -16.58
C GLU B 290 -34.46 59.08 -17.18
N PHE B 291 -33.51 59.37 -18.08
CA PHE B 291 -33.47 60.66 -18.74
C PHE B 291 -34.70 60.86 -19.63
N ARG B 292 -35.10 59.84 -20.37
CA ARG B 292 -36.27 59.95 -21.23
C ARG B 292 -37.56 59.98 -20.44
N TYR B 293 -37.53 59.60 -19.16
CA TYR B 293 -38.73 59.62 -18.33
C TYR B 293 -38.97 60.97 -17.68
N GLY B 294 -37.94 61.81 -17.53
CA GLY B 294 -38.09 63.09 -16.86
C GLY B 294 -38.14 64.27 -17.81
N LEU B 295 -37.40 65.32 -17.47
CA LEU B 295 -37.39 66.53 -18.30
C LEU B 295 -36.61 66.28 -19.58
N GLU B 296 -37.05 66.95 -20.65
CA GLU B 296 -36.43 66.83 -21.98
C GLU B 296 -36.44 65.37 -22.44
N GLY B 297 -37.63 64.80 -22.51
CA GLY B 297 -37.79 63.40 -22.88
C GLY B 297 -38.69 63.17 -24.06
N GLY B 298 -39.63 64.09 -24.31
CA GLY B 298 -40.57 63.97 -25.41
C GLY B 298 -40.19 64.85 -26.59
N CYS B 299 -41.15 64.99 -27.51
CA CYS B 299 -40.98 65.83 -28.69
C CYS B 299 -41.19 67.29 -28.36
N SER C 18 -2.41 -44.35 -2.10
CA SER C 18 -3.69 -43.65 -2.02
C SER C 18 -3.87 -42.96 -0.67
N GLU C 19 -3.23 -43.51 0.36
CA GLU C 19 -3.26 -42.95 1.70
C GLU C 19 -1.83 -42.70 2.17
N GLY C 20 -1.63 -41.57 2.84
CA GLY C 20 -0.30 -41.19 3.26
C GLY C 20 0.53 -40.52 2.20
N ARG C 21 -0.07 -39.66 1.38
CA ARG C 21 0.64 -38.98 0.31
C ARG C 21 1.55 -37.90 0.86
N TRP C 22 2.65 -37.65 0.14
CA TRP C 22 3.60 -36.63 0.54
C TRP C 22 4.48 -36.28 -0.66
N ARG C 23 5.12 -35.12 -0.56
CA ARG C 23 6.07 -34.65 -1.57
C ARG C 23 7.33 -34.14 -0.88
N VAL C 24 8.43 -34.13 -1.64
CA VAL C 24 9.68 -33.59 -1.13
C VAL C 24 9.56 -32.08 -0.96
N ILE C 25 10.34 -31.54 -0.03
CA ILE C 25 10.27 -30.11 0.29
C ILE C 25 11.68 -29.53 0.21
N PRO C 26 11.78 -28.20 0.05
CA PRO C 26 13.10 -27.56 0.07
C PRO C 26 13.71 -27.53 1.46
N TYR C 27 14.82 -26.82 1.62
CA TYR C 27 15.52 -26.79 2.90
C TYR C 27 14.93 -25.75 3.85
N ASP C 28 14.34 -24.68 3.33
CA ASP C 28 13.90 -23.59 4.18
C ASP C 28 12.63 -23.94 4.97
N VAL C 29 11.75 -24.73 4.40
CA VAL C 29 10.48 -25.07 5.05
C VAL C 29 10.68 -26.30 5.94
N LEU C 30 11.93 -26.68 6.15
CA LEU C 30 12.23 -27.76 7.08
C LEU C 30 12.14 -27.27 8.52
N PRO C 31 11.77 -28.16 9.46
CA PRO C 31 11.83 -27.79 10.88
C PRO C 31 13.27 -27.77 11.36
N ASP C 32 13.46 -27.29 12.60
CA ASP C 32 14.79 -27.15 13.14
C ASP C 32 15.46 -28.49 13.43
N TRP C 33 14.66 -29.53 13.71
CA TRP C 33 15.20 -30.85 14.02
C TRP C 33 15.50 -31.67 12.77
N LEU C 34 15.45 -31.07 11.58
CA LEU C 34 15.82 -31.73 10.34
C LEU C 34 16.83 -30.96 9.52
N LYS C 35 17.37 -29.85 10.03
CA LYS C 35 18.35 -29.05 9.30
C LYS C 35 19.77 -29.45 9.69
N ASP C 36 20.09 -30.73 9.43
CA ASP C 36 21.41 -31.25 9.76
C ASP C 36 22.46 -30.90 8.70
N ASN C 37 22.04 -30.70 7.45
CA ASN C 37 22.94 -30.37 6.36
C ASN C 37 22.31 -29.27 5.52
N ASP C 38 22.93 -28.10 5.50
CA ASP C 38 22.40 -26.95 4.77
C ASP C 38 22.90 -26.88 3.33
N TYR C 39 23.73 -27.83 2.89
CA TYR C 39 24.17 -27.89 1.51
C TYR C 39 23.23 -28.73 0.63
N LEU C 40 22.26 -29.42 1.24
CA LEU C 40 21.24 -30.16 0.49
C LEU C 40 20.04 -29.24 0.33
N LEU C 41 20.00 -28.53 -0.81
CA LEU C 41 19.03 -27.46 -1.00
C LEU C 41 17.62 -27.94 -1.26
N HIS C 42 17.43 -29.18 -1.70
CA HIS C 42 16.10 -29.66 -2.07
C HIS C 42 16.07 -31.17 -1.99
N GLY C 43 14.85 -31.71 -1.87
CA GLY C 43 14.64 -33.14 -1.89
C GLY C 43 14.46 -33.79 -0.54
N HIS C 44 14.19 -33.03 0.51
CA HIS C 44 14.04 -33.59 1.85
C HIS C 44 12.64 -34.15 2.05
N ARG C 45 12.54 -35.13 2.96
CA ARG C 45 11.24 -35.66 3.31
C ARG C 45 10.57 -34.77 4.36
N PRO C 46 9.27 -34.53 4.24
CA PRO C 46 8.57 -33.73 5.25
C PRO C 46 8.33 -34.55 6.50
N PRO C 47 8.12 -33.90 7.64
CA PRO C 47 7.79 -34.65 8.86
C PRO C 47 6.49 -35.43 8.71
N MET C 48 6.57 -36.74 8.98
CA MET C 48 5.43 -37.65 8.83
C MET C 48 5.38 -38.57 10.04
N PRO C 49 4.55 -38.26 11.05
CA PRO C 49 4.48 -39.10 12.25
C PRO C 49 3.78 -40.42 12.01
N SER C 50 4.34 -41.25 11.12
CA SER C 50 3.79 -42.56 10.80
C SER C 50 4.92 -43.46 10.37
N PHE C 51 5.10 -44.60 11.05
CA PHE C 51 6.14 -45.54 10.66
C PHE C 51 5.84 -46.16 9.31
N ARG C 52 4.57 -46.27 8.94
CA ARG C 52 4.22 -46.80 7.62
C ARG C 52 4.70 -45.89 6.51
N ALA C 53 4.50 -44.57 6.67
CA ALA C 53 4.96 -43.63 5.66
C ALA C 53 6.49 -43.56 5.60
N CYS C 54 7.16 -43.71 6.75
CA CYS C 54 8.61 -43.70 6.75
C CYS C 54 9.19 -44.95 6.13
N PHE C 55 8.58 -46.11 6.41
CA PHE C 55 9.09 -47.36 5.84
C PHE C 55 8.76 -47.47 4.35
N LYS C 56 7.65 -46.88 3.92
CA LYS C 56 7.36 -46.84 2.49
C LYS C 56 8.20 -45.81 1.76
N SER C 57 8.77 -44.84 2.49
CA SER C 57 9.67 -43.86 1.89
C SER C 57 11.02 -44.46 1.51
N ILE C 58 11.28 -45.72 1.87
CA ILE C 58 12.50 -46.39 1.43
C ILE C 58 12.53 -46.50 -0.08
N PHE C 59 11.37 -46.70 -0.70
CA PHE C 59 11.25 -46.87 -2.15
C PHE C 59 10.84 -45.58 -2.85
N ARG C 60 11.21 -44.42 -2.29
CA ARG C 60 10.96 -43.13 -2.91
C ARG C 60 12.26 -42.35 -2.98
N ILE C 61 12.35 -41.47 -3.98
CA ILE C 61 13.55 -40.67 -4.20
C ILE C 61 13.52 -39.47 -3.24
N HIS C 62 14.49 -39.42 -2.33
CA HIS C 62 14.66 -38.28 -1.43
C HIS C 62 16.12 -38.25 -0.99
N THR C 63 16.43 -37.37 -0.03
CA THR C 63 17.81 -37.17 0.38
C THR C 63 18.35 -38.39 1.14
N GLU C 64 17.53 -38.96 2.02
CA GLU C 64 17.97 -40.08 2.85
C GLU C 64 17.94 -41.41 2.13
N THR C 65 17.46 -41.45 0.87
CA THR C 65 17.36 -42.72 0.15
C THR C 65 18.71 -43.38 0.00
N GLY C 66 19.76 -42.59 -0.25
CA GLY C 66 21.10 -43.16 -0.37
C GLY C 66 21.63 -43.70 0.94
N ASN C 67 21.39 -42.99 2.04
CA ASN C 67 21.89 -43.43 3.33
C ASN C 67 21.16 -44.70 3.80
N ILE C 68 19.93 -44.90 3.35
CA ILE C 68 19.16 -46.07 3.77
C ILE C 68 19.70 -47.33 3.11
N TRP C 69 19.80 -47.31 1.77
CA TRP C 69 20.17 -48.52 1.04
C TRP C 69 21.64 -48.88 1.21
N THR C 70 22.52 -47.89 1.39
CA THR C 70 23.94 -48.18 1.54
C THR C 70 24.21 -49.00 2.79
N HIS C 71 23.42 -48.82 3.84
CA HIS C 71 23.52 -49.64 5.03
C HIS C 71 22.40 -50.67 5.15
N LEU C 72 21.45 -50.68 4.21
CA LEU C 72 20.53 -51.80 4.11
C LEU C 72 21.14 -52.95 3.32
N LEU C 73 22.01 -52.64 2.35
CA LEU C 73 22.73 -53.68 1.63
C LEU C 73 23.81 -54.29 2.51
N GLY C 74 24.62 -53.44 3.16
CA GLY C 74 25.68 -53.95 4.02
C GLY C 74 25.16 -54.73 5.20
N PHE C 75 23.97 -54.40 5.68
CA PHE C 75 23.34 -55.19 6.75
C PHE C 75 23.03 -56.60 6.28
N VAL C 76 22.65 -56.75 5.01
CA VAL C 76 22.42 -58.09 4.45
C VAL C 76 23.74 -58.79 4.19
N LEU C 77 24.78 -58.05 3.78
CA LEU C 77 26.08 -58.66 3.49
C LEU C 77 26.66 -59.31 4.72
N PHE C 78 26.73 -58.57 5.83
CA PHE C 78 27.27 -59.14 7.07
C PHE C 78 26.30 -60.13 7.72
N LEU C 79 25.03 -60.14 7.32
CA LEU C 79 24.16 -61.26 7.67
C LEU C 79 24.48 -62.48 6.83
N PHE C 80 24.79 -62.28 5.54
CA PHE C 80 25.21 -63.38 4.69
C PHE C 80 26.57 -63.92 5.11
N LEU C 81 27.56 -63.03 5.25
CA LEU C 81 28.89 -63.47 5.65
C LEU C 81 28.92 -63.97 7.09
N GLY C 82 28.09 -63.39 7.96
CA GLY C 82 28.12 -63.79 9.36
C GLY C 82 27.55 -65.18 9.58
N ILE C 83 26.37 -65.45 9.05
CA ILE C 83 25.73 -66.75 9.25
C ILE C 83 26.46 -67.83 8.48
N LEU C 84 27.02 -67.49 7.30
CA LEU C 84 27.79 -68.48 6.54
C LEU C 84 29.07 -68.87 7.27
N THR C 85 29.62 -67.96 8.08
CA THR C 85 30.81 -68.27 8.87
C THR C 85 30.44 -69.06 10.13
N MET C 86 29.33 -68.72 10.77
CA MET C 86 28.90 -69.42 11.98
C MET C 86 28.39 -70.83 11.68
N LEU C 87 28.08 -71.14 10.42
CA LEU C 87 27.62 -72.46 10.03
C LEU C 87 28.71 -73.28 9.35
N ARG C 88 29.95 -72.82 9.37
CA ARG C 88 31.04 -73.62 8.81
C ARG C 88 31.28 -74.83 9.70
N PRO C 89 31.60 -75.98 9.11
CA PRO C 89 31.79 -77.20 9.92
C PRO C 89 32.87 -77.01 10.97
N ASN C 90 32.59 -77.51 12.18
CA ASN C 90 33.51 -77.40 13.30
C ASN C 90 34.80 -78.16 13.09
N MET C 91 34.86 -79.08 12.13
CA MET C 91 36.09 -79.79 11.83
C MET C 91 37.13 -78.93 11.13
N TYR C 92 36.78 -77.69 10.78
CA TYR C 92 37.73 -76.78 10.12
C TYR C 92 38.49 -75.90 11.11
N PHE C 93 37.85 -75.51 12.21
CA PHE C 93 38.45 -74.61 13.19
C PHE C 93 38.66 -75.34 14.51
N MET C 94 39.84 -75.17 15.09
CA MET C 94 40.14 -75.73 16.40
C MET C 94 39.55 -74.87 17.49
N ALA C 95 39.15 -75.52 18.60
CA ALA C 95 38.46 -74.87 19.71
C ALA C 95 37.26 -74.09 19.21
N PRO C 96 36.20 -74.76 18.73
CA PRO C 96 35.08 -74.04 18.12
C PRO C 96 34.21 -73.32 19.14
N LEU C 97 34.28 -73.68 20.42
CA LEU C 97 33.47 -73.01 21.43
C LEU C 97 33.87 -71.55 21.58
N GLN C 98 35.16 -71.26 21.63
CA GLN C 98 35.65 -69.90 21.81
C GLN C 98 35.73 -69.12 20.50
N GLU C 99 36.16 -69.77 19.42
CA GLU C 99 36.35 -69.05 18.16
C GLU C 99 35.02 -68.62 17.56
N LYS C 100 34.01 -69.49 17.59
CA LYS C 100 32.70 -69.10 17.06
C LYS C 100 32.07 -67.99 17.90
N VAL C 101 32.27 -68.03 19.21
CA VAL C 101 31.79 -66.95 20.07
C VAL C 101 32.59 -65.68 19.83
N VAL C 102 33.90 -65.82 19.61
CA VAL C 102 34.75 -64.66 19.33
C VAL C 102 34.33 -64.00 18.02
N PHE C 103 34.05 -64.80 16.99
CA PHE C 103 33.58 -64.24 15.73
C PHE C 103 32.11 -63.83 15.80
N GLY C 104 31.32 -64.50 16.63
CA GLY C 104 29.92 -64.13 16.78
C GLY C 104 29.74 -62.73 17.32
N MET C 105 30.63 -62.29 18.20
CA MET C 105 30.56 -60.94 18.74
C MET C 105 30.91 -59.88 17.70
N PHE C 106 31.60 -60.26 16.63
CA PHE C 106 31.92 -59.30 15.58
C PHE C 106 30.73 -59.06 14.65
N PHE C 107 30.18 -60.14 14.09
CA PHE C 107 29.06 -60.00 13.17
C PHE C 107 27.81 -59.51 13.89
N LEU C 108 27.68 -59.80 15.19
CA LEU C 108 26.57 -59.25 15.95
C LEU C 108 26.65 -57.73 16.01
N GLY C 109 27.84 -57.20 16.27
CA GLY C 109 28.01 -55.75 16.28
C GLY C 109 28.03 -55.15 14.88
N ALA C 110 28.54 -55.89 13.90
CA ALA C 110 28.56 -55.38 12.54
C ALA C 110 27.15 -55.33 11.93
N VAL C 111 26.25 -56.18 12.41
CA VAL C 111 24.87 -56.15 11.92
C VAL C 111 24.08 -55.06 12.63
N LEU C 112 24.21 -54.97 13.95
CA LEU C 112 23.45 -53.98 14.71
C LEU C 112 23.90 -52.55 14.40
N CYS C 113 25.19 -52.35 14.13
CA CYS C 113 25.64 -51.02 13.72
C CYS C 113 25.05 -50.61 12.38
N LEU C 114 24.88 -51.57 11.47
CA LEU C 114 24.30 -51.28 10.16
C LEU C 114 22.78 -51.33 10.17
N SER C 115 22.17 -52.19 10.99
CA SER C 115 20.72 -52.23 11.06
C SER C 115 20.16 -51.00 11.75
N PHE C 116 20.78 -50.58 12.87
CA PHE C 116 20.36 -49.35 13.53
C PHE C 116 20.58 -48.12 12.67
N SER C 117 21.50 -48.18 11.71
CA SER C 117 21.76 -47.03 10.87
C SER C 117 20.63 -46.80 9.87
N TRP C 118 20.36 -47.79 9.02
CA TRP C 118 19.31 -47.59 8.02
C TRP C 118 17.93 -47.47 8.66
N LEU C 119 17.74 -48.05 9.86
CA LEU C 119 16.51 -47.83 10.59
C LEU C 119 16.40 -46.38 11.05
N PHE C 120 17.49 -45.82 11.58
CA PHE C 120 17.47 -44.44 12.01
C PHE C 120 17.25 -43.50 10.82
N HIS C 121 17.90 -43.80 9.69
CA HIS C 121 17.75 -42.94 8.51
C HIS C 121 16.36 -43.01 7.89
N THR C 122 15.59 -44.06 8.19
CA THR C 122 14.23 -44.14 7.68
C THR C 122 13.26 -43.36 8.57
N VAL C 123 13.34 -43.58 9.88
CA VAL C 123 12.41 -42.93 10.82
C VAL C 123 12.95 -41.57 11.22
N TYR C 124 13.93 -41.06 10.46
CA TYR C 124 14.50 -39.76 10.76
C TYR C 124 13.52 -38.62 10.52
N CYS C 125 12.49 -38.84 9.71
CA CYS C 125 11.49 -37.82 9.42
C CYS C 125 10.18 -38.06 10.14
N HIS C 126 10.13 -39.01 11.07
CA HIS C 126 8.90 -39.30 11.80
C HIS C 126 8.52 -38.14 12.72
N SER C 127 9.25 -37.99 13.81
CA SER C 127 9.00 -36.91 14.78
C SER C 127 10.32 -36.58 15.47
N GLU C 128 10.30 -35.50 16.25
CA GLU C 128 11.50 -35.12 16.98
C GLU C 128 11.87 -36.17 18.02
N LYS C 129 10.86 -36.79 18.65
CA LYS C 129 11.14 -37.85 19.62
C LYS C 129 11.75 -39.07 18.94
N VAL C 130 11.11 -39.56 17.88
CA VAL C 130 11.61 -40.74 17.19
C VAL C 130 12.99 -40.48 16.59
N SER C 131 13.22 -39.27 16.09
CA SER C 131 14.53 -38.93 15.55
C SER C 131 15.60 -39.01 16.63
N ARG C 132 15.35 -38.41 17.79
CA ARG C 132 16.32 -38.44 18.87
C ARG C 132 16.40 -39.82 19.52
N THR C 133 15.31 -40.60 19.46
CA THR C 133 15.32 -41.93 20.05
C THR C 133 16.23 -42.87 19.25
N PHE C 134 15.93 -43.06 17.96
CA PHE C 134 16.75 -43.92 17.13
C PHE C 134 18.14 -43.34 16.88
N SER C 135 18.37 -42.06 17.21
CA SER C 135 19.72 -41.52 17.16
C SER C 135 20.59 -42.14 18.25
N LYS C 136 20.00 -42.48 19.40
CA LYS C 136 20.75 -43.15 20.44
C LYS C 136 21.16 -44.56 20.01
N LEU C 137 20.24 -45.30 19.39
CA LEU C 137 20.56 -46.64 18.90
C LEU C 137 21.66 -46.59 17.84
N ALA C 138 21.64 -45.57 16.99
CA ALA C 138 22.67 -45.44 15.97
C ALA C 138 24.04 -45.26 16.60
N TYR C 139 24.13 -44.43 17.64
CA TYR C 139 25.40 -44.26 18.34
C TYR C 139 25.70 -45.45 19.25
N SER C 140 24.67 -46.09 19.82
CA SER C 140 24.90 -47.31 20.57
C SER C 140 25.38 -48.43 19.66
N GLY C 141 24.87 -48.49 18.43
CA GLY C 141 25.36 -49.45 17.47
C GLY C 141 26.81 -49.21 17.07
N ILE C 142 27.25 -47.96 17.12
CA ILE C 142 28.65 -47.66 16.83
C ILE C 142 29.56 -48.36 17.82
N ALA C 143 29.26 -48.21 19.12
CA ALA C 143 30.07 -48.85 20.15
C ALA C 143 30.02 -50.37 20.04
N LEU C 144 28.88 -50.92 19.59
CA LEU C 144 28.80 -52.36 19.36
C LEU C 144 29.74 -52.80 18.24
N LEU C 145 29.93 -51.96 17.23
CA LEU C 145 30.88 -52.28 16.17
C LEU C 145 32.31 -52.13 16.65
N ILE C 146 32.57 -51.19 17.56
CA ILE C 146 33.92 -51.04 18.10
C ILE C 146 34.24 -52.19 19.04
N MET C 147 33.28 -52.59 19.88
CA MET C 147 33.49 -53.75 20.74
C MET C 147 33.67 -55.02 19.91
N GLY C 148 32.76 -55.24 18.96
CA GLY C 148 32.81 -56.44 18.13
C GLY C 148 34.05 -56.53 17.28
N SER C 149 34.72 -55.41 17.02
CA SER C 149 35.96 -55.46 16.25
C SER C 149 37.17 -55.77 17.12
N PHE C 150 37.07 -55.57 18.43
CA PHE C 150 38.19 -55.83 19.32
C PHE C 150 38.27 -57.29 19.74
N VAL C 151 37.13 -57.99 19.77
CA VAL C 151 37.13 -59.38 20.24
C VAL C 151 37.94 -60.30 19.34
N PRO C 152 37.71 -60.35 18.02
CA PRO C 152 38.53 -61.25 17.19
C PRO C 152 39.95 -60.77 16.98
N TRP C 153 40.25 -59.50 17.27
CA TRP C 153 41.61 -59.01 17.12
C TRP C 153 42.46 -59.36 18.34
N LEU C 154 41.98 -59.03 19.54
CA LEU C 154 42.70 -59.37 20.76
C LEU C 154 42.80 -60.86 21.01
N TYR C 155 41.86 -61.64 20.47
CA TYR C 155 41.89 -63.09 20.70
C TYR C 155 42.98 -63.75 19.87
N TYR C 156 43.14 -63.35 18.61
CA TYR C 156 44.16 -63.94 17.75
C TYR C 156 45.53 -63.29 17.91
N SER C 157 45.57 -61.98 18.19
CA SER C 157 46.85 -61.32 18.45
C SER C 157 47.47 -61.78 19.76
N PHE C 158 46.66 -62.30 20.69
CA PHE C 158 47.13 -62.78 21.99
C PHE C 158 46.64 -64.20 22.24
N TYR C 159 46.79 -65.06 21.23
CA TYR C 159 46.46 -66.48 21.42
C TYR C 159 47.42 -67.12 22.42
N CYS C 160 48.73 -66.92 22.23
CA CYS C 160 49.72 -67.49 23.12
C CYS C 160 49.90 -66.70 24.40
N SER C 161 49.37 -65.48 24.47
CA SER C 161 49.56 -64.60 25.63
C SER C 161 48.22 -64.41 26.34
N PRO C 162 47.92 -65.20 27.37
CA PRO C 162 46.66 -65.01 28.10
C PRO C 162 46.70 -63.88 29.12
N GLN C 163 47.89 -63.51 29.59
CA GLN C 163 48.00 -62.40 30.55
C GLN C 163 47.43 -61.09 30.01
N PRO C 164 47.77 -60.64 28.78
CA PRO C 164 47.16 -59.39 28.30
C PRO C 164 45.86 -59.63 27.54
N ARG C 165 45.63 -60.85 27.08
CA ARG C 165 44.39 -61.15 26.35
C ARG C 165 43.17 -60.94 27.22
N LEU C 166 43.25 -61.34 28.50
CA LEU C 166 42.14 -61.13 29.41
C LEU C 166 42.06 -59.68 29.87
N ILE C 167 43.21 -59.04 30.09
CA ILE C 167 43.22 -57.67 30.57
C ILE C 167 42.76 -56.71 29.47
N TYR C 168 43.18 -56.96 28.22
CA TYR C 168 42.77 -56.08 27.14
C TYR C 168 41.30 -56.27 26.80
N LEU C 169 40.81 -57.51 26.82
CA LEU C 169 39.39 -57.76 26.59
C LEU C 169 38.52 -57.24 27.72
N SER C 170 39.07 -57.08 28.92
CA SER C 170 38.29 -56.58 30.04
C SER C 170 38.05 -55.08 29.92
N ILE C 171 39.09 -54.31 29.58
CA ILE C 171 38.94 -52.86 29.44
C ILE C 171 38.00 -52.54 28.29
N VAL C 172 38.02 -53.35 27.22
CA VAL C 172 37.11 -53.14 26.11
C VAL C 172 35.68 -53.46 26.53
N CYS C 173 35.50 -54.53 27.31
CA CYS C 173 34.17 -54.96 27.70
C CYS C 173 33.51 -54.02 28.71
N VAL C 174 34.23 -53.05 29.24
CA VAL C 174 33.66 -52.09 30.17
C VAL C 174 33.57 -50.68 29.58
N LEU C 175 34.40 -50.33 28.60
CA LEU C 175 34.27 -49.02 27.96
C LEU C 175 33.12 -48.99 26.97
N GLY C 176 32.88 -50.10 26.27
CA GLY C 176 31.75 -50.16 25.35
C GLY C 176 30.42 -50.15 26.08
N ILE C 177 30.36 -50.80 27.25
CA ILE C 177 29.15 -50.73 28.06
C ILE C 177 28.96 -49.32 28.59
N SER C 178 30.04 -48.65 28.98
CA SER C 178 29.96 -47.26 29.39
C SER C 178 29.53 -46.36 28.24
N ALA C 179 29.92 -46.69 27.01
CA ALA C 179 29.52 -45.89 25.86
C ALA C 179 28.02 -46.04 25.57
N ILE C 180 27.49 -47.26 25.66
CA ILE C 180 26.07 -47.47 25.48
C ILE C 180 25.28 -46.79 26.60
N ILE C 181 25.83 -46.77 27.82
CA ILE C 181 25.15 -46.10 28.93
C ILE C 181 25.02 -44.61 28.65
N VAL C 182 26.15 -43.95 28.36
CA VAL C 182 26.13 -42.51 28.12
C VAL C 182 25.45 -42.13 26.81
N ALA C 183 25.18 -43.10 25.94
CA ALA C 183 24.49 -42.83 24.69
C ALA C 183 22.98 -42.90 24.82
N GLN C 184 22.46 -43.54 25.87
CA GLN C 184 21.03 -43.65 26.07
C GLN C 184 20.59 -43.24 27.48
N TRP C 185 21.45 -42.55 28.23
CA TRP C 185 21.13 -42.17 29.59
C TRP C 185 20.22 -40.94 29.62
N ASP C 186 19.73 -40.62 30.82
CA ASP C 186 18.83 -39.48 30.98
C ASP C 186 19.60 -38.17 31.09
N ARG C 187 20.42 -38.03 32.13
CA ARG C 187 21.19 -36.83 32.37
C ARG C 187 22.53 -36.82 31.63
N PHE C 188 22.73 -37.72 30.67
CA PHE C 188 23.89 -37.68 29.80
C PHE C 188 23.59 -37.14 28.42
N ALA C 189 22.32 -37.16 27.99
CA ALA C 189 21.92 -36.54 26.74
C ALA C 189 21.85 -35.02 26.83
N THR C 190 22.07 -34.45 28.01
CA THR C 190 22.09 -33.00 28.17
C THR C 190 23.32 -32.41 27.52
N PRO C 191 23.29 -31.13 27.14
CA PRO C 191 24.45 -30.52 26.47
C PRO C 191 25.70 -30.41 27.32
N LYS C 192 25.60 -30.59 28.64
CA LYS C 192 26.79 -30.47 29.48
C LYS C 192 27.75 -31.64 29.28
N HIS C 193 27.23 -32.83 28.97
CA HIS C 193 28.04 -34.04 28.94
C HIS C 193 28.44 -34.45 27.52
N ARG C 194 28.49 -33.49 26.58
CA ARG C 194 28.96 -33.84 25.24
C ARG C 194 30.44 -34.22 25.26
N GLN C 195 31.22 -33.65 26.18
CA GLN C 195 32.60 -34.10 26.35
C GLN C 195 32.66 -35.53 26.83
N THR C 196 31.73 -35.92 27.70
CA THR C 196 31.72 -37.29 28.23
C THR C 196 31.31 -38.29 27.16
N ARG C 197 30.22 -38.00 26.44
CA ARG C 197 29.77 -38.90 25.39
C ARG C 197 30.81 -39.04 24.30
N ALA C 198 31.46 -37.95 23.92
CA ALA C 198 32.54 -38.04 22.94
C ALA C 198 33.80 -38.61 23.56
N GLY C 199 33.98 -38.44 24.87
CA GLY C 199 35.15 -38.93 25.55
C GLY C 199 35.15 -40.43 25.79
N VAL C 200 33.98 -40.98 26.14
CA VAL C 200 33.87 -42.42 26.32
C VAL C 200 33.98 -43.14 24.99
N PHE C 201 33.40 -42.56 23.93
CA PHE C 201 33.53 -43.15 22.61
C PHE C 201 34.96 -43.03 22.08
N LEU C 202 35.67 -41.95 22.45
CA LEU C 202 37.07 -41.83 22.05
C LEU C 202 37.95 -42.76 22.87
N GLY C 203 37.64 -42.92 24.16
CA GLY C 203 38.37 -43.88 24.98
C GLY C 203 38.15 -45.31 24.55
N LEU C 204 37.00 -45.60 23.95
CA LEU C 204 36.78 -46.94 23.41
C LEU C 204 37.60 -47.17 22.15
N GLY C 205 37.72 -46.14 21.30
CA GLY C 205 38.54 -46.27 20.12
C GLY C 205 40.02 -46.28 20.43
N LEU C 206 40.44 -45.46 21.39
CA LEU C 206 41.84 -45.39 21.81
C LEU C 206 42.21 -46.47 22.81
N SER C 207 41.34 -47.44 23.06
CA SER C 207 41.69 -48.60 23.87
C SER C 207 42.41 -49.67 23.06
N GLY C 208 42.75 -49.37 21.81
CA GLY C 208 43.43 -50.32 20.96
C GLY C 208 44.87 -49.94 20.67
N VAL C 209 45.23 -48.69 20.98
CA VAL C 209 46.60 -48.24 20.71
C VAL C 209 47.58 -48.90 21.67
N VAL C 210 47.17 -49.15 22.91
CA VAL C 210 48.04 -49.77 23.90
C VAL C 210 48.26 -51.24 23.57
N PRO C 211 47.21 -52.04 23.30
CA PRO C 211 47.46 -53.43 22.90
C PRO C 211 48.11 -53.56 21.53
N THR C 212 48.07 -52.53 20.69
CA THR C 212 48.70 -52.63 19.38
C THR C 212 50.22 -52.65 19.49
N MET C 213 50.79 -51.74 20.28
CA MET C 213 52.23 -51.74 20.48
C MET C 213 52.67 -52.91 21.35
N HIS C 214 51.83 -53.35 22.28
CA HIS C 214 52.13 -54.55 23.05
C HIS C 214 52.28 -55.76 22.12
N PHE C 215 51.34 -55.91 21.18
CA PHE C 215 51.45 -56.98 20.20
C PHE C 215 52.67 -56.78 19.30
N THR C 216 53.00 -55.52 18.98
CA THR C 216 54.14 -55.26 18.12
C THR C 216 55.47 -55.54 18.84
N ILE C 217 55.51 -55.34 20.15
CA ILE C 217 56.74 -55.58 20.89
C ILE C 217 57.02 -57.09 21.00
N ALA C 218 55.99 -57.87 21.31
CA ALA C 218 56.17 -59.31 21.52
C ALA C 218 56.28 -60.10 20.23
N GLU C 219 56.03 -59.49 19.08
CA GLU C 219 56.06 -60.18 17.80
C GLU C 219 57.03 -59.57 16.80
N GLY C 220 57.77 -58.55 17.17
CA GLY C 220 58.68 -57.89 16.25
C GLY C 220 57.96 -56.96 15.29
N PHE C 221 58.61 -55.86 14.90
CA PHE C 221 57.93 -54.89 14.04
C PHE C 221 57.68 -55.44 12.65
N VAL C 222 58.62 -56.22 12.11
CA VAL C 222 58.47 -56.76 10.76
C VAL C 222 57.31 -57.75 10.70
N LYS C 223 57.36 -58.78 11.55
CA LYS C 223 56.33 -59.82 11.51
C LYS C 223 54.98 -59.33 11.99
N ALA C 224 54.92 -58.23 12.75
CA ALA C 224 53.64 -57.68 13.13
C ALA C 224 52.88 -57.13 11.93
N THR C 225 53.60 -56.60 10.94
CA THR C 225 52.98 -55.94 9.80
C THR C 225 53.00 -56.77 8.53
N THR C 226 53.82 -57.82 8.45
CA THR C 226 53.88 -58.65 7.24
C THR C 226 53.10 -59.95 7.37
N VAL C 227 52.96 -60.50 8.57
CA VAL C 227 52.13 -61.68 8.77
C VAL C 227 51.10 -61.52 9.87
N GLY C 228 51.24 -60.53 10.76
CA GLY C 228 50.21 -60.22 11.72
C GLY C 228 49.08 -59.37 11.19
N GLN C 229 49.11 -59.06 9.89
CA GLN C 229 48.08 -58.30 9.20
C GLN C 229 47.87 -56.90 9.77
N MET C 230 48.86 -56.36 10.46
CA MET C 230 48.74 -54.99 10.96
C MET C 230 48.71 -53.99 9.82
N GLY C 231 49.29 -54.33 8.68
CA GLY C 231 49.21 -53.45 7.52
C GLY C 231 47.81 -53.31 6.97
N TRP C 232 46.98 -54.34 7.16
CA TRP C 232 45.59 -54.29 6.73
C TRP C 232 44.68 -53.68 7.79
N PHE C 233 45.03 -53.81 9.07
CA PHE C 233 44.29 -53.10 10.11
C PHE C 233 44.57 -51.60 10.06
N PHE C 234 45.75 -51.21 9.58
CA PHE C 234 46.00 -49.80 9.29
C PHE C 234 45.14 -49.33 8.12
N LEU C 235 44.92 -50.20 7.14
CA LEU C 235 44.01 -49.87 6.04
C LEU C 235 42.59 -49.73 6.54
N MET C 236 42.19 -50.56 7.50
CA MET C 236 40.87 -50.42 8.10
C MET C 236 40.74 -49.10 8.84
N ALA C 237 41.83 -48.64 9.46
CA ALA C 237 41.76 -47.40 10.24
C ALA C 237 41.59 -46.19 9.34
N VAL C 238 42.37 -46.10 8.26
CA VAL C 238 42.31 -44.92 7.41
C VAL C 238 40.95 -44.80 6.72
N MET C 239 40.34 -45.93 6.36
CA MET C 239 39.01 -45.88 5.76
C MET C 239 37.95 -45.47 6.77
N TYR C 240 38.08 -45.95 8.02
CA TYR C 240 37.17 -45.54 9.08
C TYR C 240 37.31 -44.06 9.44
N ILE C 241 38.43 -43.43 9.06
CA ILE C 241 38.68 -42.03 9.37
C ILE C 241 38.42 -41.18 8.13
N THR C 242 38.69 -41.72 6.94
CA THR C 242 38.49 -40.96 5.70
C THR C 242 37.04 -40.54 5.55
N GLY C 243 36.11 -41.49 5.67
CA GLY C 243 34.69 -41.13 5.61
C GLY C 243 34.27 -40.22 6.74
N ALA C 244 34.78 -40.48 7.95
CA ALA C 244 34.47 -39.60 9.08
C ALA C 244 35.04 -38.21 8.88
N GLY C 245 36.09 -38.07 8.07
CA GLY C 245 36.61 -36.75 7.74
C GLY C 245 35.78 -36.07 6.68
N LEU C 246 35.31 -36.85 5.70
CA LEU C 246 34.44 -36.29 4.66
C LEU C 246 33.09 -35.90 5.25
N TYR C 247 32.50 -36.79 6.05
CA TYR C 247 31.19 -36.50 6.64
C TYR C 247 31.27 -35.30 7.59
N ALA C 248 32.38 -35.16 8.31
CA ALA C 248 32.53 -34.02 9.21
C ALA C 248 32.62 -32.72 8.43
N ALA C 249 33.29 -32.74 7.27
CA ALA C 249 33.42 -31.55 6.44
C ALA C 249 32.40 -31.49 5.31
N ARG C 250 31.65 -32.57 5.08
CA ARG C 250 30.63 -32.63 4.04
C ARG C 250 31.22 -32.33 2.67
N ILE C 251 32.39 -32.93 2.39
CA ILE C 251 33.23 -32.47 1.29
C ILE C 251 32.52 -32.50 -0.07
N PRO C 252 31.92 -33.61 -0.52
CA PRO C 252 31.30 -33.58 -1.85
C PRO C 252 30.21 -32.53 -1.98
N GLU C 253 29.30 -32.43 -1.02
CA GLU C 253 28.27 -31.40 -1.07
C GLU C 253 28.74 -30.04 -0.54
N ARG C 254 29.95 -29.96 0.01
CA ARG C 254 30.46 -28.69 0.52
C ARG C 254 30.56 -27.67 -0.60
N PHE C 255 31.12 -28.06 -1.74
CA PHE C 255 31.26 -27.18 -2.89
C PHE C 255 30.04 -27.32 -3.80
N PHE C 256 29.73 -26.21 -4.49
CA PHE C 256 28.55 -26.02 -5.33
C PHE C 256 27.31 -26.71 -4.75
N PRO C 257 26.65 -26.10 -3.78
CA PRO C 257 25.48 -26.72 -3.16
C PRO C 257 24.35 -26.91 -4.18
N GLY C 258 23.40 -27.75 -3.81
CA GLY C 258 22.27 -28.03 -4.67
C GLY C 258 22.53 -29.04 -5.77
N LYS C 259 23.72 -29.63 -5.81
CA LYS C 259 24.06 -30.63 -6.83
C LYS C 259 24.07 -32.04 -6.30
N PHE C 260 24.63 -32.27 -5.11
CA PHE C 260 24.62 -33.59 -4.49
C PHE C 260 23.53 -33.67 -3.44
N ASP C 261 22.29 -33.57 -3.92
CA ASP C 261 21.14 -33.64 -3.02
C ASP C 261 20.64 -35.06 -2.83
N ILE C 262 20.72 -35.90 -3.86
CA ILE C 262 20.18 -37.26 -3.83
C ILE C 262 21.29 -38.30 -3.82
N TRP C 263 22.30 -38.13 -4.68
CA TRP C 263 23.36 -39.12 -4.84
C TRP C 263 24.72 -38.49 -4.57
N PHE C 264 25.63 -39.32 -4.06
CA PHE C 264 27.04 -38.96 -3.89
C PHE C 264 27.23 -37.77 -2.94
N GLN C 265 26.67 -37.90 -1.74
CA GLN C 265 26.93 -36.96 -0.67
C GLN C 265 27.88 -37.57 0.34
N SER C 266 28.31 -36.76 1.30
CA SER C 266 29.35 -37.18 2.23
C SER C 266 28.89 -38.36 3.09
N HIS C 267 27.65 -38.30 3.60
CA HIS C 267 27.16 -39.38 4.45
C HIS C 267 27.03 -40.68 3.67
N GLN C 268 26.82 -40.60 2.35
CA GLN C 268 26.81 -41.80 1.52
C GLN C 268 28.21 -42.38 1.38
N ILE C 269 29.21 -41.53 1.15
CA ILE C 269 30.59 -42.00 1.07
C ILE C 269 31.04 -42.53 2.42
N PHE C 270 30.64 -41.87 3.51
CA PHE C 270 30.96 -42.36 4.85
C PHE C 270 30.34 -43.73 5.10
N HIS C 271 29.12 -43.95 4.59
CA HIS C 271 28.48 -45.25 4.75
C HIS C 271 29.20 -46.34 3.97
N VAL C 272 29.72 -46.00 2.78
CA VAL C 272 30.40 -46.99 1.96
C VAL C 272 31.77 -47.32 2.56
N LEU C 273 32.47 -46.31 3.08
CA LEU C 273 33.79 -46.57 3.67
C LEU C 273 33.71 -47.29 5.01
N VAL C 274 32.56 -47.22 5.69
CA VAL C 274 32.41 -47.93 6.96
C VAL C 274 32.27 -49.43 6.72
N VAL C 275 31.36 -49.81 5.80
CA VAL C 275 31.17 -51.23 5.50
C VAL C 275 32.40 -51.79 4.79
N ALA C 276 33.07 -50.97 3.97
CA ALA C 276 34.30 -51.43 3.32
C ALA C 276 35.41 -51.64 4.34
N ALA C 277 35.46 -50.80 5.37
CA ALA C 277 36.43 -50.99 6.44
C ALA C 277 36.01 -52.08 7.40
N ALA C 278 34.70 -52.29 7.58
CA ALA C 278 34.23 -53.40 8.39
C ALA C 278 34.51 -54.74 7.72
N PHE C 279 34.61 -54.76 6.39
CA PHE C 279 34.95 -55.98 5.69
C PHE C 279 36.46 -56.23 5.70
N VAL C 280 37.27 -55.18 5.66
CA VAL C 280 38.72 -55.35 5.72
C VAL C 280 39.14 -55.90 7.07
N HIS C 281 38.46 -55.50 8.15
CA HIS C 281 38.71 -56.10 9.45
C HIS C 281 38.40 -57.59 9.42
N PHE C 282 37.30 -57.97 8.77
CA PHE C 282 37.01 -59.39 8.57
C PHE C 282 38.08 -60.06 7.72
N TYR C 283 38.64 -59.33 6.75
CA TYR C 283 39.72 -59.86 5.93
C TYR C 283 41.00 -60.04 6.75
N GLY C 284 41.31 -59.09 7.62
CA GLY C 284 42.53 -59.17 8.41
C GLY C 284 42.48 -60.27 9.44
N VAL C 285 41.35 -60.40 10.15
CA VAL C 285 41.24 -61.43 11.18
C VAL C 285 41.16 -62.81 10.55
N SER C 286 40.51 -62.92 9.38
CA SER C 286 40.52 -64.19 8.67
C SER C 286 41.93 -64.57 8.23
N ASN C 287 42.72 -63.57 7.81
CA ASN C 287 44.13 -63.83 7.53
C ASN C 287 44.93 -64.02 8.82
N LEU C 288 44.52 -63.36 9.91
CA LEU C 288 45.12 -63.63 11.20
C LEU C 288 44.84 -65.07 11.65
N GLN C 289 43.74 -65.65 11.18
CA GLN C 289 43.47 -67.05 11.45
C GLN C 289 44.39 -67.95 10.63
N GLU C 290 44.61 -67.61 9.36
CA GLU C 290 45.53 -68.37 8.52
C GLU C 290 46.96 -68.29 9.03
N PHE C 291 47.30 -67.23 9.76
CA PHE C 291 48.62 -67.06 10.32
C PHE C 291 48.76 -67.70 11.71
N ARG C 292 47.68 -67.72 12.49
CA ARG C 292 47.79 -68.21 13.86
C ARG C 292 47.99 -69.72 13.90
N TYR C 293 47.36 -70.45 12.98
CA TYR C 293 47.58 -71.88 12.87
C TYR C 293 48.73 -72.13 11.89
N GLY C 294 49.72 -72.90 12.32
CA GLY C 294 50.92 -73.12 11.55
C GLY C 294 52.15 -72.50 12.18
N LEU C 295 52.49 -71.28 11.77
CA LEU C 295 53.63 -70.58 12.33
C LEU C 295 53.27 -69.96 13.67
N GLU C 296 54.27 -69.88 14.56
CA GLU C 296 54.11 -69.40 15.93
C GLU C 296 53.07 -70.29 16.61
N GLY C 297 51.97 -69.75 17.13
CA GLY C 297 50.96 -70.59 17.75
C GLY C 297 51.40 -71.32 18.99
N GLY C 298 52.41 -70.83 19.69
CA GLY C 298 52.89 -71.48 20.89
C GLY C 298 54.25 -70.96 21.28
N CYS C 299 54.90 -71.70 22.17
CA CYS C 299 56.23 -71.34 22.65
C CYS C 299 57.29 -71.59 21.57
N GLU D 1 5.83 -5.69 1.98
CA GLU D 1 6.03 -5.33 3.39
C GLU D 1 7.26 -4.46 3.57
N VAL D 2 7.34 -3.79 4.72
CA VAL D 2 8.48 -2.95 5.05
C VAL D 2 9.60 -3.83 5.60
N LEU D 3 10.79 -3.70 5.01
CA LEU D 3 11.94 -4.48 5.43
C LEU D 3 13.17 -3.60 5.46
N LEU D 4 13.99 -3.77 6.50
CA LEU D 4 15.26 -3.06 6.64
C LEU D 4 16.38 -4.10 6.67
N GLN D 5 17.14 -4.17 5.58
CA GLN D 5 18.26 -5.10 5.46
C GLN D 5 19.57 -4.36 5.70
N GLN D 6 20.36 -4.85 6.65
CA GLN D 6 21.65 -4.24 6.99
C GLN D 6 22.79 -5.09 6.42
N SER D 7 23.99 -4.52 6.50
CA SER D 7 25.18 -5.21 6.03
C SER D 7 25.55 -6.34 7.00
N GLY D 8 26.54 -7.13 6.59
CA GLY D 8 26.96 -8.27 7.38
C GLY D 8 27.82 -7.87 8.55
N PRO D 9 28.28 -8.89 9.29
CA PRO D 9 29.11 -8.61 10.47
C PRO D 9 30.47 -8.04 10.08
N GLU D 10 30.99 -7.19 10.96
CA GLU D 10 32.26 -6.53 10.74
C GLU D 10 33.26 -6.99 11.80
N LEU D 11 34.47 -7.33 11.36
CA LEU D 11 35.56 -7.74 12.25
C LEU D 11 36.79 -6.93 11.84
N VAL D 12 37.10 -5.89 12.62
CA VAL D 12 38.18 -4.98 12.27
C VAL D 12 39.09 -4.79 13.49
N LYS D 13 40.35 -4.45 13.20
CA LYS D 13 41.31 -4.13 14.24
C LYS D 13 41.07 -2.72 14.77
N PRO D 14 41.53 -2.43 15.99
CA PRO D 14 41.32 -1.09 16.55
C PRO D 14 41.96 -0.01 15.69
N GLY D 15 41.36 1.18 15.73
CA GLY D 15 41.85 2.32 14.99
C GLY D 15 41.31 2.46 13.59
N ALA D 16 40.56 1.47 13.11
CA ALA D 16 40.04 1.50 11.76
C ALA D 16 38.62 2.09 11.74
N SER D 17 38.12 2.32 10.54
CA SER D 17 36.76 2.81 10.32
C SER D 17 35.92 1.75 9.64
N VAL D 18 34.61 1.97 9.62
CA VAL D 18 33.67 1.02 9.05
C VAL D 18 32.42 1.77 8.65
N ARG D 19 31.65 1.20 7.72
CA ARG D 19 30.42 1.80 7.23
C ARG D 19 29.31 0.74 7.25
N ILE D 20 28.24 1.03 7.97
CA ILE D 20 27.12 0.10 8.12
C ILE D 20 26.01 0.51 7.15
N THR D 21 25.46 -0.47 6.45
CA THR D 21 24.43 -0.25 5.44
C THR D 21 23.05 -0.57 6.02
N CYS D 22 22.05 0.19 5.55
CA CYS D 22 20.65 -0.06 5.92
C CYS D 22 19.80 0.11 4.66
N LYS D 23 19.51 -0.99 3.98
CA LYS D 23 18.73 -0.98 2.74
C LYS D 23 17.25 -1.02 3.06
N ALA D 24 16.52 0.03 2.67
CA ALA D 24 15.11 0.13 2.95
C ALA D 24 14.28 -0.22 1.71
N SER D 25 13.11 -0.81 1.97
CA SER D 25 12.19 -1.18 0.90
C SER D 25 10.81 -1.37 1.49
N GLY D 26 9.80 -1.23 0.64
CA GLY D 26 8.42 -1.39 1.05
C GLY D 26 7.69 -0.12 1.40
N TYR D 27 8.27 1.04 1.11
CA TYR D 27 7.65 2.33 1.39
C TYR D 27 8.48 3.41 0.70
N THR D 28 7.95 4.64 0.72
CA THR D 28 8.65 5.78 0.15
C THR D 28 9.78 6.18 1.09
N PHE D 29 11.03 5.96 0.65
CA PHE D 29 12.18 6.08 1.55
C PHE D 29 12.33 7.47 2.12
N THR D 30 11.93 8.51 1.39
CA THR D 30 12.11 9.88 1.85
C THR D 30 11.03 10.33 2.83
N ASP D 31 9.96 9.55 3.03
CA ASP D 31 8.84 9.99 3.82
C ASP D 31 9.09 9.91 5.33
N PHE D 32 10.01 9.07 5.78
CA PHE D 32 10.23 8.88 7.21
C PHE D 32 11.71 9.07 7.54
N ASN D 33 11.98 9.30 8.82
CA ASN D 33 13.34 9.42 9.31
C ASN D 33 13.89 8.06 9.72
N MET D 34 15.21 7.94 9.69
CA MET D 34 15.90 6.71 10.05
C MET D 34 16.85 7.00 11.21
N ASP D 35 16.77 6.18 12.25
CA ASP D 35 17.63 6.34 13.42
C ASP D 35 18.66 5.22 13.48
N TRP D 36 19.63 5.40 14.37
CA TRP D 36 20.69 4.43 14.59
C TRP D 36 20.82 4.18 16.08
N VAL D 37 20.82 2.90 16.47
CA VAL D 37 20.85 2.50 17.86
C VAL D 37 22.08 1.63 18.09
N LYS D 38 22.71 1.78 19.25
CA LYS D 38 23.87 0.99 19.64
C LYS D 38 23.52 0.16 20.87
N GLN D 39 23.89 -1.12 20.85
CA GLN D 39 23.62 -2.03 21.97
C GLN D 39 24.89 -2.83 22.26
N SER D 40 25.62 -2.43 23.29
CA SER D 40 26.80 -3.17 23.71
C SER D 40 26.38 -4.55 24.23
N PRO D 41 27.24 -5.55 24.07
CA PRO D 41 26.88 -6.91 24.54
C PRO D 41 26.67 -6.93 26.04
N GLY D 42 25.49 -7.38 26.45
CA GLY D 42 25.10 -7.39 27.84
C GLY D 42 24.61 -6.06 28.38
N LYS D 43 24.54 -5.03 27.55
CA LYS D 43 24.10 -3.71 27.96
C LYS D 43 22.82 -3.35 27.21
N SER D 44 22.29 -2.16 27.52
CA SER D 44 21.03 -1.70 26.97
C SER D 44 21.28 -0.92 25.67
N LEU D 45 20.23 -0.35 25.11
CA LEU D 45 20.30 0.35 23.84
C LEU D 45 20.71 1.80 24.03
N GLU D 46 21.50 2.31 23.08
CA GLU D 46 21.95 3.69 23.07
C GLU D 46 21.52 4.34 21.75
N TRP D 47 20.87 5.49 21.84
CA TRP D 47 20.44 6.22 20.66
C TRP D 47 21.61 7.03 20.11
N ILE D 48 22.01 6.76 18.87
CA ILE D 48 23.13 7.45 18.25
C ILE D 48 22.68 8.72 17.55
N GLY D 49 21.58 8.66 16.83
CA GLY D 49 21.07 9.84 16.14
C GLY D 49 19.94 9.46 15.20
N ASP D 50 19.42 10.47 14.52
CA ASP D 50 18.40 10.29 13.49
C ASP D 50 18.86 10.97 12.21
N PHE D 51 18.18 10.66 11.12
CA PHE D 51 18.53 11.21 9.81
C PHE D 51 17.26 11.45 9.00
N ASN D 52 17.16 12.65 8.42
CA ASN D 52 16.05 13.02 7.56
C ASN D 52 16.49 12.90 6.10
N PRO D 53 16.10 11.82 5.40
CA PRO D 53 16.59 11.66 4.01
C PRO D 53 15.96 12.64 3.04
N ASN D 54 14.80 13.22 3.37
CA ASN D 54 14.16 14.17 2.46
C ASN D 54 14.92 15.49 2.42
N SER D 55 15.35 15.99 3.57
CA SER D 55 16.05 17.27 3.67
C SER D 55 17.55 17.10 3.86
N GLY D 56 18.02 15.91 4.19
CA GLY D 56 19.43 15.67 4.41
C GLY D 56 19.93 15.98 5.80
N GLY D 57 19.09 16.52 6.68
CA GLY D 57 19.53 16.87 8.01
C GLY D 57 19.73 15.67 8.91
N SER D 58 20.55 15.87 9.93
CA SER D 58 20.86 14.81 10.89
C SER D 58 21.16 15.42 12.24
N ILE D 59 20.63 14.79 13.30
CA ILE D 59 20.84 15.21 14.67
C ILE D 59 21.53 14.07 15.41
N TYR D 60 22.74 14.33 15.89
CA TYR D 60 23.57 13.31 16.54
C TYR D 60 23.49 13.42 18.05
N ASN D 61 23.69 12.29 18.72
CA ASN D 61 23.90 12.28 20.16
C ASN D 61 25.32 12.76 20.45
N GLN D 62 25.44 13.70 21.40
CA GLN D 62 26.74 14.28 21.70
C GLN D 62 27.74 13.24 22.20
N LYS D 63 27.26 12.08 22.64
CA LYS D 63 28.16 10.98 22.97
C LYS D 63 28.83 10.43 21.71
N PHE D 64 28.19 10.55 20.55
CA PHE D 64 28.72 9.99 19.31
C PHE D 64 28.99 11.06 18.26
N LYS D 65 29.09 12.33 18.66
CA LYS D 65 29.25 13.41 17.67
C LYS D 65 30.56 13.26 16.90
N ASP D 66 31.62 12.80 17.56
CA ASP D 66 32.89 12.54 16.91
C ASP D 66 33.08 11.06 16.58
N LYS D 67 32.00 10.29 16.58
CA LYS D 67 32.08 8.85 16.36
C LYS D 67 31.35 8.40 15.10
N ALA D 68 30.15 8.90 14.86
CA ALA D 68 29.30 8.46 13.76
C ALA D 68 29.11 9.60 12.75
N THR D 69 28.83 9.22 11.51
CA THR D 69 28.54 10.17 10.45
C THR D 69 27.49 9.55 9.53
N PHE D 70 26.38 10.24 9.33
CA PHE D 70 25.26 9.70 8.57
C PHE D 70 25.34 10.11 7.11
N THR D 71 25.10 9.15 6.22
CA THR D 71 25.10 9.36 4.78
C THR D 71 23.84 8.73 4.21
N VAL D 72 23.51 9.09 2.95
CA VAL D 72 22.30 8.58 2.30
C VAL D 72 22.58 8.36 0.82
N ASP D 73 21.74 7.52 0.21
CA ASP D 73 21.72 7.29 -1.25
C ASP D 73 20.25 7.16 -1.63
N LYS D 74 19.61 8.29 -1.91
CA LYS D 74 18.18 8.27 -2.21
C LYS D 74 17.88 7.47 -3.47
N SER D 75 18.83 7.40 -4.40
CA SER D 75 18.62 6.67 -5.65
C SER D 75 18.52 5.17 -5.43
N SER D 76 18.88 4.66 -4.25
CA SER D 76 18.78 3.24 -3.95
C SER D 76 17.99 2.97 -2.68
N SER D 77 17.42 4.00 -2.07
CA SER D 77 16.65 3.87 -0.82
C SER D 77 17.49 3.22 0.28
N THR D 78 18.69 3.75 0.49
CA THR D 78 19.65 3.17 1.42
C THR D 78 20.22 4.25 2.33
N ALA D 79 20.47 3.88 3.58
CA ALA D 79 21.08 4.77 4.56
C ALA D 79 22.41 4.16 5.03
N TYR D 80 23.30 5.03 5.51
CA TYR D 80 24.62 4.62 5.94
C TYR D 80 24.98 5.29 7.26
N MET D 81 25.74 4.57 8.08
CA MET D 81 26.38 5.12 9.26
C MET D 81 27.86 4.75 9.23
N GLU D 82 28.71 5.72 9.53
CA GLU D 82 30.16 5.57 9.40
C GLU D 82 30.80 5.80 10.77
N LEU D 83 31.39 4.74 11.32
CA LEU D 83 32.05 4.79 12.63
C LEU D 83 33.56 4.84 12.42
N ARG D 84 34.21 5.85 13.02
CA ARG D 84 35.63 6.08 12.86
C ARG D 84 36.36 5.88 14.18
N SER D 85 37.64 5.54 14.08
CA SER D 85 38.53 5.34 15.23
C SER D 85 37.94 4.32 16.21
N LEU D 86 37.70 3.12 15.70
CA LEU D 86 37.03 2.10 16.48
C LEU D 86 37.93 1.59 17.60
N THR D 87 37.34 1.44 18.79
CA THR D 87 38.01 0.88 19.96
C THR D 87 37.22 -0.31 20.47
N PHE D 88 37.63 -0.83 21.62
CA PHE D 88 36.91 -1.97 22.20
C PHE D 88 35.54 -1.57 22.71
N GLU D 89 35.36 -0.32 23.12
CA GLU D 89 34.07 0.14 23.61
C GLU D 89 33.03 0.29 22.50
N ASP D 90 33.45 0.19 21.24
CA ASP D 90 32.53 0.26 20.11
C ASP D 90 32.03 -1.10 19.66
N THR D 91 32.59 -2.19 20.19
CA THR D 91 32.11 -3.52 19.87
C THR D 91 30.67 -3.69 20.35
N ALA D 92 29.73 -3.69 19.42
CA ALA D 92 28.32 -3.72 19.76
C ALA D 92 27.54 -4.09 18.50
N VAL D 93 26.23 -4.27 18.67
CA VAL D 93 25.31 -4.46 17.55
C VAL D 93 24.63 -3.14 17.27
N TYR D 94 24.68 -2.70 16.01
CA TYR D 94 24.14 -1.41 15.60
C TYR D 94 22.91 -1.64 14.72
N TYR D 95 21.78 -1.06 15.14
CA TYR D 95 20.52 -1.19 14.43
C TYR D 95 20.18 0.11 13.69
N CYS D 96 19.38 -0.03 12.64
CA CYS D 96 18.73 1.11 12.00
C CYS D 96 17.22 0.95 12.18
N ALA D 97 16.57 1.96 12.72
CA ALA D 97 15.14 1.92 13.00
C ALA D 97 14.46 3.09 12.30
N ARG D 98 13.25 2.84 11.82
CA ARG D 98 12.49 3.85 11.08
C ARG D 98 11.41 4.44 11.98
N GLU D 99 11.20 5.73 11.85
CA GLU D 99 10.15 6.43 12.59
C GLU D 99 8.83 6.35 11.82
N THR D 100 7.76 6.89 12.43
CA THR D 100 6.46 7.01 11.79
C THR D 100 5.83 8.33 12.28
N GLY D 101 6.40 9.44 11.82
CA GLY D 101 6.00 10.75 12.31
C GLY D 101 6.82 11.16 13.51
N THR D 102 6.52 10.56 14.66
CA THR D 102 7.31 10.69 15.87
C THR D 102 8.27 9.50 15.98
N ALA D 103 9.27 9.65 16.85
CA ALA D 103 10.39 8.71 16.90
C ALA D 103 10.07 7.48 17.77
N TRP D 104 9.02 6.76 17.37
CA TRP D 104 8.74 5.44 17.88
C TRP D 104 8.93 4.44 16.76
N PHE D 105 9.73 3.41 17.01
CA PHE D 105 10.25 2.55 15.96
C PHE D 105 9.39 1.30 15.82
N ALA D 106 8.67 1.21 14.71
CA ALA D 106 7.89 0.02 14.40
C ALA D 106 8.62 -0.96 13.52
N TYR D 107 9.70 -0.52 12.86
CA TYR D 107 10.49 -1.36 11.97
C TYR D 107 11.95 -1.27 12.35
N TRP D 108 12.59 -2.43 12.50
CA TRP D 108 13.99 -2.51 12.89
C TRP D 108 14.75 -3.37 11.89
N GLY D 109 16.03 -3.06 11.72
CA GLY D 109 16.91 -3.92 10.96
C GLY D 109 17.36 -5.13 11.76
N GLN D 110 17.88 -6.14 11.05
CA GLN D 110 18.32 -7.36 11.71
C GLN D 110 19.55 -7.14 12.59
N GLY D 111 20.24 -6.03 12.43
CA GLY D 111 21.40 -5.71 13.25
C GLY D 111 22.71 -6.05 12.55
N THR D 112 23.74 -5.27 12.86
CA THR D 112 25.08 -5.47 12.32
C THR D 112 26.06 -5.50 13.48
N LEU D 113 26.67 -6.66 13.70
CA LEU D 113 27.63 -6.83 14.79
C LEU D 113 29.01 -6.39 14.34
N VAL D 114 29.53 -5.34 14.96
CA VAL D 114 30.89 -4.87 14.71
C VAL D 114 31.74 -5.30 15.90
N THR D 115 32.67 -6.20 15.66
CA THR D 115 33.54 -6.73 16.71
C THR D 115 34.96 -6.20 16.50
N VAL D 116 35.52 -5.59 17.54
CA VAL D 116 36.88 -5.06 17.52
C VAL D 116 37.74 -5.97 18.40
N SER D 117 38.71 -6.64 17.80
CA SER D 117 39.58 -7.56 18.52
C SER D 117 41.00 -7.45 18.00
N ALA D 118 41.93 -7.98 18.78
CA ALA D 118 43.35 -8.03 18.44
C ALA D 118 43.91 -9.42 18.68
N ALA D 119 43.10 -10.44 18.43
CA ALA D 119 43.51 -11.83 18.64
C ALA D 119 44.09 -12.44 17.36
N ASP E 1 19.22 16.11 29.23
CA ASP E 1 19.03 14.71 28.87
C ASP E 1 18.04 14.02 29.82
N ILE E 2 16.87 13.69 29.30
CA ILE E 2 15.85 12.99 30.08
C ILE E 2 16.27 11.54 30.22
N GLN E 3 16.53 11.11 31.45
CA GLN E 3 17.01 9.77 31.73
C GLN E 3 15.86 8.91 32.28
N MET E 4 15.67 7.74 31.69
CA MET E 4 14.63 6.81 32.11
C MET E 4 15.18 5.85 33.15
N THR E 5 14.27 5.33 34.00
CA THR E 5 14.64 4.42 35.08
C THR E 5 13.59 3.31 35.17
N GLN E 6 13.98 2.08 34.85
CA GLN E 6 13.10 0.93 34.96
C GLN E 6 13.25 0.30 36.33
N SER E 7 12.12 0.00 36.97
CA SER E 7 12.12 -0.49 38.34
C SER E 7 12.40 -1.99 38.45
N PRO E 8 11.72 -2.86 37.67
CA PRO E 8 11.90 -4.30 37.91
C PRO E 8 13.32 -4.80 37.67
N ALA E 9 14.01 -4.28 36.64
CA ALA E 9 15.39 -4.68 36.34
C ALA E 9 15.50 -6.17 36.02
N SER E 10 15.23 -7.02 37.01
CA SER E 10 15.18 -8.47 36.81
C SER E 10 13.84 -8.97 37.34
N LEU E 11 12.95 -9.37 36.44
CA LEU E 11 11.60 -9.78 36.77
C LEU E 11 11.47 -11.30 36.60
N SER E 12 10.81 -11.93 37.57
CA SER E 12 10.57 -13.37 37.51
C SER E 12 9.14 -13.65 37.95
N ALA E 13 8.43 -14.49 37.19
CA ALA E 13 7.06 -14.85 37.53
C ALA E 13 6.74 -16.19 36.90
N SER E 14 5.54 -16.69 37.20
CA SER E 14 5.06 -17.95 36.67
C SER E 14 4.10 -17.70 35.51
N VAL E 15 3.56 -18.78 34.96
CA VAL E 15 2.68 -18.69 33.81
C VAL E 15 1.28 -18.32 34.29
N GLY E 16 0.70 -17.30 33.67
CA GLY E 16 -0.65 -16.85 33.96
C GLY E 16 -0.74 -15.66 34.90
N GLU E 17 0.32 -15.36 35.63
CA GLU E 17 0.29 -14.27 36.59
C GLU E 17 0.39 -12.91 35.88
N THR E 18 0.06 -11.86 36.62
CA THR E 18 0.09 -10.49 36.12
C THR E 18 1.36 -9.80 36.60
N VAL E 19 2.09 -9.19 35.67
CA VAL E 19 3.32 -8.48 35.99
C VAL E 19 3.23 -7.07 35.43
N THR E 20 4.05 -6.18 36.00
CA THR E 20 4.05 -4.78 35.63
C THR E 20 5.48 -4.24 35.66
N ILE E 21 5.86 -3.52 34.61
CA ILE E 21 7.16 -2.86 34.52
C ILE E 21 6.91 -1.37 34.48
N THR E 22 7.49 -0.64 35.42
CA THR E 22 7.35 0.80 35.46
C THR E 22 8.61 1.48 34.92
N CYS E 23 8.44 2.72 34.48
CA CYS E 23 9.52 3.47 33.84
C CYS E 23 9.35 4.94 34.23
N ARG E 24 10.15 5.39 35.18
CA ARG E 24 10.07 6.76 35.68
C ARG E 24 11.05 7.64 34.92
N ALA E 25 10.54 8.72 34.34
CA ALA E 25 11.36 9.69 33.62
C ALA E 25 11.76 10.84 34.53
N SER E 26 12.96 11.37 34.32
CA SER E 26 13.44 12.48 35.13
C SER E 26 12.65 13.74 34.86
N GLY E 27 12.27 13.99 33.60
CA GLY E 27 11.46 15.12 33.23
C GLY E 27 10.19 14.68 32.49
N ASN E 28 9.27 15.62 32.36
CA ASN E 28 8.01 15.35 31.67
C ASN E 28 8.26 15.03 30.21
N ILE E 29 7.67 13.94 29.72
CA ILE E 29 7.82 13.53 28.33
C ILE E 29 6.49 13.49 27.57
N HIS E 30 5.39 13.88 28.22
CA HIS E 30 4.10 14.11 27.55
C HIS E 30 3.62 12.90 26.76
N ASN E 31 3.68 11.73 27.40
CA ASN E 31 3.17 10.46 26.86
C ASN E 31 3.90 10.03 25.59
N PHE E 32 5.08 10.60 25.31
CA PHE E 32 5.90 10.18 24.17
C PHE E 32 6.79 9.02 24.60
N LEU E 33 6.15 7.89 24.87
CA LEU E 33 6.83 6.71 25.39
C LEU E 33 6.48 5.50 24.53
N ALA E 34 7.48 4.64 24.31
CA ALA E 34 7.29 3.40 23.57
C ALA E 34 7.91 2.25 24.35
N TRP E 35 7.27 1.09 24.26
CA TRP E 35 7.76 -0.14 24.89
C TRP E 35 8.22 -1.11 23.82
N TYR E 36 9.27 -1.86 24.12
CA TYR E 36 9.86 -2.79 23.17
C TYR E 36 10.16 -4.11 23.86
N GLN E 37 10.04 -5.19 23.10
CA GLN E 37 10.41 -6.53 23.54
C GLN E 37 11.51 -7.04 22.63
N GLN E 38 12.61 -7.48 23.23
CA GLN E 38 13.76 -7.98 22.48
C GLN E 38 14.05 -9.42 22.89
N LYS E 39 14.17 -10.30 21.90
CA LYS E 39 14.57 -11.68 22.13
C LYS E 39 16.08 -11.82 22.01
N GLN E 40 16.60 -12.92 22.54
CA GLN E 40 18.04 -13.14 22.56
C GLN E 40 18.58 -13.19 21.14
N GLY E 41 19.45 -12.23 20.81
CA GLY E 41 20.13 -12.20 19.54
C GLY E 41 19.36 -11.58 18.39
N LYS E 42 18.13 -11.13 18.63
CA LYS E 42 17.30 -10.55 17.58
C LYS E 42 16.98 -9.11 17.91
N SER E 43 16.36 -8.43 16.96
CA SER E 43 16.03 -7.01 17.09
C SER E 43 14.78 -6.84 17.95
N PRO E 44 14.61 -5.67 18.57
CA PRO E 44 13.43 -5.44 19.39
C PRO E 44 12.19 -5.19 18.55
N GLN E 45 11.03 -5.45 19.16
CA GLN E 45 9.74 -5.22 18.53
C GLN E 45 8.90 -4.33 19.43
N VAL E 46 8.29 -3.30 18.85
CA VAL E 46 7.49 -2.37 19.64
C VAL E 46 6.21 -3.04 20.08
N LEU E 47 5.85 -2.85 21.35
CA LEU E 47 4.62 -3.37 21.92
C LEU E 47 3.56 -2.28 22.08
N VAL E 48 3.92 -1.17 22.71
CA VAL E 48 3.00 -0.06 22.98
C VAL E 48 3.74 1.24 22.70
N TYR E 49 3.16 2.09 21.86
CA TYR E 49 3.69 3.41 21.59
C TYR E 49 2.67 4.46 22.01
N ASN E 50 3.14 5.71 22.14
CA ASN E 50 2.33 6.82 22.63
C ASN E 50 1.66 6.47 23.96
N ALA E 51 2.46 5.92 24.87
CA ALA E 51 2.06 5.58 26.24
C ALA E 51 1.03 4.46 26.32
N LYS E 52 -0.04 4.53 25.53
CA LYS E 52 -1.13 3.57 25.66
C LYS E 52 -1.54 2.88 24.36
N THR E 53 -1.10 3.36 23.21
CA THR E 53 -1.54 2.76 21.95
C THR E 53 -0.87 1.41 21.74
N LEU E 54 -1.66 0.36 21.67
CA LEU E 54 -1.13 -0.98 21.41
C LEU E 54 -0.72 -1.09 19.95
N ALA E 55 0.48 -1.61 19.72
CA ALA E 55 0.96 -1.76 18.35
C ALA E 55 0.21 -2.88 17.64
N ASP E 56 0.22 -2.82 16.30
CA ASP E 56 -0.51 -3.79 15.51
C ASP E 56 0.08 -5.18 15.66
N GLY E 57 -0.77 -6.15 15.94
CA GLY E 57 -0.34 -7.54 16.08
C GLY E 57 0.09 -7.94 17.47
N VAL E 58 0.14 -7.01 18.42
CA VAL E 58 0.55 -7.33 19.79
C VAL E 58 -0.65 -7.91 20.53
N PRO E 59 -0.47 -8.99 21.30
CA PRO E 59 -1.59 -9.57 22.05
C PRO E 59 -2.20 -8.56 23.02
N SER E 60 -3.48 -8.81 23.34
CA SER E 60 -4.22 -7.88 24.18
C SER E 60 -3.70 -7.84 25.61
N ARG E 61 -2.92 -8.84 26.04
CA ARG E 61 -2.42 -8.87 27.40
C ARG E 61 -1.44 -7.73 27.70
N PHE E 62 -0.79 -7.18 26.67
CA PHE E 62 0.14 -6.08 26.87
C PHE E 62 -0.63 -4.76 26.92
N SER E 63 -0.47 -4.02 28.01
CA SER E 63 -1.19 -2.78 28.24
C SER E 63 -0.19 -1.69 28.62
N GLY E 64 -0.43 -0.48 28.14
CA GLY E 64 0.40 0.66 28.46
C GLY E 64 -0.40 1.73 29.17
N SER E 65 0.20 2.33 30.21
CA SER E 65 -0.48 3.34 31.01
C SER E 65 0.57 4.31 31.54
N GLY E 66 0.09 5.31 32.28
CA GLY E 66 0.94 6.33 32.84
C GLY E 66 0.72 7.68 32.17
N SER E 67 1.37 8.69 32.77
CA SER E 67 1.27 10.05 32.27
C SER E 67 2.34 10.90 32.93
N GLY E 68 2.81 11.91 32.20
CA GLY E 68 3.83 12.81 32.72
C GLY E 68 5.20 12.19 32.84
N THR E 69 5.55 11.75 34.06
CA THR E 69 6.88 11.21 34.35
C THR E 69 6.89 9.74 34.73
N GLN E 70 5.77 9.17 35.14
CA GLN E 70 5.70 7.76 35.52
C GLN E 70 4.82 7.02 34.52
N TYR E 71 5.29 5.86 34.06
CA TYR E 71 4.58 5.05 33.08
C TYR E 71 4.73 3.58 33.46
N SER E 72 3.88 2.74 32.86
CA SER E 72 3.84 1.33 33.21
C SER E 72 3.59 0.49 31.96
N LEU E 73 3.94 -0.79 32.06
CA LEU E 73 3.64 -1.78 31.03
C LEU E 73 3.17 -3.04 31.75
N LYS E 74 1.88 -3.34 31.62
CA LYS E 74 1.28 -4.47 32.33
C LYS E 74 1.03 -5.63 31.37
N ILE E 75 1.21 -6.85 31.88
CA ILE E 75 0.94 -8.07 31.15
C ILE E 75 -0.12 -8.85 31.92
N ASN E 76 -1.29 -9.03 31.32
CA ASN E 76 -2.42 -9.68 31.98
C ASN E 76 -2.10 -11.11 32.38
N SER E 77 -1.99 -12.02 31.41
CA SER E 77 -1.62 -13.41 31.66
C SER E 77 -0.25 -13.66 31.04
N LEU E 78 0.76 -13.80 31.89
CA LEU E 78 2.11 -14.04 31.40
C LEU E 78 2.18 -15.37 30.66
N GLN E 79 2.83 -15.37 29.50
CA GLN E 79 2.92 -16.55 28.68
C GLN E 79 4.35 -17.09 28.62
N PRO E 80 4.52 -18.40 28.38
CA PRO E 80 5.88 -18.95 28.33
C PRO E 80 6.76 -18.34 27.25
N GLU E 81 6.18 -17.71 26.23
CA GLU E 81 6.95 -17.11 25.15
C GLU E 81 7.17 -15.61 25.36
N ASP E 82 6.79 -15.07 26.51
CA ASP E 82 6.97 -13.65 26.80
C ASP E 82 8.31 -13.34 27.44
N PHE E 83 9.19 -14.34 27.58
CA PHE E 83 10.50 -14.08 28.18
C PHE E 83 11.39 -13.31 27.22
N GLY E 84 12.32 -12.56 27.78
CA GLY E 84 13.24 -11.77 26.99
C GLY E 84 13.61 -10.50 27.73
N SER E 85 13.89 -9.45 26.96
CA SER E 85 14.26 -8.15 27.50
C SER E 85 13.24 -7.12 27.05
N TYR E 86 12.82 -6.28 27.97
CA TYR E 86 11.84 -5.23 27.71
C TYR E 86 12.47 -3.88 28.01
N TYR E 87 12.21 -2.90 27.13
CA TYR E 87 12.79 -1.58 27.26
C TYR E 87 11.72 -0.51 27.06
N CYS E 88 11.89 0.60 27.76
CA CYS E 88 11.09 1.80 27.54
C CYS E 88 11.99 2.87 26.95
N GLN E 89 11.41 3.69 26.07
CA GLN E 89 12.15 4.81 25.49
C GLN E 89 11.25 6.02 25.43
N GLN E 90 11.87 7.20 25.45
CA GLN E 90 11.19 8.47 25.29
C GLN E 90 11.66 9.14 24.01
N PHE E 91 10.72 9.73 23.27
CA PHE E 91 11.03 10.47 22.05
C PHE E 91 10.46 11.89 22.13
N TRP E 92 10.58 12.50 23.32
CA TRP E 92 10.21 13.89 23.52
C TRP E 92 11.42 14.81 23.63
N SER E 93 12.43 14.43 24.40
CA SER E 93 13.61 15.26 24.57
C SER E 93 14.51 15.19 23.33
N THR E 94 15.41 16.17 23.21
CA THR E 94 16.27 16.23 22.04
C THR E 94 17.17 15.01 21.90
N PRO E 95 17.89 14.54 22.95
CA PRO E 95 18.56 13.25 22.82
C PRO E 95 17.71 12.10 23.35
N TYR E 96 17.20 11.27 22.44
CA TYR E 96 16.33 10.17 22.82
C TYR E 96 17.09 9.17 23.69
N THR E 97 16.42 8.62 24.70
CA THR E 97 17.06 7.77 25.68
C THR E 97 16.21 6.55 25.96
N PHE E 98 16.85 5.41 26.15
CA PHE E 98 16.20 4.17 26.52
C PHE E 98 16.38 3.89 28.00
N GLY E 99 15.55 2.98 28.51
CA GLY E 99 15.65 2.56 29.89
C GLY E 99 16.77 1.54 30.09
N GLY E 100 16.97 1.19 31.36
CA GLY E 100 18.00 0.21 31.69
C GLY E 100 17.71 -1.19 31.22
N GLY E 101 16.43 -1.52 31.01
CA GLY E 101 16.05 -2.84 30.58
C GLY E 101 15.52 -3.68 31.73
N THR E 102 14.76 -4.72 31.37
CA THR E 102 14.18 -5.62 32.37
C THR E 102 14.18 -7.03 31.81
N LYS E 103 15.03 -7.90 32.36
CA LYS E 103 15.02 -9.30 31.96
C LYS E 103 13.83 -10.00 32.61
N LEU E 104 13.10 -10.79 31.82
CA LEU E 104 11.90 -11.46 32.29
C LEU E 104 12.09 -12.98 32.19
N GLU E 105 11.95 -13.66 33.31
CA GLU E 105 12.02 -15.12 33.38
C GLU E 105 10.63 -15.70 33.67
N ILE E 106 10.37 -16.87 33.12
CA ILE E 106 9.11 -17.58 33.34
C ILE E 106 9.44 -18.92 33.99
N ASN E 107 8.82 -19.19 35.13
CA ASN E 107 9.07 -20.43 35.87
C ASN E 107 8.03 -21.49 35.51
N GLU F 1 17.92 16.20 -29.61
CA GLU F 1 17.12 14.99 -29.68
C GLU F 1 16.95 14.35 -28.30
N VAL F 2 15.75 13.80 -28.06
CA VAL F 2 15.47 13.10 -26.82
C VAL F 2 15.98 11.67 -26.92
N LEU F 3 16.58 11.17 -25.84
CA LEU F 3 17.20 9.86 -25.86
C LEU F 3 17.09 9.23 -24.47
N LEU F 4 16.60 8.00 -24.43
CA LEU F 4 16.53 7.20 -23.20
C LEU F 4 17.48 6.02 -23.34
N GLN F 5 18.48 5.96 -22.47
CA GLN F 5 19.50 4.91 -22.49
C GLN F 5 19.40 4.12 -21.20
N GLN F 6 19.01 2.85 -21.31
CA GLN F 6 18.87 1.98 -20.15
C GLN F 6 20.18 1.27 -19.85
N SER F 7 20.17 0.43 -18.82
CA SER F 7 21.35 -0.33 -18.43
C SER F 7 21.42 -1.65 -19.21
N GLY F 8 22.52 -2.37 -19.00
CA GLY F 8 22.76 -3.61 -19.71
C GLY F 8 21.94 -4.75 -19.17
N PRO F 9 22.12 -5.92 -19.78
CA PRO F 9 21.37 -7.11 -19.32
C PRO F 9 21.80 -7.53 -17.94
N GLU F 10 20.94 -8.33 -17.29
CA GLU F 10 21.20 -8.82 -15.95
C GLU F 10 20.84 -10.29 -15.86
N LEU F 11 21.66 -11.04 -15.13
CA LEU F 11 21.44 -12.47 -14.91
C LEU F 11 21.69 -12.74 -13.44
N VAL F 12 20.61 -12.99 -12.69
CA VAL F 12 20.69 -13.15 -11.25
C VAL F 12 19.95 -14.42 -10.84
N LYS F 13 20.10 -14.79 -9.56
CA LYS F 13 19.48 -15.95 -8.94
C LYS F 13 18.17 -15.57 -8.27
N PRO F 14 17.27 -16.53 -8.07
CA PRO F 14 15.98 -16.20 -7.44
C PRO F 14 16.17 -15.61 -6.05
N GLY F 15 15.22 -14.75 -5.66
CA GLY F 15 15.27 -14.09 -4.38
C GLY F 15 16.13 -12.85 -4.32
N ALA F 16 16.98 -12.62 -5.32
CA ALA F 16 17.86 -11.47 -5.34
C ALA F 16 17.12 -10.23 -5.83
N SER F 17 17.83 -9.12 -5.94
CA SER F 17 17.27 -7.86 -6.40
C SER F 17 18.12 -7.32 -7.54
N VAL F 18 17.54 -6.37 -8.27
CA VAL F 18 18.22 -5.75 -9.41
C VAL F 18 17.61 -4.37 -9.63
N ARG F 19 18.47 -3.41 -9.97
CA ARG F 19 18.05 -2.04 -10.20
C ARG F 19 18.33 -1.68 -11.65
N ILE F 20 17.27 -1.32 -12.38
CA ILE F 20 17.40 -0.91 -13.78
C ILE F 20 17.67 0.58 -13.82
N THR F 21 18.63 0.98 -14.65
CA THR F 21 19.00 2.37 -14.83
C THR F 21 18.36 2.89 -16.11
N CYS F 22 17.91 4.15 -16.09
CA CYS F 22 17.31 4.79 -17.26
C CYS F 22 17.77 6.24 -17.27
N LYS F 23 18.79 6.54 -18.06
CA LYS F 23 19.32 7.90 -18.18
C LYS F 23 18.59 8.64 -19.29
N ALA F 24 18.04 9.80 -18.96
CA ALA F 24 17.31 10.64 -19.90
C ALA F 24 18.17 11.84 -20.30
N SER F 25 18.10 12.21 -21.57
CA SER F 25 18.87 13.34 -22.07
C SER F 25 18.11 13.99 -23.22
N GLY F 26 18.42 15.26 -23.46
CA GLY F 26 17.80 16.01 -24.52
C GLY F 26 16.61 16.86 -24.14
N TYR F 27 16.31 16.98 -22.84
CA TYR F 27 15.18 17.78 -22.38
C TYR F 27 15.31 18.00 -20.88
N THR F 28 14.56 18.98 -20.38
CA THR F 28 14.55 19.24 -18.94
C THR F 28 13.93 18.05 -18.22
N PHE F 29 14.73 17.42 -17.35
CA PHE F 29 14.37 16.10 -16.84
C PHE F 29 13.10 16.12 -16.02
N THR F 30 12.88 17.18 -15.24
CA THR F 30 11.75 17.24 -14.33
C THR F 30 10.44 17.65 -15.01
N ASP F 31 10.42 17.79 -16.33
CA ASP F 31 9.22 18.27 -17.02
C ASP F 31 8.17 17.17 -17.21
N PHE F 32 8.59 15.93 -17.40
CA PHE F 32 7.68 14.85 -17.77
C PHE F 32 7.87 13.66 -16.84
N ASN F 33 6.82 12.84 -16.75
CA ASN F 33 6.87 11.63 -15.95
C ASN F 33 7.63 10.53 -16.68
N MET F 34 8.08 9.54 -15.92
CA MET F 34 8.80 8.39 -16.47
C MET F 34 8.08 7.12 -16.01
N ASP F 35 7.62 6.33 -16.97
CA ASP F 35 6.92 5.09 -16.69
C ASP F 35 7.82 3.89 -16.92
N TRP F 36 7.33 2.72 -16.52
CA TRP F 36 8.07 1.46 -16.63
C TRP F 36 7.14 0.37 -17.12
N VAL F 37 7.56 -0.33 -18.18
CA VAL F 37 6.74 -1.33 -18.85
C VAL F 37 7.47 -2.66 -18.84
N LYS F 38 6.74 -3.74 -18.55
CA LYS F 38 7.27 -5.08 -18.57
C LYS F 38 6.71 -5.84 -19.77
N GLN F 39 7.57 -6.61 -20.42
CA GLN F 39 7.18 -7.42 -21.58
C GLN F 39 7.80 -8.81 -21.43
N SER F 40 7.00 -9.77 -20.98
CA SER F 40 7.46 -11.13 -20.88
C SER F 40 7.75 -11.68 -22.29
N PRO F 41 8.62 -12.69 -22.39
CA PRO F 41 8.95 -13.26 -23.71
C PRO F 41 7.70 -13.80 -24.40
N GLY F 42 7.39 -13.19 -25.55
CA GLY F 42 6.23 -13.56 -26.34
C GLY F 42 4.93 -12.95 -25.88
N LYS F 43 4.87 -12.44 -24.65
CA LYS F 43 3.64 -11.88 -24.11
C LYS F 43 3.47 -10.43 -24.54
N SER F 44 2.41 -9.80 -24.05
CA SER F 44 2.12 -8.42 -24.36
C SER F 44 2.82 -7.51 -23.36
N LEU F 45 2.46 -6.23 -23.36
CA LEU F 45 3.09 -5.24 -22.49
C LEU F 45 2.29 -5.08 -21.20
N GLU F 46 3.00 -4.91 -20.10
CA GLU F 46 2.40 -4.67 -18.79
C GLU F 46 2.92 -3.37 -18.22
N TRP F 47 2.01 -2.51 -17.77
CA TRP F 47 2.37 -1.23 -17.17
C TRP F 47 2.73 -1.43 -15.70
N ILE F 48 3.99 -1.14 -15.35
CA ILE F 48 4.44 -1.34 -13.96
C ILE F 48 4.04 -0.16 -13.10
N GLY F 49 4.29 1.05 -13.57
CA GLY F 49 3.95 2.24 -12.82
C GLY F 49 4.60 3.46 -13.42
N ASP F 50 4.14 4.62 -12.96
CA ASP F 50 4.72 5.90 -13.35
C ASP F 50 5.46 6.51 -12.17
N PHE F 51 6.32 7.48 -12.48
CA PHE F 51 7.13 8.15 -11.48
C PHE F 51 7.29 9.61 -11.86
N ASN F 52 6.99 10.50 -10.92
CA ASN F 52 7.14 11.93 -11.14
C ASN F 52 8.51 12.36 -10.63
N PRO F 53 9.44 12.75 -11.51
CA PRO F 53 10.77 13.16 -11.02
C PRO F 53 10.78 14.52 -10.37
N ASN F 54 9.74 15.33 -10.58
CA ASN F 54 9.69 16.66 -9.99
C ASN F 54 9.19 16.61 -8.56
N SER F 55 8.22 15.73 -8.27
CA SER F 55 7.63 15.62 -6.95
C SER F 55 8.10 14.39 -6.18
N GLY F 56 8.67 13.40 -6.87
CA GLY F 56 9.07 12.16 -6.23
C GLY F 56 7.95 11.17 -6.01
N GLY F 57 6.73 11.47 -6.44
CA GLY F 57 5.63 10.56 -6.27
C GLY F 57 5.67 9.39 -7.24
N SER F 58 5.01 8.31 -6.85
CA SER F 58 5.00 7.10 -7.66
C SER F 58 3.63 6.43 -7.54
N ILE F 59 3.05 6.10 -8.68
CA ILE F 59 1.82 5.32 -8.75
C ILE F 59 2.18 3.94 -9.30
N TYR F 60 1.87 2.90 -8.54
CA TYR F 60 2.24 1.54 -8.88
C TYR F 60 1.00 0.73 -9.27
N ASN F 61 1.17 -0.17 -10.22
CA ASN F 61 0.18 -1.20 -10.47
C ASN F 61 0.05 -2.09 -9.24
N GLN F 62 -1.19 -2.48 -8.92
CA GLN F 62 -1.41 -3.34 -7.77
C GLN F 62 -0.69 -4.67 -7.89
N LYS F 63 -0.28 -5.05 -9.10
CA LYS F 63 0.48 -6.27 -9.31
C LYS F 63 1.98 -6.08 -9.13
N PHE F 64 2.43 -4.87 -8.81
CA PHE F 64 3.86 -4.60 -8.67
C PHE F 64 4.18 -3.83 -7.39
N LYS F 65 3.24 -3.76 -6.44
CA LYS F 65 3.52 -3.08 -5.18
C LYS F 65 4.62 -3.78 -4.38
N ASP F 66 4.78 -5.08 -4.56
CA ASP F 66 5.77 -5.87 -3.83
C ASP F 66 6.96 -6.27 -4.68
N LYS F 67 7.14 -5.65 -5.84
CA LYS F 67 8.26 -5.99 -6.70
C LYS F 67 8.91 -4.80 -7.40
N ALA F 68 8.37 -3.59 -7.26
CA ALA F 68 8.89 -2.44 -7.98
C ALA F 68 8.98 -1.22 -7.07
N THR F 69 10.09 -0.50 -7.18
CA THR F 69 10.31 0.74 -6.45
C THR F 69 11.06 1.71 -7.35
N PHE F 70 10.54 2.94 -7.47
CA PHE F 70 11.12 3.96 -8.33
C PHE F 70 11.89 4.97 -7.49
N THR F 71 13.10 5.32 -7.94
CA THR F 71 13.90 6.37 -7.34
C THR F 71 14.40 7.29 -8.44
N VAL F 72 15.19 8.30 -8.07
CA VAL F 72 15.64 9.31 -9.01
C VAL F 72 17.02 9.79 -8.62
N ASP F 73 17.74 10.33 -9.61
CA ASP F 73 19.03 11.02 -9.40
C ASP F 73 18.94 12.30 -10.24
N LYS F 74 18.36 13.34 -9.65
CA LYS F 74 18.10 14.58 -10.39
C LYS F 74 19.38 15.30 -10.81
N SER F 75 20.50 15.01 -10.17
CA SER F 75 21.76 15.67 -10.54
C SER F 75 22.30 15.18 -11.88
N SER F 76 21.90 13.99 -12.32
CA SER F 76 22.37 13.42 -13.57
C SER F 76 21.23 13.03 -14.51
N SER F 77 19.98 13.38 -14.17
CA SER F 77 18.80 13.10 -14.98
C SER F 77 18.68 11.60 -15.24
N THR F 78 18.43 10.87 -14.16
CA THR F 78 18.37 9.41 -14.20
C THR F 78 17.18 8.91 -13.39
N ALA F 79 16.46 7.95 -13.95
CA ALA F 79 15.35 7.30 -13.28
C ALA F 79 15.69 5.83 -13.06
N TYR F 80 15.45 5.33 -11.85
CA TYR F 80 15.76 3.96 -11.50
C TYR F 80 14.50 3.19 -11.18
N MET F 81 14.52 1.88 -11.46
CA MET F 81 13.50 0.94 -11.02
C MET F 81 14.19 -0.27 -10.42
N GLU F 82 13.84 -0.61 -9.19
CA GLU F 82 14.45 -1.73 -8.49
C GLU F 82 13.44 -2.86 -8.34
N LEU F 83 13.80 -4.04 -8.81
CA LEU F 83 12.99 -5.24 -8.69
C LEU F 83 13.53 -6.11 -7.55
N ARG F 84 12.65 -6.50 -6.63
CA ARG F 84 13.04 -7.30 -5.48
C ARG F 84 12.20 -8.56 -5.42
N SER F 85 12.67 -9.52 -4.61
CA SER F 85 12.02 -10.82 -4.45
C SER F 85 11.82 -11.50 -5.81
N LEU F 86 12.90 -11.53 -6.59
CA LEU F 86 12.81 -12.01 -7.97
C LEU F 86 12.52 -13.50 -8.02
N THR F 87 11.58 -13.88 -8.87
CA THR F 87 11.24 -15.27 -9.13
C THR F 87 11.40 -15.53 -10.63
N PHE F 88 10.99 -16.73 -11.07
CA PHE F 88 11.05 -17.06 -12.48
C PHE F 88 10.03 -16.26 -13.30
N GLU F 89 8.99 -15.73 -12.65
CA GLU F 89 7.95 -14.98 -13.34
C GLU F 89 8.37 -13.56 -13.67
N ASP F 90 9.50 -13.10 -13.15
CA ASP F 90 10.00 -11.76 -13.43
C ASP F 90 10.99 -11.71 -14.59
N THR F 91 11.22 -12.84 -15.26
CA THR F 91 12.13 -12.89 -16.40
C THR F 91 11.44 -12.22 -17.59
N ALA F 92 11.82 -10.99 -17.89
CA ALA F 92 11.18 -10.22 -18.95
C ALA F 92 12.10 -9.07 -19.34
N VAL F 93 11.65 -8.30 -20.32
CA VAL F 93 12.35 -7.10 -20.77
C VAL F 93 11.61 -5.90 -20.20
N TYR F 94 12.33 -5.06 -19.46
CA TYR F 94 11.75 -3.90 -18.77
C TYR F 94 12.19 -2.63 -19.47
N TYR F 95 11.22 -1.84 -19.91
CA TYR F 95 11.47 -0.58 -20.59
C TYR F 95 11.15 0.60 -19.66
N CYS F 96 11.73 1.75 -19.98
CA CYS F 96 11.35 3.01 -19.37
C CYS F 96 10.85 3.93 -20.48
N ALA F 97 9.67 4.50 -20.27
CA ALA F 97 9.03 5.34 -21.27
C ALA F 97 8.63 6.68 -20.64
N ARG F 98 8.76 7.74 -21.43
CA ARG F 98 8.50 9.10 -20.96
C ARG F 98 7.10 9.53 -21.37
N GLU F 99 6.37 10.14 -20.44
CA GLU F 99 5.07 10.70 -20.75
C GLU F 99 5.24 12.07 -21.41
N THR F 100 4.11 12.65 -21.85
CA THR F 100 4.08 13.98 -22.47
C THR F 100 2.75 14.61 -22.07
N GLY F 101 2.62 14.95 -20.79
CA GLY F 101 1.37 15.44 -20.25
C GLY F 101 0.44 14.30 -19.88
N THR F 102 0.05 13.52 -20.88
CA THR F 102 -0.71 12.29 -20.67
C THR F 102 0.21 11.09 -20.92
N ALA F 103 -0.32 9.91 -20.62
CA ALA F 103 0.49 8.69 -20.58
C ALA F 103 0.61 7.99 -21.93
N TRP F 104 0.77 8.73 -23.03
CA TRP F 104 1.16 8.14 -24.30
C TRP F 104 2.67 8.33 -24.45
N PHE F 105 3.37 7.24 -24.71
CA PHE F 105 4.82 7.20 -24.62
C PHE F 105 5.41 7.41 -26.00
N ALA F 106 6.06 8.57 -26.20
CA ALA F 106 6.71 8.87 -27.47
C ALA F 106 8.17 8.47 -27.50
N TYR F 107 8.81 8.34 -26.34
CA TYR F 107 10.22 7.98 -26.25
C TYR F 107 10.37 6.76 -25.35
N TRP F 108 11.16 5.78 -25.80
CA TRP F 108 11.39 4.55 -25.07
C TRP F 108 12.88 4.32 -24.89
N GLY F 109 13.21 3.42 -23.96
CA GLY F 109 14.57 2.95 -23.82
C GLY F 109 14.81 1.70 -24.67
N GLN F 110 16.08 1.36 -24.84
CA GLN F 110 16.43 0.20 -25.66
C GLN F 110 15.90 -1.10 -25.08
N GLY F 111 15.63 -1.13 -23.77
CA GLY F 111 15.16 -2.34 -23.13
C GLY F 111 16.23 -3.02 -22.31
N THR F 112 15.86 -3.53 -21.13
CA THR F 112 16.78 -4.21 -20.24
C THR F 112 16.23 -5.60 -19.95
N LEU F 113 16.96 -6.62 -20.41
CA LEU F 113 16.56 -8.00 -20.18
C LEU F 113 17.04 -8.46 -18.81
N VAL F 114 16.11 -8.89 -17.96
CA VAL F 114 16.41 -9.44 -16.65
C VAL F 114 16.10 -10.93 -16.70
N THR F 115 17.12 -11.75 -16.45
CA THR F 115 16.99 -13.20 -16.49
C THR F 115 17.24 -13.76 -15.09
N VAL F 116 16.25 -14.47 -14.56
CA VAL F 116 16.34 -15.10 -13.25
C VAL F 116 16.45 -16.60 -13.47
N SER F 117 17.66 -17.13 -13.28
CA SER F 117 17.95 -18.55 -13.48
C SER F 117 18.45 -19.16 -12.18
N ALA F 118 17.96 -20.36 -11.87
CA ALA F 118 18.39 -21.08 -10.68
C ALA F 118 19.69 -21.83 -11.00
N ALA F 119 20.74 -21.05 -11.23
CA ALA F 119 22.04 -21.60 -11.58
C ALA F 119 23.17 -20.67 -11.12
N ASP G 1 -10.05 -2.36 -13.23
CA ASP G 1 -9.11 -2.38 -14.34
C ASP G 1 -9.84 -2.50 -15.68
N ILE G 2 -9.45 -1.66 -16.64
CA ILE G 2 -10.03 -1.69 -17.98
C ILE G 2 -9.25 -2.70 -18.81
N GLN G 3 -9.97 -3.67 -19.38
CA GLN G 3 -9.36 -4.69 -20.22
C GLN G 3 -9.43 -4.27 -21.68
N MET G 4 -8.32 -4.48 -22.41
CA MET G 4 -8.21 -4.15 -23.83
C MET G 4 -8.17 -5.43 -24.64
N THR G 5 -9.00 -5.48 -25.69
CA THR G 5 -9.10 -6.64 -26.56
C THR G 5 -8.88 -6.20 -27.99
N GLN G 6 -7.97 -6.87 -28.68
CA GLN G 6 -7.67 -6.59 -30.08
C GLN G 6 -8.26 -7.70 -30.94
N SER G 7 -9.17 -7.31 -31.82
CA SER G 7 -9.88 -8.27 -32.68
C SER G 7 -9.00 -9.04 -33.66
N PRO G 8 -8.06 -8.41 -34.39
CA PRO G 8 -7.37 -9.17 -35.45
C PRO G 8 -6.50 -10.31 -34.95
N ALA G 9 -5.74 -10.09 -33.88
CA ALA G 9 -4.83 -11.09 -33.31
C ALA G 9 -3.71 -11.43 -34.29
N SER G 10 -4.03 -12.11 -35.39
CA SER G 10 -3.06 -12.45 -36.42
C SER G 10 -3.55 -11.91 -37.75
N LEU G 11 -2.64 -11.38 -38.55
CA LEU G 11 -3.02 -10.67 -39.76
C LEU G 11 -1.98 -10.89 -40.85
N SER G 12 -2.43 -10.83 -42.10
CA SER G 12 -1.55 -10.99 -43.25
C SER G 12 -2.19 -10.31 -44.46
N ALA G 13 -1.36 -9.67 -45.28
CA ALA G 13 -1.81 -9.02 -46.51
C ALA G 13 -0.60 -8.81 -47.41
N SER G 14 -0.81 -8.12 -48.52
CA SER G 14 0.26 -7.86 -49.48
C SER G 14 0.58 -6.37 -49.54
N VAL G 15 1.61 -6.03 -50.30
CA VAL G 15 2.05 -4.65 -50.43
C VAL G 15 0.99 -3.85 -51.17
N GLY G 16 0.54 -2.75 -50.55
CA GLY G 16 -0.47 -1.89 -51.12
C GLY G 16 -1.85 -2.06 -50.54
N GLU G 17 -2.14 -3.20 -49.91
CA GLU G 17 -3.45 -3.46 -49.36
C GLU G 17 -3.70 -2.59 -48.12
N THR G 18 -4.95 -2.59 -47.67
CA THR G 18 -5.39 -1.81 -46.51
C THR G 18 -5.90 -2.76 -45.44
N VAL G 19 -5.36 -2.65 -44.23
CA VAL G 19 -5.77 -3.47 -43.11
C VAL G 19 -6.23 -2.57 -41.98
N THR G 20 -7.03 -3.14 -41.08
CA THR G 20 -7.60 -2.39 -39.96
C THR G 20 -7.54 -3.26 -38.71
N ILE G 21 -6.93 -2.72 -37.66
CA ILE G 21 -6.82 -3.38 -36.36
C ILE G 21 -7.78 -2.70 -35.40
N THR G 22 -8.66 -3.49 -34.78
CA THR G 22 -9.67 -2.98 -33.86
C THR G 22 -9.27 -3.29 -32.42
N CYS G 23 -9.57 -2.35 -31.52
CA CYS G 23 -9.27 -2.49 -30.11
C CYS G 23 -10.49 -2.06 -29.31
N ARG G 24 -11.01 -2.95 -28.46
CA ARG G 24 -12.19 -2.69 -27.68
C ARG G 24 -11.86 -2.68 -26.19
N ALA G 25 -12.40 -1.70 -25.48
CA ALA G 25 -12.19 -1.55 -24.04
C ALA G 25 -13.44 -1.98 -23.27
N SER G 26 -13.23 -2.53 -22.08
CA SER G 26 -14.34 -2.96 -21.23
C SER G 26 -15.10 -1.78 -20.64
N GLY G 27 -14.47 -0.60 -20.58
CA GLY G 27 -15.16 0.59 -20.12
C GLY G 27 -14.76 1.78 -20.98
N ASN G 28 -15.62 2.80 -20.94
CA ASN G 28 -15.37 4.02 -21.71
C ASN G 28 -14.03 4.64 -21.31
N ILE G 29 -13.13 4.78 -22.27
CA ILE G 29 -11.80 5.33 -22.03
C ILE G 29 -11.65 6.74 -22.57
N HIS G 30 -12.71 7.33 -23.12
CA HIS G 30 -12.78 8.77 -23.43
C HIS G 30 -11.65 9.21 -24.36
N ASN G 31 -11.41 8.43 -25.40
CA ASN G 31 -10.42 8.70 -26.46
C ASN G 31 -8.99 8.75 -25.93
N PHE G 32 -8.75 8.32 -24.70
CA PHE G 32 -7.40 8.27 -24.14
C PHE G 32 -6.75 6.95 -24.55
N LEU G 33 -6.51 6.83 -25.86
CA LEU G 33 -6.00 5.60 -26.45
C LEU G 33 -4.83 5.91 -27.36
N ALA G 34 -3.84 5.01 -27.38
CA ALA G 34 -2.67 5.17 -28.23
C ALA G 34 -2.32 3.84 -28.89
N TRP G 35 -1.74 3.92 -30.07
CA TRP G 35 -1.32 2.76 -30.85
C TRP G 35 0.21 2.71 -30.95
N TYR G 36 0.75 1.50 -31.00
CA TYR G 36 2.19 1.29 -31.01
C TYR G 36 2.57 0.22 -32.01
N GLN G 37 3.79 0.36 -32.56
CA GLN G 37 4.39 -0.64 -33.43
C GLN G 37 5.70 -1.12 -32.81
N GLN G 38 5.91 -2.42 -32.81
CA GLN G 38 7.12 -3.01 -32.24
C GLN G 38 7.73 -3.97 -33.25
N LYS G 39 8.93 -3.65 -33.72
CA LYS G 39 9.73 -4.59 -34.50
C LYS G 39 10.35 -5.62 -33.57
N GLN G 40 10.58 -6.82 -34.11
CA GLN G 40 11.11 -7.91 -33.31
C GLN G 40 12.52 -7.57 -32.84
N GLY G 41 12.72 -7.61 -31.52
CA GLY G 41 14.01 -7.29 -30.93
C GLY G 41 14.23 -5.83 -30.61
N LYS G 42 13.29 -4.94 -30.96
CA LYS G 42 13.42 -3.51 -30.71
C LYS G 42 12.39 -3.06 -29.68
N SER G 43 12.49 -1.78 -29.32
CA SER G 43 11.52 -1.16 -28.43
C SER G 43 10.34 -0.61 -29.22
N PRO G 44 9.15 -0.57 -28.63
CA PRO G 44 7.98 -0.11 -29.38
C PRO G 44 8.04 1.38 -29.66
N GLN G 45 7.40 1.78 -30.76
CA GLN G 45 7.28 3.18 -31.16
C GLN G 45 5.81 3.56 -31.23
N VAL G 46 5.52 4.83 -30.91
CA VAL G 46 4.16 5.33 -30.95
C VAL G 46 3.78 5.69 -32.38
N LEU G 47 2.56 5.31 -32.78
CA LEU G 47 2.03 5.63 -34.10
C LEU G 47 0.93 6.68 -34.05
N VAL G 48 -0.07 6.47 -33.21
CA VAL G 48 -1.18 7.40 -33.02
C VAL G 48 -1.50 7.46 -31.54
N TYR G 49 -1.66 8.67 -31.02
CA TYR G 49 -2.13 8.88 -29.65
C TYR G 49 -3.40 9.71 -29.69
N ASN G 50 -4.11 9.74 -28.56
CA ASN G 50 -5.40 10.43 -28.44
C ASN G 50 -6.36 10.01 -29.55
N ALA G 51 -6.49 8.70 -29.72
CA ALA G 51 -7.43 8.08 -30.66
C ALA G 51 -7.09 8.35 -32.12
N LYS G 52 -6.96 9.64 -32.51
CA LYS G 52 -6.78 9.98 -33.91
C LYS G 52 -5.63 10.93 -34.21
N THR G 53 -4.90 11.41 -33.20
CA THR G 53 -3.78 12.33 -33.44
C THR G 53 -2.57 11.56 -33.94
N LEU G 54 -2.15 11.83 -35.17
CA LEU G 54 -0.98 11.17 -35.73
C LEU G 54 0.29 11.65 -35.04
N ALA G 55 1.12 10.70 -34.60
CA ALA G 55 2.34 11.05 -33.88
C ALA G 55 3.33 11.77 -34.79
N ASP G 56 4.21 12.54 -34.17
CA ASP G 56 5.17 13.35 -34.92
C ASP G 56 6.24 12.45 -35.53
N GLY G 57 6.34 12.49 -36.86
CA GLY G 57 7.30 11.68 -37.57
C GLY G 57 6.78 10.34 -38.08
N VAL G 58 5.48 10.12 -38.07
CA VAL G 58 4.88 8.87 -38.55
C VAL G 58 4.32 9.11 -39.94
N PRO G 59 4.50 8.18 -40.88
CA PRO G 59 3.91 8.35 -42.21
C PRO G 59 2.41 8.58 -42.15
N SER G 60 1.92 9.42 -43.06
CA SER G 60 0.51 9.81 -43.05
C SER G 60 -0.43 8.69 -43.42
N ARG G 61 0.08 7.52 -43.85
CA ARG G 61 -0.77 6.39 -44.17
C ARG G 61 -1.31 5.68 -42.94
N PHE G 62 -0.82 6.02 -41.75
CA PHE G 62 -1.37 5.52 -40.50
C PHE G 62 -2.46 6.48 -40.01
N SER G 63 -3.63 5.92 -39.67
CA SER G 63 -4.73 6.72 -39.16
C SER G 63 -5.46 5.94 -38.08
N GLY G 64 -6.03 6.69 -37.14
CA GLY G 64 -6.81 6.10 -36.07
C GLY G 64 -8.18 6.73 -35.98
N SER G 65 -9.16 5.91 -35.62
CA SER G 65 -10.53 6.36 -35.47
C SER G 65 -11.16 5.68 -34.26
N GLY G 66 -12.38 6.10 -33.93
CA GLY G 66 -13.13 5.49 -32.85
C GLY G 66 -13.40 6.43 -31.69
N SER G 67 -14.34 6.04 -30.83
CA SER G 67 -14.66 6.79 -29.63
C SER G 67 -15.39 5.86 -28.67
N GLY G 68 -15.38 6.23 -27.39
CA GLY G 68 -16.05 5.43 -26.38
C GLY G 68 -15.28 4.18 -26.00
N THR G 69 -15.71 3.03 -26.54
CA THR G 69 -15.08 1.76 -26.21
C THR G 69 -14.48 1.03 -27.40
N GLN G 70 -14.76 1.46 -28.63
CA GLN G 70 -14.24 0.81 -29.83
C GLN G 70 -13.36 1.77 -30.59
N TYR G 71 -12.15 1.33 -30.93
CA TYR G 71 -11.17 2.14 -31.64
C TYR G 71 -10.51 1.29 -32.71
N SER G 72 -10.00 1.95 -33.75
CA SER G 72 -9.47 1.25 -34.91
C SER G 72 -8.21 1.95 -35.41
N LEU G 73 -7.36 1.17 -36.06
CA LEU G 73 -6.11 1.65 -36.66
C LEU G 73 -6.05 1.15 -38.09
N LYS G 74 -6.08 2.08 -39.04
CA LYS G 74 -6.09 1.75 -40.46
C LYS G 74 -4.77 2.14 -41.10
N ILE G 75 -4.20 1.24 -41.89
CA ILE G 75 -3.01 1.52 -42.68
C ILE G 75 -3.43 1.54 -44.15
N ASN G 76 -3.22 2.68 -44.81
CA ASN G 76 -3.74 2.87 -46.16
C ASN G 76 -3.02 1.98 -47.17
N SER G 77 -1.69 2.01 -47.19
CA SER G 77 -0.92 1.19 -48.11
C SER G 77 0.16 0.47 -47.31
N LEU G 78 0.19 -0.86 -47.39
CA LEU G 78 1.15 -1.63 -46.64
C LEU G 78 2.50 -1.64 -47.36
N GLN G 79 3.57 -1.44 -46.59
CA GLN G 79 4.93 -1.46 -47.07
C GLN G 79 5.67 -2.66 -46.51
N PRO G 80 6.77 -3.08 -47.15
CA PRO G 80 7.52 -4.24 -46.63
C PRO G 80 8.04 -4.04 -45.21
N GLU G 81 8.22 -2.80 -44.75
CA GLU G 81 8.69 -2.51 -43.41
C GLU G 81 7.55 -2.33 -42.41
N ASP G 82 6.33 -2.72 -42.78
CA ASP G 82 5.18 -2.62 -41.88
C ASP G 82 4.94 -3.88 -41.07
N PHE G 83 5.80 -4.89 -41.20
CA PHE G 83 5.61 -6.13 -40.47
C PHE G 83 6.08 -5.98 -39.02
N GLY G 84 5.48 -6.79 -38.15
CA GLY G 84 5.81 -6.72 -36.74
C GLY G 84 4.58 -6.88 -35.87
N SER G 85 4.62 -6.31 -34.66
CA SER G 85 3.52 -6.39 -33.72
C SER G 85 2.93 -5.02 -33.49
N TYR G 86 1.64 -4.99 -33.15
CA TYR G 86 0.91 -3.75 -32.91
C TYR G 86 0.09 -3.89 -31.63
N TYR G 87 0.12 -2.85 -30.81
CA TYR G 87 -0.55 -2.85 -29.52
C TYR G 87 -1.37 -1.58 -29.36
N CYS G 88 -2.49 -1.70 -28.66
CA CYS G 88 -3.29 -0.55 -28.25
C CYS G 88 -3.16 -0.38 -26.74
N GLN G 89 -3.07 0.87 -26.29
CA GLN G 89 -2.92 1.18 -24.89
C GLN G 89 -3.93 2.25 -24.49
N GLN G 90 -4.61 2.04 -23.37
CA GLN G 90 -5.48 3.03 -22.77
C GLN G 90 -4.77 3.67 -21.58
N PHE G 91 -5.12 4.92 -21.30
CA PHE G 91 -4.59 5.61 -20.14
C PHE G 91 -5.64 6.52 -19.52
N TRP G 92 -6.91 6.10 -19.55
CA TRP G 92 -7.93 6.80 -18.80
C TRP G 92 -8.03 6.27 -17.37
N SER G 93 -8.26 4.97 -17.23
CA SER G 93 -8.27 4.33 -15.92
C SER G 93 -6.87 4.32 -15.32
N THR G 94 -6.81 4.34 -13.99
CA THR G 94 -5.52 4.49 -13.32
C THR G 94 -4.56 3.34 -13.60
N PRO G 95 -4.96 2.05 -13.52
CA PRO G 95 -4.05 1.00 -13.97
C PRO G 95 -4.03 0.90 -15.48
N TYR G 96 -3.00 1.48 -16.11
CA TYR G 96 -2.91 1.47 -17.56
C TYR G 96 -2.73 0.04 -18.07
N THR G 97 -3.41 -0.28 -19.18
CA THR G 97 -3.39 -1.63 -19.72
C THR G 97 -3.12 -1.57 -21.22
N PHE G 98 -2.48 -2.63 -21.72
CA PHE G 98 -2.23 -2.82 -23.14
C PHE G 98 -3.13 -3.92 -23.68
N GLY G 99 -3.21 -3.97 -25.01
CA GLY G 99 -3.95 -5.02 -25.67
C GLY G 99 -3.11 -6.27 -25.84
N GLY G 100 -3.79 -7.35 -26.28
CA GLY G 100 -3.10 -8.61 -26.46
C GLY G 100 -2.06 -8.62 -27.57
N GLY G 101 -2.04 -7.60 -28.41
CA GLY G 101 -1.11 -7.56 -29.52
C GLY G 101 -1.67 -8.20 -30.77
N THR G 102 -1.23 -7.68 -31.91
CA THR G 102 -1.63 -8.20 -33.22
C THR G 102 -0.40 -8.37 -34.08
N LYS G 103 -0.19 -9.59 -34.58
CA LYS G 103 0.93 -9.90 -35.46
C LYS G 103 0.53 -9.62 -36.90
N LEU G 104 1.31 -8.78 -37.57
CA LEU G 104 1.10 -8.44 -38.98
C LEU G 104 2.30 -8.87 -39.80
N GLU G 105 2.02 -9.56 -40.91
CA GLU G 105 3.07 -10.01 -41.82
C GLU G 105 2.65 -9.72 -43.25
N ILE G 106 3.59 -9.19 -44.04
CA ILE G 106 3.32 -8.87 -45.44
C ILE G 106 3.70 -10.05 -46.31
N ASN G 107 2.81 -10.44 -47.22
CA ASN G 107 3.08 -11.52 -48.15
C ASN G 107 3.65 -10.98 -49.46
N GLU H 1 7.10 -12.19 1.54
CA GLU H 1 6.34 -13.19 2.29
C GLU H 1 5.44 -14.02 1.37
N VAL H 2 5.12 -15.24 1.81
CA VAL H 2 4.23 -16.10 1.03
C VAL H 2 2.81 -15.56 1.11
N LEU H 3 2.21 -15.34 -0.06
CA LEU H 3 0.89 -14.72 -0.14
C LEU H 3 0.05 -15.44 -1.19
N LEU H 4 -1.22 -15.65 -0.87
CA LEU H 4 -2.19 -16.25 -1.78
C LEU H 4 -3.35 -15.27 -1.95
N GLN H 5 -3.41 -14.59 -3.09
CA GLN H 5 -4.43 -13.61 -3.39
C GLN H 5 -5.42 -14.20 -4.38
N GLN H 6 -6.69 -14.23 -4.02
CA GLN H 6 -7.73 -14.80 -4.86
C GLN H 6 -8.41 -13.69 -5.67
N SER H 7 -9.50 -14.05 -6.35
CA SER H 7 -10.23 -13.10 -7.19
C SER H 7 -11.39 -12.50 -6.42
N GLY H 8 -12.08 -11.56 -7.06
CA GLY H 8 -13.16 -10.85 -6.40
C GLY H 8 -14.42 -11.69 -6.23
N PRO H 9 -15.42 -11.13 -5.56
CA PRO H 9 -16.67 -11.87 -5.38
C PRO H 9 -17.40 -12.05 -6.70
N GLU H 10 -18.24 -13.10 -6.74
CA GLU H 10 -18.95 -13.46 -7.96
C GLU H 10 -20.42 -13.67 -7.64
N LEU H 11 -21.28 -12.87 -8.27
CA LEU H 11 -22.72 -13.04 -8.19
C LEU H 11 -23.21 -13.59 -9.53
N VAL H 12 -23.75 -14.80 -9.50
CA VAL H 12 -24.12 -15.52 -10.72
C VAL H 12 -25.53 -16.09 -10.57
N LYS H 13 -26.07 -16.54 -11.69
CA LYS H 13 -27.37 -17.19 -11.80
C LYS H 13 -27.21 -18.70 -11.72
N PRO H 14 -28.27 -19.42 -11.41
CA PRO H 14 -28.19 -20.89 -11.41
C PRO H 14 -27.86 -21.42 -12.80
N GLY H 15 -27.06 -22.48 -12.83
CA GLY H 15 -26.65 -23.11 -14.08
C GLY H 15 -25.44 -22.49 -14.75
N ALA H 16 -24.89 -21.42 -14.19
CA ALA H 16 -23.74 -20.75 -14.79
C ALA H 16 -22.44 -21.38 -14.32
N SER H 17 -21.33 -20.90 -14.84
CA SER H 17 -20.00 -21.36 -14.46
C SER H 17 -19.16 -20.17 -14.04
N VAL H 18 -18.10 -20.45 -13.29
CA VAL H 18 -17.22 -19.39 -12.79
C VAL H 18 -15.85 -20.01 -12.53
N ARG H 19 -14.80 -19.21 -12.76
CA ARG H 19 -13.43 -19.63 -12.54
C ARG H 19 -12.81 -18.76 -11.46
N ILE H 20 -12.26 -19.40 -10.42
CA ILE H 20 -11.63 -18.71 -9.31
C ILE H 20 -10.12 -18.80 -9.46
N THR H 21 -9.44 -17.67 -9.30
CA THR H 21 -8.00 -17.59 -9.43
C THR H 21 -7.34 -17.57 -8.06
N CYS H 22 -6.07 -17.99 -8.02
CA CYS H 22 -5.27 -18.05 -6.79
C CYS H 22 -3.83 -17.70 -7.17
N LYS H 23 -3.48 -16.42 -7.02
CA LYS H 23 -2.15 -15.94 -7.35
C LYS H 23 -1.21 -16.20 -6.17
N ALA H 24 -0.12 -16.90 -6.42
CA ALA H 24 0.86 -17.24 -5.40
C ALA H 24 2.11 -16.37 -5.53
N SER H 25 2.71 -16.06 -4.38
CA SER H 25 3.88 -15.20 -4.34
C SER H 25 4.78 -15.62 -3.19
N GLY H 26 6.02 -15.15 -3.24
CA GLY H 26 6.94 -15.33 -2.13
C GLY H 26 7.59 -16.69 -2.02
N TYR H 27 7.41 -17.57 -2.99
CA TYR H 27 8.03 -18.88 -2.96
C TYR H 27 8.01 -19.46 -4.38
N THR H 28 8.63 -20.63 -4.53
CA THR H 28 8.67 -21.31 -5.83
C THR H 28 7.36 -22.08 -6.01
N PHE H 29 6.56 -21.63 -6.99
CA PHE H 29 5.18 -22.11 -7.13
C PHE H 29 5.09 -23.59 -7.41
N THR H 30 6.16 -24.22 -7.89
CA THR H 30 6.11 -25.63 -8.24
C THR H 30 6.47 -26.56 -7.09
N ASP H 31 7.10 -26.05 -6.03
CA ASP H 31 7.61 -26.90 -4.97
C ASP H 31 6.52 -27.47 -4.06
N PHE H 32 5.29 -26.94 -4.13
CA PHE H 32 4.25 -27.35 -3.19
C PHE H 32 2.94 -27.51 -3.92
N ASN H 33 2.07 -28.35 -3.35
CA ASN H 33 0.74 -28.57 -3.91
C ASN H 33 -0.21 -27.46 -3.48
N MET H 34 -1.33 -27.37 -4.18
CA MET H 34 -2.34 -26.34 -3.94
C MET H 34 -3.71 -27.00 -3.88
N ASP H 35 -4.35 -26.93 -2.71
CA ASP H 35 -5.66 -27.51 -2.51
C ASP H 35 -6.74 -26.44 -2.58
N TRP H 36 -7.99 -26.90 -2.74
CA TRP H 36 -9.15 -26.02 -2.77
C TRP H 36 -10.17 -26.50 -1.76
N VAL H 37 -10.62 -25.60 -0.89
CA VAL H 37 -11.57 -25.92 0.17
C VAL H 37 -12.84 -25.12 -0.06
N LYS H 38 -13.96 -25.65 0.45
CA LYS H 38 -15.26 -24.99 0.35
C LYS H 38 -15.85 -24.85 1.74
N GLN H 39 -16.29 -23.64 2.09
CA GLN H 39 -16.94 -23.35 3.36
C GLN H 39 -18.34 -22.84 3.08
N SER H 40 -19.35 -23.68 3.31
CA SER H 40 -20.72 -23.24 3.16
C SER H 40 -21.07 -22.26 4.28
N PRO H 41 -21.84 -21.21 3.98
CA PRO H 41 -22.16 -20.22 5.01
C PRO H 41 -22.96 -20.84 6.14
N GLY H 42 -22.45 -20.68 7.37
CA GLY H 42 -23.05 -21.30 8.53
C GLY H 42 -22.69 -22.76 8.72
N LYS H 43 -21.90 -23.34 7.82
CA LYS H 43 -21.49 -24.73 7.91
C LYS H 43 -19.96 -24.81 8.00
N SER H 44 -19.44 -26.03 7.94
CA SER H 44 -18.02 -26.27 8.16
C SER H 44 -17.31 -26.32 6.80
N LEU H 45 -16.08 -26.84 6.78
CA LEU H 45 -15.24 -26.88 5.60
C LEU H 45 -15.32 -28.23 4.91
N GLU H 46 -15.17 -28.21 3.58
CA GLU H 46 -15.19 -29.42 2.76
C GLU H 46 -14.04 -29.36 1.77
N TRP H 47 -13.24 -30.41 1.74
CA TRP H 47 -12.07 -30.47 0.86
C TRP H 47 -12.51 -30.85 -0.54
N ILE H 48 -12.27 -29.97 -1.52
CA ILE H 48 -12.65 -30.23 -2.89
C ILE H 48 -11.61 -31.11 -3.58
N GLY H 49 -10.35 -30.71 -3.53
CA GLY H 49 -9.29 -31.47 -4.15
C GLY H 49 -7.98 -30.73 -4.08
N ASP H 50 -6.91 -31.46 -4.42
CA ASP H 50 -5.57 -30.90 -4.49
C ASP H 50 -5.09 -30.86 -5.93
N PHE H 51 -4.10 -30.01 -6.18
CA PHE H 51 -3.53 -29.84 -7.50
C PHE H 51 -2.01 -29.79 -7.38
N ASN H 52 -1.33 -30.57 -8.22
CA ASN H 52 0.13 -30.61 -8.24
C ASN H 52 0.63 -29.73 -9.39
N PRO H 53 1.15 -28.52 -9.12
CA PRO H 53 1.61 -27.67 -10.22
C PRO H 53 2.86 -28.17 -10.91
N ASN H 54 3.59 -29.13 -10.30
CA ASN H 54 4.78 -29.67 -10.94
C ASN H 54 4.42 -30.75 -11.95
N SER H 55 3.62 -31.74 -11.54
CA SER H 55 3.24 -32.83 -12.42
C SER H 55 2.00 -32.54 -13.24
N GLY H 56 1.18 -31.57 -12.82
CA GLY H 56 -0.06 -31.27 -13.50
C GLY H 56 -1.23 -32.12 -13.10
N GLY H 57 -1.02 -33.18 -12.31
CA GLY H 57 -2.11 -34.06 -11.94
C GLY H 57 -2.97 -33.48 -10.83
N SER H 58 -4.23 -33.93 -10.80
CA SER H 58 -5.19 -33.45 -9.82
C SER H 58 -5.95 -34.64 -9.25
N ILE H 59 -6.23 -34.56 -7.94
CA ILE H 59 -7.05 -35.54 -7.24
C ILE H 59 -8.25 -34.81 -6.67
N TYR H 60 -9.45 -35.17 -7.13
CA TYR H 60 -10.68 -34.52 -6.70
C TYR H 60 -11.41 -35.37 -5.68
N ASN H 61 -12.30 -34.72 -4.93
CA ASN H 61 -13.26 -35.43 -4.10
C ASN H 61 -14.37 -35.96 -4.98
N GLN H 62 -14.80 -37.20 -4.71
CA GLN H 62 -15.87 -37.79 -5.50
C GLN H 62 -17.17 -37.00 -5.40
N LYS H 63 -17.34 -36.19 -4.35
CA LYS H 63 -18.51 -35.32 -4.28
C LYS H 63 -18.40 -34.16 -5.27
N PHE H 64 -17.19 -33.71 -5.56
CA PHE H 64 -16.96 -32.55 -6.41
C PHE H 64 -16.40 -32.90 -7.78
N LYS H 65 -16.40 -34.18 -8.15
CA LYS H 65 -15.81 -34.56 -9.44
C LYS H 65 -16.61 -33.98 -10.61
N ASP H 66 -17.91 -33.74 -10.41
CA ASP H 66 -18.76 -33.14 -11.42
C ASP H 66 -18.99 -31.65 -11.17
N LYS H 67 -18.11 -31.01 -10.42
CA LYS H 67 -18.30 -29.61 -10.05
C LYS H 67 -17.07 -28.75 -10.28
N ALA H 68 -15.88 -29.25 -9.97
CA ALA H 68 -14.65 -28.48 -10.03
C ALA H 68 -13.72 -29.00 -11.12
N THR H 69 -12.83 -28.12 -11.56
CA THR H 69 -11.82 -28.46 -12.56
C THR H 69 -10.61 -27.58 -12.31
N PHE H 70 -9.45 -28.19 -12.12
CA PHE H 70 -8.22 -27.48 -11.77
C PHE H 70 -7.39 -27.24 -13.02
N THR H 71 -6.99 -25.97 -13.23
CA THR H 71 -6.06 -25.59 -14.28
C THR H 71 -4.97 -24.73 -13.65
N VAL H 72 -3.97 -24.36 -14.46
CA VAL H 72 -2.78 -23.67 -13.95
C VAL H 72 -2.22 -22.75 -15.02
N ASP H 73 -1.44 -21.76 -14.59
CA ASP H 73 -0.67 -20.87 -15.45
C ASP H 73 0.70 -20.71 -14.80
N LYS H 74 1.65 -21.55 -15.23
CA LYS H 74 2.98 -21.55 -14.63
C LYS H 74 3.76 -20.27 -14.91
N SER H 75 3.39 -19.53 -15.97
CA SER H 75 4.08 -18.28 -16.27
C SER H 75 3.72 -17.15 -15.33
N SER H 76 2.76 -17.37 -14.42
CA SER H 76 2.35 -16.33 -13.49
C SER H 76 2.12 -16.85 -12.07
N SER H 77 2.43 -18.12 -11.80
CA SER H 77 2.24 -18.72 -10.48
C SER H 77 0.79 -18.55 -10.02
N THR H 78 -0.14 -19.01 -10.85
CA THR H 78 -1.56 -18.85 -10.60
C THR H 78 -2.27 -20.18 -10.83
N ALA H 79 -3.04 -20.62 -9.84
CA ALA H 79 -3.89 -21.80 -9.97
C ALA H 79 -5.33 -21.36 -10.20
N TYR H 80 -6.11 -22.22 -10.84
CA TYR H 80 -7.50 -21.93 -11.15
C TYR H 80 -8.38 -23.10 -10.72
N MET H 81 -9.66 -22.79 -10.49
CA MET H 81 -10.67 -23.81 -10.22
C MET H 81 -11.98 -23.34 -10.82
N GLU H 82 -12.45 -24.05 -11.85
CA GLU H 82 -13.70 -23.71 -12.51
C GLU H 82 -14.85 -24.50 -11.89
N LEU H 83 -15.88 -23.78 -11.45
CA LEU H 83 -17.08 -24.40 -10.90
C LEU H 83 -18.16 -24.41 -11.96
N ARG H 84 -18.69 -25.59 -12.26
CA ARG H 84 -19.68 -25.76 -13.32
C ARG H 84 -21.04 -26.10 -12.74
N SER H 85 -22.08 -25.80 -13.52
CA SER H 85 -23.47 -26.10 -13.20
C SER H 85 -23.82 -25.64 -11.78
N LEU H 86 -23.68 -24.34 -11.57
CA LEU H 86 -23.87 -23.79 -10.23
C LEU H 86 -25.34 -23.82 -9.83
N THR H 87 -25.60 -24.26 -8.60
CA THR H 87 -26.92 -24.28 -7.99
C THR H 87 -26.89 -23.48 -6.69
N PHE H 88 -27.97 -23.59 -5.91
CA PHE H 88 -28.03 -22.88 -4.65
C PHE H 88 -27.14 -23.50 -3.59
N GLU H 89 -26.89 -24.81 -3.69
CA GLU H 89 -26.03 -25.49 -2.73
C GLU H 89 -24.56 -25.15 -2.92
N ASP H 90 -24.20 -24.49 -4.02
CA ASP H 90 -22.81 -24.10 -4.28
C ASP H 90 -22.48 -22.72 -3.73
N THR H 91 -23.48 -21.96 -3.25
CA THR H 91 -23.23 -20.68 -2.60
C THR H 91 -22.39 -20.89 -1.35
N ALA H 92 -21.13 -20.45 -1.40
CA ALA H 92 -20.19 -20.70 -0.30
C ALA H 92 -18.97 -19.82 -0.52
N VAL H 93 -18.00 -19.95 0.38
CA VAL H 93 -16.71 -19.28 0.27
C VAL H 93 -15.67 -20.35 -0.08
N TYR H 94 -14.94 -20.13 -1.16
CA TYR H 94 -13.95 -21.08 -1.66
C TYR H 94 -12.55 -20.54 -1.40
N TYR H 95 -11.74 -21.32 -0.71
CA TYR H 95 -10.36 -20.97 -0.42
C TYR H 95 -9.41 -21.83 -1.24
N CYS H 96 -8.22 -21.30 -1.50
CA CYS H 96 -7.11 -22.08 -2.04
C CYS H 96 -6.05 -22.18 -0.96
N ALA H 97 -5.69 -23.40 -0.60
CA ALA H 97 -4.75 -23.65 0.49
C ALA H 97 -3.53 -24.40 -0.05
N ARG H 98 -2.35 -23.96 0.38
CA ARG H 98 -1.09 -24.53 -0.07
C ARG H 98 -0.57 -25.56 0.91
N GLU H 99 -0.13 -26.71 0.39
CA GLU H 99 0.46 -27.73 1.22
C GLU H 99 1.95 -27.45 1.46
N THR H 100 2.56 -28.28 2.32
CA THR H 100 4.00 -28.22 2.62
C THR H 100 4.46 -29.67 2.81
N GLY H 101 4.65 -30.38 1.70
CA GLY H 101 4.95 -31.79 1.74
C GLY H 101 3.74 -32.60 2.14
N THR H 102 3.38 -32.56 3.42
CA THR H 102 2.12 -33.09 3.91
C THR H 102 0.98 -32.10 3.60
N ALA H 103 -0.25 -32.56 3.79
CA ALA H 103 -1.43 -31.82 3.35
C ALA H 103 -2.05 -30.98 4.46
N TRP H 104 -1.24 -30.40 5.33
CA TRP H 104 -1.72 -29.37 6.25
C TRP H 104 -1.43 -28.00 5.65
N PHE H 105 -2.34 -27.06 5.88
CA PHE H 105 -2.36 -25.79 5.16
C PHE H 105 -1.97 -24.66 6.11
N ALA H 106 -0.80 -24.09 5.89
CA ALA H 106 -0.34 -22.93 6.64
C ALA H 106 -0.63 -21.62 5.95
N TYR H 107 -0.81 -21.63 4.63
CA TYR H 107 -1.06 -20.42 3.85
C TYR H 107 -2.39 -20.57 3.13
N TRP H 108 -3.34 -19.69 3.46
CA TRP H 108 -4.65 -19.68 2.85
C TRP H 108 -4.83 -18.40 2.05
N GLY H 109 -5.78 -18.43 1.11
CA GLY H 109 -6.22 -17.23 0.44
C GLY H 109 -7.28 -16.51 1.26
N GLN H 110 -7.56 -15.27 0.87
CA GLN H 110 -8.57 -14.50 1.60
C GLN H 110 -9.97 -15.06 1.43
N GLY H 111 -10.19 -15.88 0.41
CA GLY H 111 -11.48 -16.47 0.17
C GLY H 111 -12.27 -15.73 -0.89
N THR H 112 -13.05 -16.48 -1.65
CA THR H 112 -13.91 -15.93 -2.70
C THR H 112 -15.34 -16.34 -2.41
N LEU H 113 -16.22 -15.36 -2.27
CA LEU H 113 -17.64 -15.62 -2.03
C LEU H 113 -18.33 -15.80 -3.38
N VAL H 114 -18.85 -17.01 -3.61
CA VAL H 114 -19.70 -17.29 -4.77
C VAL H 114 -21.13 -17.40 -4.26
N THR H 115 -21.99 -16.48 -4.69
CA THR H 115 -23.38 -16.44 -4.27
C THR H 115 -24.27 -16.68 -5.48
N VAL H 116 -25.21 -17.62 -5.35
CA VAL H 116 -26.13 -17.99 -6.42
C VAL H 116 -27.54 -17.62 -5.97
N SER H 117 -28.23 -16.82 -6.76
CA SER H 117 -29.60 -16.43 -6.45
C SER H 117 -30.42 -16.37 -7.73
N ALA H 118 -31.69 -16.72 -7.63
CA ALA H 118 -32.62 -16.65 -8.75
C ALA H 118 -33.56 -15.46 -8.56
N ALA H 119 -32.98 -14.27 -8.61
CA ALA H 119 -33.73 -13.04 -8.42
C ALA H 119 -33.80 -12.24 -9.72
N ASP I 1 -14.11 -42.57 2.42
CA ASP I 1 -13.97 -41.40 3.28
C ASP I 1 -13.76 -41.81 4.74
N ILE I 2 -13.29 -40.88 5.56
CA ILE I 2 -13.13 -41.06 6.99
C ILE I 2 -13.84 -39.91 7.69
N GLN I 3 -14.78 -40.24 8.57
CA GLN I 3 -15.56 -39.22 9.25
C GLN I 3 -14.83 -38.68 10.47
N MET I 4 -14.91 -37.37 10.66
CA MET I 4 -14.31 -36.68 11.80
C MET I 4 -15.41 -36.11 12.68
N THR I 5 -15.39 -36.46 13.96
CA THR I 5 -16.39 -36.01 14.93
C THR I 5 -15.73 -35.11 15.95
N GLN I 6 -16.19 -33.87 16.01
CA GLN I 6 -15.70 -32.89 16.98
C GLN I 6 -16.71 -32.80 18.13
N SER I 7 -16.20 -32.84 19.37
CA SER I 7 -17.10 -33.06 20.51
C SER I 7 -17.97 -31.84 20.83
N PRO I 8 -17.41 -30.64 21.07
CA PRO I 8 -18.28 -29.53 21.46
C PRO I 8 -18.73 -28.68 20.26
N ALA I 9 -20.04 -28.57 20.06
CA ALA I 9 -20.54 -27.66 19.04
C ALA I 9 -20.14 -26.24 19.33
N SER I 10 -20.44 -25.76 20.54
CA SER I 10 -20.00 -24.44 20.97
C SER I 10 -19.72 -24.50 22.47
N LEU I 11 -18.85 -23.59 22.92
CA LEU I 11 -18.52 -23.53 24.34
C LEU I 11 -18.01 -22.13 24.67
N SER I 12 -18.20 -21.75 25.93
CA SER I 12 -17.75 -20.44 26.41
C SER I 12 -17.09 -20.64 27.76
N ALA I 13 -15.94 -19.99 27.96
CA ALA I 13 -15.21 -20.05 29.21
C ALA I 13 -14.62 -18.68 29.52
N SER I 14 -14.11 -18.53 30.74
CA SER I 14 -13.59 -17.26 31.20
C SER I 14 -12.14 -17.08 30.79
N VAL I 15 -11.64 -15.85 30.93
CA VAL I 15 -10.26 -15.55 30.57
C VAL I 15 -9.32 -16.18 31.58
N GLY I 16 -8.34 -16.93 31.08
CA GLY I 16 -7.37 -17.61 31.91
C GLY I 16 -7.67 -19.07 32.15
N GLU I 17 -8.91 -19.51 31.92
CA GLU I 17 -9.25 -20.91 32.11
C GLU I 17 -8.67 -21.75 30.98
N THR I 18 -8.75 -23.07 31.17
CA THR I 18 -8.30 -24.05 30.19
C THR I 18 -9.51 -24.70 29.55
N VAL I 19 -9.43 -24.92 28.23
CA VAL I 19 -10.49 -25.59 27.49
C VAL I 19 -9.87 -26.68 26.62
N THR I 20 -10.66 -27.72 26.34
CA THR I 20 -10.20 -28.86 25.56
C THR I 20 -11.23 -29.18 24.49
N ILE I 21 -10.76 -29.40 23.26
CA ILE I 21 -11.60 -29.80 22.14
C ILE I 21 -11.06 -31.10 21.60
N THR I 22 -11.87 -32.15 21.63
CA THR I 22 -11.46 -33.45 21.13
C THR I 22 -12.00 -33.68 19.72
N CYS I 23 -11.37 -34.62 19.01
CA CYS I 23 -11.73 -34.93 17.63
C CYS I 23 -11.58 -36.42 17.43
N ARG I 24 -12.71 -37.11 17.25
CA ARG I 24 -12.74 -38.56 17.07
C ARG I 24 -12.81 -38.89 15.58
N ALA I 25 -11.91 -39.76 15.14
CA ALA I 25 -11.86 -40.19 13.74
C ALA I 25 -12.39 -41.61 13.61
N SER I 26 -13.20 -41.84 12.57
CA SER I 26 -13.78 -43.16 12.35
C SER I 26 -12.74 -44.21 11.97
N GLY I 27 -11.54 -43.78 11.56
CA GLY I 27 -10.47 -44.71 11.27
C GLY I 27 -9.13 -44.13 11.69
N ASN I 28 -8.13 -45.00 11.78
CA ASN I 28 -6.79 -44.58 12.17
C ASN I 28 -6.21 -43.65 11.12
N ILE I 29 -5.87 -42.42 11.53
CA ILE I 29 -5.29 -41.44 10.62
C ILE I 29 -3.80 -41.27 10.84
N HIS I 30 -3.21 -42.00 11.80
CA HIS I 30 -1.75 -42.08 11.96
C HIS I 30 -1.13 -40.71 12.24
N ASN I 31 -1.76 -39.95 13.13
CA ASN I 31 -1.29 -38.63 13.57
C ASN I 31 -1.23 -37.60 12.44
N PHE I 32 -1.82 -37.91 11.28
CA PHE I 32 -1.88 -36.96 10.16
C PHE I 32 -3.09 -36.04 10.34
N LEU I 33 -3.04 -35.25 11.41
CA LEU I 33 -4.15 -34.39 11.80
C LEU I 33 -3.62 -32.99 12.10
N ALA I 34 -4.41 -31.98 11.75
CA ALA I 34 -4.07 -30.60 12.03
C ALA I 34 -5.27 -29.87 12.62
N TRP I 35 -4.99 -28.85 13.42
CA TRP I 35 -6.01 -28.02 14.05
C TRP I 35 -5.96 -26.62 13.46
N TYR I 36 -7.14 -26.00 13.34
CA TYR I 36 -7.27 -24.69 12.71
C TYR I 36 -8.15 -23.77 13.55
N GLN I 37 -7.91 -22.47 13.42
CA GLN I 37 -8.75 -21.43 14.00
C GLN I 37 -9.21 -20.50 12.89
N GLN I 38 -10.47 -20.08 12.95
CA GLN I 38 -11.04 -19.20 11.93
C GLN I 38 -11.84 -18.10 12.61
N LYS I 39 -11.43 -16.85 12.40
CA LYS I 39 -12.18 -15.70 12.88
C LYS I 39 -13.36 -15.43 11.96
N GLN I 40 -14.32 -14.65 12.46
CA GLN I 40 -15.50 -14.31 11.67
C GLN I 40 -15.11 -13.47 10.47
N GLY I 41 -15.44 -13.96 9.28
CA GLY I 41 -15.15 -13.23 8.05
C GLY I 41 -13.72 -13.32 7.58
N LYS I 42 -12.91 -14.17 8.20
CA LYS I 42 -11.50 -14.33 7.83
C LYS I 42 -11.23 -15.77 7.42
N SER I 43 -10.09 -15.96 6.76
CA SER I 43 -9.67 -17.29 6.38
C SER I 43 -9.11 -18.04 7.59
N PRO I 44 -9.28 -19.35 7.65
CA PRO I 44 -8.74 -20.11 8.79
C PRO I 44 -7.22 -20.14 8.77
N GLN I 45 -6.65 -20.24 9.97
CA GLN I 45 -5.20 -20.32 10.14
C GLN I 45 -4.87 -21.55 10.99
N VAL I 46 -3.75 -22.19 10.66
CA VAL I 46 -3.37 -23.41 11.33
C VAL I 46 -2.78 -23.11 12.71
N LEU I 47 -3.10 -23.93 13.69
CA LEU I 47 -2.58 -23.83 15.05
C LEU I 47 -1.56 -24.91 15.36
N VAL I 48 -1.94 -26.17 15.15
CA VAL I 48 -1.08 -27.33 15.42
C VAL I 48 -1.31 -28.34 14.31
N TYR I 49 -0.23 -28.77 13.67
CA TYR I 49 -0.26 -29.85 12.69
C TYR I 49 0.52 -31.06 13.21
N ASN I 50 0.46 -32.15 12.47
CA ASN I 50 1.08 -33.42 12.86
C ASN I 50 0.72 -33.80 14.28
N ALA I 51 -0.57 -33.67 14.60
CA ALA I 51 -1.15 -34.05 15.89
C ALA I 51 -0.68 -33.16 17.04
N LYS I 52 0.64 -33.00 17.21
CA LYS I 52 1.16 -32.32 18.38
C LYS I 52 2.25 -31.28 18.06
N THR I 53 2.48 -30.97 16.80
CA THR I 53 3.53 -30.01 16.42
C THR I 53 2.93 -28.62 16.33
N LEU I 54 3.41 -27.72 17.18
CA LEU I 54 2.94 -26.34 17.17
C LEU I 54 3.49 -25.61 15.94
N ALA I 55 2.59 -24.99 15.18
CA ALA I 55 3.00 -24.25 14.00
C ALA I 55 3.77 -22.98 14.39
N ASP I 56 4.58 -22.51 13.45
CA ASP I 56 5.41 -21.33 13.69
C ASP I 56 4.55 -20.09 13.85
N GLY I 57 4.80 -19.33 14.92
CA GLY I 57 4.06 -18.11 15.19
C GLY I 57 2.85 -18.28 16.07
N VAL I 58 2.43 -19.51 16.34
CA VAL I 58 1.26 -19.78 17.18
C VAL I 58 1.68 -19.71 18.65
N PRO I 59 0.90 -19.06 19.51
CA PRO I 59 1.25 -19.01 20.93
C PRO I 59 1.32 -20.40 21.55
N SER I 60 2.15 -20.51 22.59
CA SER I 60 2.40 -21.81 23.22
C SER I 60 1.20 -22.35 23.99
N ARG I 61 0.16 -21.54 24.21
CA ARG I 61 -1.00 -22.02 24.95
C ARG I 61 -1.80 -23.06 24.15
N PHE I 62 -1.59 -23.15 22.84
CA PHE I 62 -2.24 -24.16 22.02
C PHE I 62 -1.40 -25.43 22.01
N SER I 63 -1.99 -26.53 22.47
CA SER I 63 -1.30 -27.82 22.52
C SER I 63 -2.16 -28.90 21.88
N GLY I 64 -1.50 -29.80 21.16
CA GLY I 64 -2.18 -30.92 20.52
C GLY I 64 -1.76 -32.23 21.15
N SER I 65 -2.71 -33.14 21.30
CA SER I 65 -2.46 -34.43 21.90
C SER I 65 -3.33 -35.48 21.21
N GLY I 66 -3.06 -36.73 21.54
CA GLY I 66 -3.82 -37.85 21.01
C GLY I 66 -3.01 -38.69 20.03
N SER I 67 -3.58 -39.84 19.69
CA SER I 67 -2.96 -40.78 18.76
C SER I 67 -4.02 -41.77 18.32
N GLY I 68 -3.84 -42.30 17.10
CA GLY I 68 -4.76 -43.28 16.58
C GLY I 68 -6.08 -42.68 16.11
N THR I 69 -7.11 -42.77 16.96
CA THR I 69 -8.44 -42.24 16.64
C THR I 69 -8.85 -41.05 17.50
N GLN I 70 -8.31 -40.92 18.70
CA GLN I 70 -8.65 -39.83 19.60
C GLN I 70 -7.58 -38.75 19.52
N TYR I 71 -8.01 -37.50 19.36
CA TYR I 71 -7.11 -36.36 19.31
C TYR I 71 -7.76 -35.17 20.01
N SER I 72 -6.95 -34.40 20.72
CA SER I 72 -7.46 -33.30 21.54
C SER I 72 -6.64 -32.05 21.31
N LEU I 73 -7.33 -30.90 21.29
CA LEU I 73 -6.70 -29.59 21.26
C LEU I 73 -7.00 -28.90 22.59
N LYS I 74 -5.96 -28.48 23.29
CA LYS I 74 -6.11 -27.86 24.60
C LYS I 74 -5.54 -26.44 24.57
N ILE I 75 -6.32 -25.48 25.05
CA ILE I 75 -5.89 -24.09 25.20
C ILE I 75 -5.65 -23.85 26.69
N ASN I 76 -4.39 -23.59 27.06
CA ASN I 76 -3.99 -23.49 28.45
C ASN I 76 -4.64 -22.31 29.16
N SER I 77 -4.27 -21.09 28.79
CA SER I 77 -4.82 -19.88 29.39
C SER I 77 -5.55 -19.10 28.31
N LEU I 78 -6.88 -19.08 28.39
CA LEU I 78 -7.68 -18.42 27.37
C LEU I 78 -7.42 -16.92 27.36
N GLN I 79 -7.46 -16.34 26.16
CA GLN I 79 -7.24 -14.92 25.92
C GLN I 79 -8.48 -14.31 25.28
N PRO I 80 -8.69 -13.00 25.45
CA PRO I 80 -9.87 -12.38 24.83
C PRO I 80 -9.91 -12.50 23.32
N GLU I 81 -8.75 -12.63 22.66
CA GLU I 81 -8.69 -12.75 21.22
C GLU I 81 -8.76 -14.20 20.74
N ASP I 82 -9.11 -15.13 21.62
CA ASP I 82 -9.17 -16.55 21.28
C ASP I 82 -10.58 -17.00 20.89
N PHE I 83 -11.53 -16.09 20.77
CA PHE I 83 -12.87 -16.44 20.33
C PHE I 83 -12.90 -16.64 18.82
N GLY I 84 -13.73 -17.57 18.39
CA GLY I 84 -13.87 -17.87 16.98
C GLY I 84 -14.33 -19.31 16.78
N SER I 85 -13.97 -19.88 15.63
CA SER I 85 -14.29 -21.26 15.30
C SER I 85 -13.01 -22.08 15.22
N TYR I 86 -13.11 -23.35 15.60
CA TYR I 86 -11.99 -24.27 15.60
C TYR I 86 -12.37 -25.55 14.87
N TYR I 87 -11.48 -26.03 14.01
CA TYR I 87 -11.73 -27.22 13.21
C TYR I 87 -10.55 -28.17 13.31
N CYS I 88 -10.82 -29.46 13.19
CA CYS I 88 -9.81 -30.49 13.05
C CYS I 88 -9.93 -31.12 11.67
N GLN I 89 -8.80 -31.31 11.00
CA GLN I 89 -8.76 -31.97 9.71
C GLN I 89 -7.83 -33.18 9.77
N GLN I 90 -8.08 -34.13 8.88
CA GLN I 90 -7.21 -35.29 8.69
C GLN I 90 -6.73 -35.32 7.26
N PHE I 91 -5.46 -35.72 7.07
CA PHE I 91 -4.90 -35.85 5.73
C PHE I 91 -4.21 -37.20 5.57
N TRP I 92 -4.87 -38.26 6.04
CA TRP I 92 -4.39 -39.62 5.83
C TRP I 92 -5.17 -40.34 4.73
N SER I 93 -6.49 -40.38 4.83
CA SER I 93 -7.32 -41.03 3.83
C SER I 93 -7.31 -40.24 2.52
N THR I 94 -7.74 -40.90 1.44
CA THR I 94 -7.68 -40.27 0.12
C THR I 94 -8.54 -39.01 0.04
N PRO I 95 -9.84 -39.02 0.44
CA PRO I 95 -10.55 -37.74 0.53
C PRO I 95 -10.37 -37.11 1.91
N TYR I 96 -9.78 -35.92 1.93
CA TYR I 96 -9.55 -35.24 3.19
C TYR I 96 -10.85 -34.71 3.77
N THR I 97 -11.01 -34.84 5.08
CA THR I 97 -12.24 -34.42 5.75
C THR I 97 -11.89 -33.48 6.90
N PHE I 98 -12.87 -32.65 7.26
CA PHE I 98 -12.76 -31.71 8.36
C PHE I 98 -13.71 -32.10 9.49
N GLY I 99 -13.61 -31.37 10.60
CA GLY I 99 -14.51 -31.57 11.71
C GLY I 99 -15.77 -30.72 11.58
N GLY I 100 -16.72 -31.00 12.47
CA GLY I 100 -17.98 -30.26 12.45
C GLY I 100 -17.82 -28.80 12.82
N GLY I 101 -16.84 -28.47 13.66
CA GLY I 101 -16.61 -27.12 14.10
C GLY I 101 -16.88 -26.95 15.58
N THR I 102 -16.34 -25.86 16.14
CA THR I 102 -16.50 -25.55 17.55
C THR I 102 -16.42 -24.04 17.72
N LYS I 103 -17.52 -23.42 18.15
CA LYS I 103 -17.56 -21.98 18.41
C LYS I 103 -17.11 -21.71 19.85
N LEU I 104 -16.06 -20.91 20.01
CA LEU I 104 -15.50 -20.60 21.32
C LEU I 104 -15.82 -19.15 21.67
N GLU I 105 -16.47 -18.96 22.82
CA GLU I 105 -16.83 -17.64 23.32
C GLU I 105 -16.07 -17.36 24.61
N ILE I 106 -15.90 -16.07 24.91
CA ILE I 106 -15.20 -15.64 26.11
C ILE I 106 -16.18 -14.84 26.97
N ASN I 107 -16.27 -15.19 28.24
CA ASN I 107 -17.15 -14.50 29.18
C ASN I 107 -16.41 -13.37 29.88
P PO4 J . 0.12 17.61 27.94
O1 PO4 J . -0.21 18.92 28.61
O2 PO4 J . -1.15 16.96 27.45
O3 PO4 J . 0.82 16.70 28.92
O4 PO4 J . 1.03 17.87 26.76
C1 OLA K . -20.44 19.84 9.66
O1 OLA K . -21.12 19.54 10.67
O2 OLA K . -19.30 20.35 9.80
C2 OLA K . -20.99 19.60 8.25
C3 OLA K . -22.01 20.66 7.88
C4 OLA K . -22.09 20.79 6.36
C5 OLA K . -23.54 20.74 5.89
C6 OLA K . -24.36 21.77 6.65
C7 OLA K . -25.21 22.55 5.65
C8 OLA K . -24.91 24.05 5.79
C9 OLA K . -23.43 24.28 6.02
C10 OLA K . -23.02 25.38 6.61
C11 OLA K . -24.06 26.40 7.06
C12 OLA K . -23.43 27.78 7.20
C13 OLA K . -24.53 28.79 7.41
C14 OLA K . -25.35 28.40 8.64
C15 OLA K . -24.65 28.92 9.90
C16 OLA K . -24.82 30.43 9.97
C17 OLA K . -26.30 30.78 9.92
C18 OLA K . -26.44 32.30 9.93
C1 OLA L . -30.65 31.04 9.64
O1 OLA L . -31.40 31.67 10.42
O2 OLA L . -29.59 30.51 10.08
C2 OLA L . -31.00 30.93 8.16
C3 OLA L . -32.51 31.11 8.00
C4 OLA L . -32.99 30.28 6.81
C5 OLA L . -32.16 30.64 5.57
C6 OLA L . -32.64 29.81 4.38
C7 OLA L . -31.87 28.50 4.32
C8 OLA L . -32.37 27.66 3.14
C9 OLA L . -31.68 26.30 3.13
C10 OLA L . -31.84 25.49 2.11
C11 OLA L . -32.71 25.91 0.92
ZN ZN M . -14.58 22.10 10.62
P PO4 N . -16.58 12.56 -22.65
O1 PO4 N . -17.59 13.67 -22.80
O2 PO4 N . -15.70 12.48 -23.87
O3 PO4 N . -17.32 11.24 -22.47
O4 PO4 N . -15.73 12.84 -21.43
ZN ZN O . -11.14 34.84 -23.99
P PO4 P . 1.98 -46.19 12.43
O1 PO4 P . 1.23 -45.37 11.42
O2 PO4 P . 3.32 -45.53 12.71
O3 PO4 P . 1.18 -46.27 13.71
O4 PO4 P . 2.20 -47.58 11.87
ZN ZN Q . 24.22 -42.81 9.03
C1 OLB R . 28.63 -38.29 19.89
C2 OLB R . 29.87 -38.24 19.00
C3 OLB R . 30.61 -39.58 19.05
C4 OLB R . 31.72 -39.57 18.00
C5 OLB R . 32.71 -40.70 18.30
O19 OLB R . 27.83 -37.43 19.82
O20 OLB R . 28.45 -39.36 20.78
C21 OLB R . 27.18 -39.93 20.76
C22 OLB R . 26.33 -39.38 21.93
O23 OLB R . 26.59 -38.02 22.10
C24 OLB R . 24.84 -39.57 21.63
O25 OLB R . 24.20 -40.08 22.76
C6 OLB R . 33.95 -40.53 17.44
C7 OLB R . 35.18 -40.35 18.33
C8 OLB R . 36.39 -41.01 17.66
C9 OLB R . 36.33 -42.52 17.86
C10 OLB R . 37.39 -43.28 17.64
C11 OLB R . 38.70 -42.65 17.18
C12 OLB R . 39.85 -43.63 17.41
C13 OLB R . 40.29 -44.24 16.08
C14 OLB R . 41.59 -45.03 16.27
C15 OLB R . 41.25 -46.50 16.57
C16 OLB R . 42.22 -47.41 15.79
C17 OLB R . 43.64 -47.24 16.33
C18 OLB R . 43.81 -48.03 17.62
C1 OLB S . 23.42 -39.97 13.01
C2 OLB S . 23.59 -41.48 12.89
C3 OLB S . 24.95 -41.80 12.27
C4 OLB S . 24.91 -43.23 11.72
C5 OLB S . 26.33 -43.74 11.53
O19 OLB S . 23.55 -39.44 14.06
O20 OLB S . 23.08 -39.22 11.88
C21 OLB S . 22.76 -37.88 12.15
C22 OLB S . 22.00 -37.25 10.98
O23 OLB S . 22.61 -36.05 10.62
C24 OLB S . 22.00 -38.21 9.78
O25 OLB S . 21.34 -37.62 8.69
C6 OLB S . 26.33 -45.25 11.79
C7 OLB S . 27.65 -45.86 11.32
C8 OLB S . 28.83 -45.17 12.01
C9 OLB S . 29.85 -46.21 12.45
C10 OLB S . 31.09 -45.86 12.71
C11 OLB S . 32.11 -46.91 13.15
C12 OLB S . 33.51 -46.30 13.13
C13 OLB S . 34.38 -46.97 14.19
C14 OLB S . 34.70 -48.40 13.79
C15 OLB S . 35.45 -49.11 14.92
C16 OLB S . 36.86 -49.50 14.47
C17 OLB S . 37.75 -49.74 15.68
C18 OLB S . 38.63 -50.96 15.45
#